data_4PL5
#
_entry.id   4PL5
#
_cell.length_a   319.220
_cell.length_b   63.030
_cell.length_c   140.780
_cell.angle_alpha   90.000
_cell.angle_beta   99.490
_cell.angle_gamma   90.000
#
_symmetry.space_group_name_H-M   'C 1 2 1'
#
loop_
_entity.id
_entity.type
_entity.pdbx_description
1 polymer 'Serine/threonine-protein kinase/endoribonuclease IRE1'
2 non-polymer "ADENOSINE-5'-DIPHOSPHATE"
3 non-polymer 'MAGNESIUM ION'
4 non-polymer "3-methoxy-5-methyl-4'-(morpholin-4-yl)biphenyl-4-ol"
5 non-polymer 2,5,8,11,14,17,20,23,26,29,32,35,38,41,44,47,50,53,56,59,62,65,68,71,74,77,80-HEPTACOSAOXADOOCTACONTAN-82-OL
#
_entity_poly.entity_id   1
_entity_poly.type   'polypeptide(L)'
_entity_poly.pdbx_seq_one_letter_code
;GAMDPEFPSLEQDDEDEETRMVIVGKISFCPKDVLGHGAEGTIVYKGMFDNRDVAVKRILPECFSFADREVQLLRESDEH
PNVIRYFCTEKDRQFQYIAIELCAATLQEYVEQKDFAHLGLEPITLLHQTTSGLAHLHSLNIVHRDLKPHNILLSMPNAH
GRIKAMISDFGLCKKLAVGRHSFSRRSGVPGTEGWIAPEMLSEDCKDNPTYTVDIFSAGCVFYYVISEGYHPFGKSLQRQ
ANILLGACNLDCFHSDKHEDVIARELIEKMIAMDPQQRPSAKHVLKHPFFWSLEKQLQFFQDVSDRIEKEALDGPIVRQL
ERGGRAVVKMDWRENITVPLQTDLRKFRTYKGGSVRDLLRAMRNKKHHYRELPVEVQETLGSIPDDFVRYFTSRFPHLLS
HTYQAMELCRHERLFQTYYWHEPTEPQPPVIPYAL
;
_entity_poly.pdbx_strand_id   B,A,C,D
#
# COMPACT_ATOMS: atom_id res chain seq x y z
N ARG A 20 -18.21 -31.58 -39.20
CA ARG A 20 -17.63 -32.43 -38.17
C ARG A 20 -16.34 -31.85 -37.61
N MET A 21 -16.45 -30.98 -36.61
CA MET A 21 -15.27 -30.30 -36.07
C MET A 21 -14.30 -31.21 -35.33
N VAL A 22 -13.01 -30.93 -35.50
CA VAL A 22 -11.95 -31.64 -34.82
C VAL A 22 -11.43 -30.72 -33.72
N ILE A 23 -11.03 -31.30 -32.58
CA ILE A 23 -10.42 -30.49 -31.53
C ILE A 23 -8.91 -30.76 -31.35
N VAL A 24 -8.55 -31.79 -30.58
CA VAL A 24 -7.20 -31.92 -30.00
C VAL A 24 -6.67 -30.55 -29.56
N GLY A 25 -7.41 -29.94 -28.64
CA GLY A 25 -7.16 -28.58 -28.18
C GLY A 25 -5.70 -28.33 -27.89
N LYS A 26 -5.23 -27.09 -28.10
CA LYS A 26 -6.08 -25.91 -28.31
C LYS A 26 -6.45 -25.58 -29.75
N ILE A 27 -5.92 -26.33 -30.69
CA ILE A 27 -6.18 -26.10 -32.11
C ILE A 27 -7.56 -26.66 -32.49
N SER A 28 -8.16 -26.16 -33.58
CA SER A 28 -9.45 -26.69 -34.03
C SER A 28 -9.61 -26.52 -35.55
N PHE A 29 -10.20 -27.51 -36.21
CA PHE A 29 -10.49 -27.39 -37.65
C PHE A 29 -11.69 -28.20 -38.12
N CYS A 30 -12.20 -27.82 -39.29
CA CYS A 30 -13.17 -28.61 -40.01
C CYS A 30 -12.40 -29.37 -41.10
N PRO A 31 -12.55 -30.70 -41.16
CA PRO A 31 -11.85 -31.43 -42.21
C PRO A 31 -12.48 -31.25 -43.58
N LYS A 32 -13.53 -30.43 -43.66
CA LYS A 32 -14.16 -30.16 -44.95
C LYS A 32 -13.57 -28.93 -45.63
N ASP A 33 -13.05 -28.00 -44.83
CA ASP A 33 -12.40 -26.81 -45.38
C ASP A 33 -10.89 -27.01 -45.55
N VAL A 34 -10.54 -27.96 -46.42
CA VAL A 34 -9.16 -28.26 -46.74
C VAL A 34 -8.56 -27.19 -47.67
N LEU A 35 -7.35 -26.77 -47.37
CA LEU A 35 -6.66 -25.78 -48.19
C LEU A 35 -5.70 -26.43 -49.17
N GLY A 36 -5.08 -27.53 -48.77
CA GLY A 36 -4.25 -28.25 -49.71
C GLY A 36 -3.40 -29.39 -49.19
N HIS A 37 -3.17 -30.39 -50.04
CA HIS A 37 -2.31 -31.49 -49.68
C HIS A 37 -0.86 -31.00 -49.69
N GLY A 38 -0.04 -31.58 -48.83
CA GLY A 38 1.35 -31.23 -48.78
C GLY A 38 2.21 -32.39 -49.25
N ALA A 39 3.47 -32.38 -48.80
CA ALA A 39 4.41 -33.43 -49.13
C ALA A 39 4.32 -34.59 -48.12
N GLU A 40 4.21 -35.81 -48.64
CA GLU A 40 4.23 -37.02 -47.82
C GLU A 40 3.06 -37.12 -46.85
N GLY A 41 1.85 -36.94 -47.38
CA GLY A 41 0.63 -37.17 -46.62
C GLY A 41 0.05 -35.97 -45.90
N THR A 42 0.92 -35.07 -45.44
CA THR A 42 0.49 -33.89 -44.68
C THR A 42 -0.50 -33.03 -45.47
N ILE A 43 -1.45 -32.46 -44.73
CA ILE A 43 -2.53 -31.70 -45.34
C ILE A 43 -2.72 -30.42 -44.55
N VAL A 44 -3.36 -29.41 -45.13
CA VAL A 44 -3.66 -28.19 -44.41
C VAL A 44 -5.11 -27.73 -44.61
N TYR A 45 -5.79 -27.52 -43.47
CA TYR A 45 -7.16 -27.01 -43.42
C TYR A 45 -7.20 -25.59 -42.85
N LYS A 46 -8.31 -24.89 -43.07
CA LYS A 46 -8.52 -23.59 -42.43
C LYS A 46 -9.17 -23.78 -41.07
N GLY A 47 -8.42 -23.48 -40.01
CA GLY A 47 -8.93 -23.71 -38.66
C GLY A 47 -9.05 -22.45 -37.80
N MET A 48 -9.07 -22.66 -36.49
CA MET A 48 -9.19 -21.57 -35.53
C MET A 48 -8.08 -21.64 -34.48
N PHE A 49 -7.99 -20.59 -33.66
CA PHE A 49 -7.08 -20.59 -32.53
C PHE A 49 -7.73 -19.91 -31.32
N ASP A 50 -7.52 -18.61 -31.16
CA ASP A 50 -8.23 -17.85 -30.14
C ASP A 50 -9.65 -17.57 -30.63
N ASN A 51 -9.75 -16.81 -31.71
CA ASN A 51 -11.00 -16.65 -32.44
C ASN A 51 -10.72 -16.14 -33.85
N ARG A 52 -9.44 -16.15 -34.22
CA ARG A 52 -9.01 -15.71 -35.55
C ARG A 52 -8.93 -16.91 -36.48
N ASP A 53 -9.19 -16.68 -37.75
CA ASP A 53 -8.98 -17.70 -38.76
C ASP A 53 -7.49 -18.00 -38.82
N VAL A 54 -7.11 -19.27 -38.80
CA VAL A 54 -5.72 -19.63 -39.08
C VAL A 54 -5.68 -20.75 -40.11
N ALA A 55 -4.48 -21.20 -40.45
CA ALA A 55 -4.34 -22.41 -41.25
C ALA A 55 -3.64 -23.43 -40.38
N VAL A 56 -4.24 -24.61 -40.26
CA VAL A 56 -3.63 -25.67 -39.50
C VAL A 56 -3.23 -26.78 -40.45
N LYS A 57 -1.93 -27.04 -40.51
CA LYS A 57 -1.45 -28.18 -41.28
C LYS A 57 -1.11 -29.29 -40.29
N ARG A 58 -1.63 -30.48 -40.59
CA ARG A 58 -1.35 -31.66 -39.79
C ARG A 58 -0.31 -32.51 -40.52
N ILE A 59 0.64 -33.03 -39.75
CA ILE A 59 1.69 -33.85 -40.29
C ILE A 59 1.73 -35.15 -39.49
N LEU A 60 2.28 -36.20 -40.10
CA LEU A 60 2.54 -37.44 -39.39
C LEU A 60 3.91 -37.36 -38.74
N PRO A 61 3.96 -37.42 -37.41
CA PRO A 61 5.22 -37.24 -36.68
C PRO A 61 6.22 -38.36 -36.99
N GLU A 62 5.79 -39.32 -37.81
CA GLU A 62 6.62 -40.46 -38.19
C GLU A 62 7.46 -40.13 -39.43
N CYS A 63 7.09 -39.07 -40.13
CA CYS A 63 7.81 -38.66 -41.33
C CYS A 63 8.75 -37.48 -41.08
N PHE A 64 8.25 -36.41 -40.47
CA PHE A 64 9.00 -35.18 -40.27
C PHE A 64 9.42 -34.99 -38.81
N SER A 65 10.60 -34.40 -38.60
CA SER A 65 11.11 -34.17 -37.25
C SER A 65 11.26 -32.68 -36.94
N PHE A 66 10.41 -32.19 -36.03
CA PHE A 66 10.42 -30.79 -35.63
C PHE A 66 11.59 -30.51 -34.69
N ALA A 67 12.24 -29.38 -34.87
CA ALA A 67 13.25 -28.93 -33.92
C ALA A 67 12.78 -27.64 -33.26
N ASP A 68 12.06 -27.77 -32.16
CA ASP A 68 11.40 -26.62 -31.53
C ASP A 68 12.37 -25.63 -30.89
N ARG A 69 13.63 -26.03 -30.71
CA ARG A 69 14.63 -25.13 -30.18
C ARG A 69 14.80 -23.96 -31.13
N GLU A 70 14.73 -24.27 -32.42
CA GLU A 70 14.90 -23.28 -33.46
C GLU A 70 13.76 -22.28 -33.46
N VAL A 71 12.54 -22.79 -33.54
CA VAL A 71 11.35 -21.94 -33.58
C VAL A 71 11.22 -21.11 -32.30
N GLN A 72 11.49 -21.74 -31.16
CA GLN A 72 11.52 -21.05 -29.88
C GLN A 72 12.52 -19.90 -29.93
N LEU A 73 13.69 -20.17 -30.52
CA LEU A 73 14.71 -19.15 -30.70
C LEU A 73 14.21 -18.00 -31.60
N LEU A 74 13.40 -18.35 -32.61
CA LEU A 74 12.75 -17.36 -33.48
C LEU A 74 11.85 -16.46 -32.65
N ARG A 75 11.14 -17.08 -31.70
CA ARG A 75 10.22 -16.36 -30.84
C ARG A 75 10.97 -15.43 -29.90
N GLU A 76 12.08 -15.92 -29.36
CA GLU A 76 12.91 -15.18 -28.41
C GLU A 76 13.79 -14.15 -29.08
N SER A 77 13.62 -13.98 -30.39
CA SER A 77 14.35 -12.97 -31.12
C SER A 77 13.41 -11.96 -31.76
N ASP A 78 14.00 -10.94 -32.37
CA ASP A 78 13.23 -9.86 -32.95
C ASP A 78 12.26 -10.33 -34.03
N GLU A 79 11.04 -9.79 -34.00
CA GLU A 79 10.01 -10.14 -34.97
C GLU A 79 10.36 -9.62 -36.36
N HIS A 80 10.59 -10.53 -37.30
CA HIS A 80 10.84 -10.08 -38.67
C HIS A 80 9.56 -10.10 -39.50
N PRO A 81 9.25 -8.97 -40.15
CA PRO A 81 8.04 -8.72 -40.93
C PRO A 81 7.86 -9.66 -42.11
N ASN A 82 8.86 -10.46 -42.46
CA ASN A 82 8.76 -11.36 -43.62
C ASN A 82 9.01 -12.81 -43.28
N VAL A 83 9.15 -13.09 -41.99
CA VAL A 83 9.22 -14.47 -41.52
C VAL A 83 7.89 -14.77 -40.83
N ILE A 84 7.12 -15.69 -41.40
CA ILE A 84 5.86 -16.10 -40.80
C ILE A 84 6.13 -16.62 -39.40
N ARG A 85 5.07 -16.72 -38.61
CA ARG A 85 5.14 -17.24 -37.25
C ARG A 85 4.24 -18.45 -37.05
N TYR A 86 4.84 -19.50 -36.50
CA TYR A 86 4.09 -20.66 -36.06
C TYR A 86 3.55 -20.33 -34.68
N PHE A 87 2.22 -20.36 -34.54
CA PHE A 87 1.61 -19.96 -33.28
C PHE A 87 2.04 -20.84 -32.11
N CYS A 88 1.54 -22.07 -32.09
CA CYS A 88 1.94 -23.05 -31.08
C CYS A 88 2.06 -24.43 -31.71
N THR A 89 2.86 -25.29 -31.08
CA THR A 89 3.04 -26.66 -31.54
C THR A 89 2.51 -27.63 -30.50
N GLU A 90 1.71 -28.59 -30.96
CA GLU A 90 1.24 -29.64 -30.05
C GLU A 90 1.06 -30.97 -30.77
N LYS A 91 1.03 -32.05 -29.99
CA LYS A 91 1.03 -33.39 -30.55
C LYS A 91 -0.25 -34.17 -30.25
N ASP A 92 -0.91 -34.66 -31.30
CA ASP A 92 -1.96 -35.65 -31.16
C ASP A 92 -1.25 -36.93 -30.75
N ARG A 93 -2.01 -37.94 -30.33
CA ARG A 93 -1.41 -39.23 -30.02
C ARG A 93 -0.89 -39.85 -31.31
N GLN A 94 -1.67 -39.70 -32.37
CA GLN A 94 -1.35 -40.30 -33.65
C GLN A 94 -0.81 -39.30 -34.68
N PHE A 95 -0.80 -38.02 -34.33
CA PHE A 95 -0.46 -36.99 -35.31
C PHE A 95 0.39 -35.85 -34.73
N GLN A 96 0.53 -34.79 -35.52
CA GLN A 96 1.23 -33.58 -35.09
C GLN A 96 0.59 -32.37 -35.77
N TYR A 97 0.29 -31.33 -34.99
CA TYR A 97 -0.48 -30.21 -35.50
C TYR A 97 0.25 -28.88 -35.41
N ILE A 98 0.34 -28.18 -36.55
CA ILE A 98 0.91 -26.84 -36.53
C ILE A 98 -0.08 -25.79 -37.05
N ALA A 99 -0.36 -24.82 -36.20
CA ALA A 99 -1.25 -23.72 -36.55
C ALA A 99 -0.43 -22.49 -36.90
N ILE A 100 -0.63 -21.99 -38.11
CA ILE A 100 0.16 -20.89 -38.64
C ILE A 100 -0.71 -19.82 -39.27
N GLU A 101 -0.18 -18.60 -39.36
CA GLU A 101 -0.93 -17.46 -39.83
C GLU A 101 -1.56 -17.76 -41.20
N LEU A 102 -2.87 -17.58 -41.29
CA LEU A 102 -3.58 -17.87 -42.54
C LEU A 102 -3.21 -16.83 -43.59
N CYS A 103 -2.81 -17.31 -44.76
CA CYS A 103 -2.35 -16.45 -45.84
C CYS A 103 -3.27 -16.51 -47.06
N ALA A 104 -3.07 -15.56 -47.97
CA ALA A 104 -3.91 -15.43 -49.15
C ALA A 104 -3.51 -16.41 -50.26
N ALA A 105 -2.21 -16.55 -50.52
CA ALA A 105 -1.74 -17.46 -51.55
C ALA A 105 -0.26 -17.84 -51.44
N THR A 106 0.22 -18.57 -52.44
CA THR A 106 1.64 -18.86 -52.59
C THR A 106 2.16 -18.09 -53.79
N LEU A 107 3.47 -18.08 -53.96
CA LEU A 107 4.09 -17.39 -55.08
C LEU A 107 3.45 -17.79 -56.41
N GLN A 108 3.03 -19.05 -56.51
CA GLN A 108 2.33 -19.54 -57.69
C GLN A 108 1.21 -18.60 -58.15
N GLU A 109 0.19 -18.40 -57.31
CA GLU A 109 -0.92 -17.53 -57.68
C GLU A 109 -0.48 -16.09 -57.93
N TYR A 110 0.61 -15.70 -57.27
CA TYR A 110 1.18 -14.37 -57.49
C TYR A 110 1.59 -14.25 -58.94
N VAL A 111 2.34 -15.24 -59.41
CA VAL A 111 2.95 -15.17 -60.72
C VAL A 111 1.98 -15.51 -61.85
N GLU A 112 1.30 -16.63 -61.71
CA GLU A 112 0.63 -17.30 -62.82
C GLU A 112 -0.85 -16.94 -63.00
N GLN A 113 -1.50 -16.51 -61.92
CA GLN A 113 -2.90 -16.09 -61.99
C GLN A 113 -2.99 -14.68 -62.58
N LYS A 114 -3.45 -14.60 -63.83
CA LYS A 114 -3.43 -13.33 -64.58
C LYS A 114 -4.24 -12.22 -63.93
N ASP A 115 -5.34 -12.60 -63.28
CA ASP A 115 -6.16 -11.63 -62.55
C ASP A 115 -5.86 -11.73 -61.05
N PHE A 116 -4.71 -11.19 -60.66
CA PHE A 116 -4.29 -11.22 -59.26
C PHE A 116 -3.99 -9.82 -58.74
N ALA A 117 -4.43 -9.55 -57.52
CA ALA A 117 -4.17 -8.25 -56.91
C ALA A 117 -2.91 -8.33 -56.06
N HIS A 118 -1.86 -7.65 -56.50
CA HIS A 118 -0.57 -7.67 -55.79
C HIS A 118 -0.54 -7.24 -54.30
N LEU A 119 -1.09 -6.08 -53.93
CA LEU A 119 -1.95 -5.24 -54.78
C LEU A 119 -1.21 -4.33 -55.79
N GLY A 120 -0.32 -3.45 -55.35
CA GLY A 120 0.00 -3.21 -53.95
C GLY A 120 1.44 -3.49 -53.58
N LEU A 121 2.09 -4.37 -54.33
CA LEU A 121 3.52 -4.61 -54.12
C LEU A 121 4.25 -5.07 -55.39
N GLU A 122 5.38 -4.43 -55.66
CA GLU A 122 6.21 -4.79 -56.80
C GLU A 122 6.98 -6.08 -56.52
N PRO A 123 7.19 -6.90 -57.56
CA PRO A 123 7.94 -8.16 -57.50
C PRO A 123 9.34 -8.04 -56.90
N ILE A 124 10.01 -6.94 -57.16
CA ILE A 124 11.36 -6.76 -56.63
C ILE A 124 11.31 -6.45 -55.14
N THR A 125 10.23 -5.78 -54.72
CA THR A 125 10.02 -5.52 -53.31
C THR A 125 9.65 -6.82 -52.62
N LEU A 126 8.93 -7.68 -53.35
CA LEU A 126 8.61 -9.03 -52.91
C LEU A 126 9.89 -9.82 -52.63
N LEU A 127 10.76 -9.90 -53.64
CA LEU A 127 12.02 -10.61 -53.50
C LEU A 127 12.85 -9.98 -52.39
N HIS A 128 12.80 -8.67 -52.29
CA HIS A 128 13.56 -7.99 -51.25
C HIS A 128 13.12 -8.53 -49.90
N GLN A 129 11.82 -8.41 -49.64
CA GLN A 129 11.22 -8.88 -48.40
C GLN A 129 11.63 -10.32 -48.11
N THR A 130 11.48 -11.17 -49.13
CA THR A 130 11.82 -12.58 -49.02
C THR A 130 13.27 -12.78 -48.59
N THR A 131 14.16 -12.01 -49.19
CA THR A 131 15.59 -12.17 -48.93
C THR A 131 15.96 -11.58 -47.58
N SER A 132 15.22 -10.59 -47.11
CA SER A 132 15.52 -10.02 -45.82
C SER A 132 15.07 -10.98 -44.72
N GLY A 133 13.90 -11.59 -44.91
CA GLY A 133 13.43 -12.61 -43.98
C GLY A 133 14.40 -13.76 -43.97
N LEU A 134 14.85 -14.14 -45.16
CA LEU A 134 15.83 -15.20 -45.34
C LEU A 134 17.14 -14.89 -44.58
N ALA A 135 17.58 -13.64 -44.67
CA ALA A 135 18.81 -13.21 -44.04
C ALA A 135 18.65 -13.22 -42.53
N HIS A 136 17.45 -12.86 -42.07
CA HIS A 136 17.14 -12.87 -40.64
C HIS A 136 17.18 -14.31 -40.12
N LEU A 137 16.63 -15.24 -40.90
CA LEU A 137 16.68 -16.66 -40.58
C LEU A 137 18.14 -17.13 -40.48
N HIS A 138 18.94 -16.75 -41.46
CA HIS A 138 20.35 -17.15 -41.50
C HIS A 138 21.15 -16.55 -40.33
N SER A 139 20.76 -15.35 -39.93
CA SER A 139 21.39 -14.66 -38.82
C SER A 139 21.23 -15.51 -37.56
N LEU A 140 20.15 -16.28 -37.52
CA LEU A 140 19.83 -17.11 -36.35
C LEU A 140 20.47 -18.50 -36.45
N ASN A 141 21.44 -18.67 -37.34
CA ASN A 141 22.08 -19.97 -37.55
C ASN A 141 21.09 -21.10 -37.82
N ILE A 142 19.95 -20.74 -38.39
CA ILE A 142 18.98 -21.74 -38.83
C ILE A 142 18.90 -21.74 -40.36
N VAL A 143 18.99 -22.93 -40.93
CA VAL A 143 18.94 -23.08 -42.38
C VAL A 143 17.57 -23.61 -42.78
N HIS A 144 16.94 -22.92 -43.74
CA HIS A 144 15.62 -23.29 -44.22
C HIS A 144 15.62 -24.72 -44.77
N ARG A 145 16.65 -25.06 -45.54
CA ARG A 145 16.81 -26.39 -46.13
C ARG A 145 15.82 -26.74 -47.25
N ASP A 146 14.72 -25.99 -47.36
CA ASP A 146 13.69 -26.27 -48.36
C ASP A 146 13.04 -24.98 -48.86
N LEU A 147 13.80 -24.13 -49.53
CA LEU A 147 13.21 -22.91 -50.06
C LEU A 147 12.56 -23.21 -51.40
N LYS A 148 11.45 -22.53 -51.67
CA LYS A 148 10.62 -22.78 -52.86
C LYS A 148 9.41 -21.88 -52.77
N PRO A 149 8.71 -21.67 -53.90
CA PRO A 149 7.51 -20.83 -53.97
C PRO A 149 6.39 -21.14 -52.98
N HIS A 150 5.98 -22.39 -52.81
CA HIS A 150 4.94 -22.73 -51.84
C HIS A 150 5.31 -22.34 -50.43
N ASN A 151 6.61 -22.31 -50.17
CA ASN A 151 7.15 -21.94 -48.87
C ASN A 151 7.41 -20.43 -48.73
N ILE A 152 7.09 -19.68 -49.78
CA ILE A 152 6.95 -18.24 -49.63
C ILE A 152 5.47 -17.92 -49.88
N LEU A 153 4.89 -17.15 -48.97
CA LEU A 153 3.45 -16.96 -48.92
C LEU A 153 3.03 -15.50 -48.98
N LEU A 154 1.86 -15.28 -49.56
CA LEU A 154 1.30 -13.94 -49.60
C LEU A 154 0.25 -13.73 -48.48
N SER A 155 0.43 -12.67 -47.70
CA SER A 155 -0.49 -12.34 -46.62
C SER A 155 -1.80 -11.76 -47.14
N MET A 156 -2.87 -11.97 -46.37
CA MET A 156 -4.14 -11.29 -46.66
C MET A 156 -3.92 -9.79 -46.44
N PRO A 157 -4.71 -8.94 -47.15
CA PRO A 157 -4.58 -7.49 -47.05
C PRO A 157 -4.49 -7.02 -45.59
N ASN A 158 -3.64 -6.03 -45.32
CA ASN A 158 -3.54 -5.51 -43.97
C ASN A 158 -4.42 -4.28 -43.74
N ALA A 159 -4.08 -3.52 -42.71
CA ALA A 159 -4.80 -2.33 -42.31
C ALA A 159 -5.26 -1.47 -43.49
N HIS A 160 -4.32 -0.82 -44.18
CA HIS A 160 -4.67 -0.04 -45.37
C HIS A 160 -4.60 -0.84 -46.66
N GLY A 161 -4.74 -2.16 -46.55
CA GLY A 161 -4.84 -3.03 -47.72
C GLY A 161 -3.56 -3.70 -48.20
N ARG A 162 -2.41 -3.24 -47.72
CA ARG A 162 -1.10 -3.67 -48.23
C ARG A 162 -0.74 -5.14 -47.97
N ILE A 163 -0.48 -5.88 -49.04
CA ILE A 163 -0.03 -7.27 -48.94
C ILE A 163 1.49 -7.33 -48.77
N LYS A 164 1.96 -8.22 -47.90
CA LYS A 164 3.39 -8.51 -47.78
C LYS A 164 3.62 -10.01 -47.93
N ALA A 165 4.88 -10.41 -48.11
CA ALA A 165 5.20 -11.83 -48.27
C ALA A 165 6.03 -12.37 -47.10
N MET A 166 5.66 -13.56 -46.63
CA MET A 166 6.39 -14.22 -45.55
C MET A 166 6.83 -15.64 -45.93
N ILE A 167 8.02 -16.06 -45.49
CA ILE A 167 8.50 -17.42 -45.77
C ILE A 167 8.10 -18.41 -44.68
N SER A 168 7.73 -19.63 -45.07
CA SER A 168 7.18 -20.61 -44.12
C SER A 168 7.84 -21.98 -44.17
N ASP A 169 7.27 -22.91 -43.42
CA ASP A 169 7.71 -24.31 -43.43
C ASP A 169 9.19 -24.51 -43.09
N PHE A 170 9.80 -23.51 -42.47
CA PHE A 170 11.20 -23.58 -42.10
C PHE A 170 11.32 -24.31 -40.77
N GLY A 171 12.52 -24.72 -40.40
CA GLY A 171 12.76 -25.36 -39.12
C GLY A 171 12.36 -26.83 -39.01
N LEU A 172 11.54 -27.30 -39.93
CA LEU A 172 11.21 -28.73 -40.00
C LEU A 172 11.98 -29.41 -41.15
N CYS A 173 12.28 -30.69 -40.97
CA CYS A 173 12.95 -31.47 -42.02
C CYS A 173 12.23 -32.80 -42.26
N LYS A 174 12.85 -33.68 -43.04
CA LYS A 174 12.25 -34.95 -43.41
C LYS A 174 13.13 -36.12 -42.96
N LYS A 175 12.50 -37.18 -42.44
CA LYS A 175 13.24 -38.36 -42.01
C LYS A 175 13.30 -39.44 -43.09
N VAL A 189 15.87 -36.77 -47.62
CA VAL A 189 16.60 -35.58 -48.09
C VAL A 189 15.71 -34.34 -48.14
N PRO A 190 16.16 -33.26 -47.48
CA PRO A 190 15.39 -32.00 -47.44
C PRO A 190 15.37 -31.31 -48.80
N GLY A 191 14.52 -30.29 -48.93
CA GLY A 191 14.36 -29.60 -50.19
C GLY A 191 13.19 -30.18 -50.95
N THR A 192 13.09 -29.82 -52.23
CA THR A 192 12.01 -30.30 -53.11
C THR A 192 12.48 -30.44 -54.55
N GLU A 193 12.12 -31.56 -55.17
CA GLU A 193 12.47 -31.86 -56.56
C GLU A 193 12.32 -30.65 -57.46
N GLY A 194 13.41 -29.92 -57.63
CA GLY A 194 13.43 -28.76 -58.51
C GLY A 194 14.28 -27.64 -57.96
N TRP A 195 14.42 -27.56 -56.64
CA TRP A 195 15.02 -26.38 -56.01
C TRP A 195 16.18 -26.76 -55.11
N ILE A 196 16.59 -28.02 -55.18
CA ILE A 196 17.57 -28.59 -54.26
C ILE A 196 18.99 -28.39 -54.77
N ALA A 197 19.78 -27.59 -54.07
CA ALA A 197 21.20 -27.40 -54.42
C ALA A 197 21.94 -28.73 -54.64
N PRO A 198 22.66 -28.85 -55.76
CA PRO A 198 23.22 -30.12 -56.25
C PRO A 198 24.12 -30.84 -55.23
N GLU A 199 24.91 -30.09 -54.49
CA GLU A 199 25.89 -30.68 -53.57
C GLU A 199 25.25 -31.41 -52.38
N MET A 200 23.93 -31.30 -52.26
CA MET A 200 23.20 -32.00 -51.22
C MET A 200 22.88 -33.43 -51.65
N LEU A 201 23.30 -33.77 -52.87
CA LEU A 201 23.08 -35.10 -53.41
C LEU A 201 24.43 -35.79 -53.62
N SER A 202 25.40 -35.01 -54.09
CA SER A 202 26.80 -35.43 -54.26
C SER A 202 27.00 -36.85 -54.81
N PRO A 209 24.36 -29.47 -43.87
CA PRO A 209 24.07 -28.50 -44.93
C PRO A 209 24.15 -27.06 -44.43
N THR A 210 24.55 -26.11 -45.30
CA THR A 210 24.69 -24.71 -44.90
C THR A 210 23.77 -23.76 -45.65
N TYR A 211 23.77 -22.50 -45.21
CA TYR A 211 22.95 -21.44 -45.78
C TYR A 211 23.05 -21.30 -47.29
N THR A 212 24.19 -21.75 -47.83
CA THR A 212 24.47 -21.64 -49.26
C THR A 212 23.36 -22.27 -50.11
N VAL A 213 22.82 -23.37 -49.61
CA VAL A 213 21.66 -24.04 -50.19
C VAL A 213 20.47 -23.10 -50.35
N ASP A 214 20.15 -22.41 -49.28
CA ASP A 214 19.06 -21.44 -49.30
C ASP A 214 19.38 -20.30 -50.25
N ILE A 215 20.65 -19.92 -50.36
CA ILE A 215 21.03 -18.86 -51.30
C ILE A 215 20.79 -19.30 -52.73
N PHE A 216 21.01 -20.58 -52.97
CA PHE A 216 20.84 -21.17 -54.30
C PHE A 216 19.36 -21.31 -54.69
N SER A 217 18.59 -21.91 -53.78
CA SER A 217 17.16 -22.04 -53.99
C SER A 217 16.64 -20.63 -54.22
N ALA A 218 17.08 -19.71 -53.38
CA ALA A 218 16.67 -18.31 -53.48
C ALA A 218 16.97 -17.77 -54.88
N GLY A 219 18.15 -18.06 -55.40
CA GLY A 219 18.47 -17.68 -56.77
C GLY A 219 17.42 -18.18 -57.73
N CYS A 220 17.13 -19.47 -57.62
CA CYS A 220 16.06 -20.05 -58.43
C CYS A 220 14.75 -19.27 -58.35
N VAL A 221 14.26 -19.01 -57.13
CA VAL A 221 13.00 -18.28 -57.00
C VAL A 221 13.10 -16.85 -57.54
N PHE A 222 14.26 -16.24 -57.38
CA PHE A 222 14.53 -14.93 -57.98
C PHE A 222 14.21 -14.97 -59.45
N TYR A 223 14.86 -15.89 -60.17
CA TYR A 223 14.61 -16.01 -61.60
C TYR A 223 13.13 -16.25 -61.86
N TYR A 224 12.59 -17.25 -61.16
CA TYR A 224 11.19 -17.65 -61.31
C TYR A 224 10.23 -16.48 -61.25
N VAL A 225 10.48 -15.58 -60.31
CA VAL A 225 9.64 -14.42 -60.10
C VAL A 225 9.84 -13.41 -61.20
N ILE A 226 11.11 -13.04 -61.42
CA ILE A 226 11.46 -12.00 -62.40
C ILE A 226 11.06 -12.37 -63.81
N SER A 227 11.07 -13.67 -64.10
CA SER A 227 10.72 -14.19 -65.42
C SER A 227 9.22 -14.25 -65.67
N GLU A 228 8.42 -14.03 -64.63
CA GLU A 228 6.97 -14.15 -64.74
C GLU A 228 6.54 -15.58 -65.11
N GLY A 229 7.12 -16.57 -64.45
CA GLY A 229 6.67 -17.95 -64.61
C GLY A 229 7.70 -19.03 -64.90
N TYR A 230 8.87 -18.64 -65.41
CA TYR A 230 9.88 -19.59 -65.88
C TYR A 230 10.88 -19.96 -64.79
N HIS A 231 11.37 -21.19 -64.83
CA HIS A 231 12.42 -21.68 -63.94
C HIS A 231 13.69 -21.69 -64.77
N PRO A 232 14.84 -21.35 -64.16
CA PRO A 232 16.08 -21.43 -64.95
C PRO A 232 16.40 -22.83 -65.47
N PHE A 233 15.98 -23.87 -64.77
CA PHE A 233 16.60 -25.17 -65.01
C PHE A 233 15.80 -26.37 -65.60
N GLY A 234 14.78 -26.23 -66.44
CA GLY A 234 14.05 -25.02 -66.76
C GLY A 234 12.61 -25.51 -66.83
N LYS A 235 12.47 -26.81 -67.13
CA LYS A 235 11.17 -27.47 -67.13
C LYS A 235 11.12 -28.67 -66.20
N SER A 236 9.91 -28.94 -65.70
CA SER A 236 9.64 -29.82 -64.55
C SER A 236 10.45 -31.13 -64.37
N LEU A 237 10.41 -32.02 -65.35
CA LEU A 237 10.98 -33.36 -65.19
C LEU A 237 12.51 -33.39 -65.19
N GLN A 238 13.11 -32.53 -66.01
CA GLN A 238 14.57 -32.44 -66.12
C GLN A 238 15.16 -31.55 -65.03
N ARG A 239 14.30 -30.71 -64.44
CA ARG A 239 14.68 -29.70 -63.46
C ARG A 239 15.90 -30.08 -62.62
N GLN A 240 15.83 -31.28 -62.02
CA GLN A 240 16.86 -31.72 -61.07
C GLN A 240 18.04 -32.45 -61.78
N ALA A 241 17.73 -33.05 -62.92
CA ALA A 241 18.77 -33.54 -63.82
C ALA A 241 19.60 -32.36 -64.31
N ASN A 242 18.92 -31.38 -64.89
CA ASN A 242 19.55 -30.17 -65.40
C ASN A 242 20.27 -29.38 -64.32
N ILE A 243 19.80 -29.48 -63.08
CA ILE A 243 20.48 -28.79 -61.98
C ILE A 243 21.76 -29.53 -61.56
N LEU A 244 21.72 -30.86 -61.56
CA LEU A 244 22.95 -31.58 -61.23
C LEU A 244 23.94 -31.38 -62.37
N LEU A 245 23.39 -31.15 -63.56
CA LEU A 245 24.18 -30.82 -64.74
C LEU A 245 24.91 -29.47 -64.61
N GLY A 246 24.15 -28.43 -64.29
CA GLY A 246 24.68 -27.08 -64.30
C GLY A 246 24.03 -26.28 -65.41
N ALA A 247 23.14 -26.93 -66.14
CA ALA A 247 22.39 -26.32 -67.24
C ALA A 247 21.51 -25.17 -66.78
N CYS A 248 21.75 -23.98 -67.30
CA CYS A 248 20.89 -22.83 -67.01
C CYS A 248 20.16 -22.37 -68.26
N ASN A 249 19.11 -21.58 -68.10
CA ASN A 249 18.43 -21.04 -69.27
C ASN A 249 18.72 -19.56 -69.37
N LEU A 250 18.02 -18.78 -68.55
CA LEU A 250 18.29 -17.34 -68.43
C LEU A 250 18.04 -16.73 -69.81
N ASP A 251 17.05 -17.27 -70.49
CA ASP A 251 16.78 -16.91 -71.87
C ASP A 251 16.00 -15.62 -71.94
N CYS A 252 15.30 -15.30 -70.86
CA CYS A 252 14.44 -14.13 -70.87
C CYS A 252 15.22 -12.88 -70.52
N PHE A 253 16.47 -13.05 -70.11
CA PHE A 253 17.34 -11.91 -69.78
C PHE A 253 18.19 -11.50 -70.96
N HIS A 254 17.77 -10.46 -71.65
CA HIS A 254 18.53 -9.98 -72.80
C HIS A 254 19.80 -9.27 -72.36
N SER A 255 20.47 -8.60 -73.31
CA SER A 255 21.64 -7.82 -72.99
C SER A 255 21.47 -6.37 -73.44
N ASP A 256 20.32 -6.08 -74.05
CA ASP A 256 20.01 -4.72 -74.49
C ASP A 256 19.14 -3.97 -73.48
N LYS A 257 18.69 -4.69 -72.45
CA LYS A 257 17.94 -4.09 -71.36
C LYS A 257 18.73 -4.16 -70.07
N HIS A 258 19.03 -2.98 -69.52
CA HIS A 258 19.82 -2.77 -68.32
C HIS A 258 19.42 -3.64 -67.11
N GLU A 259 18.13 -3.56 -66.78
CA GLU A 259 17.53 -4.31 -65.69
C GLU A 259 17.79 -5.82 -65.81
N ASP A 260 17.70 -6.31 -67.04
CA ASP A 260 18.00 -7.71 -67.33
C ASP A 260 19.47 -8.02 -66.99
N VAL A 261 20.39 -7.20 -67.48
CA VAL A 261 21.81 -7.42 -67.23
C VAL A 261 22.14 -7.44 -65.75
N ILE A 262 21.52 -6.54 -64.99
CA ILE A 262 21.74 -6.52 -63.54
C ILE A 262 21.22 -7.77 -62.85
N ALA A 263 19.91 -8.00 -63.01
CA ALA A 263 19.25 -9.15 -62.41
C ALA A 263 20.02 -10.43 -62.72
N ARG A 264 20.38 -10.62 -63.98
CA ARG A 264 21.22 -11.75 -64.38
C ARG A 264 22.51 -11.76 -63.59
N GLU A 265 23.24 -10.64 -63.60
CA GLU A 265 24.53 -10.52 -62.90
C GLU A 265 24.44 -11.06 -61.49
N LEU A 266 23.32 -10.80 -60.82
CA LEU A 266 23.14 -11.34 -59.48
C LEU A 266 22.78 -12.83 -59.47
N ILE A 267 21.66 -13.18 -60.12
CA ILE A 267 21.13 -14.54 -60.06
C ILE A 267 22.18 -15.57 -60.40
N GLU A 268 22.99 -15.25 -61.41
CA GLU A 268 24.08 -16.12 -61.82
C GLU A 268 24.96 -16.48 -60.64
N LYS A 269 25.37 -15.46 -59.88
CA LYS A 269 26.19 -15.68 -58.70
C LYS A 269 25.39 -16.43 -57.64
N MET A 270 24.07 -16.25 -57.64
CA MET A 270 23.23 -16.98 -56.69
C MET A 270 23.01 -18.44 -57.08
N ILE A 271 22.92 -18.73 -58.37
CA ILE A 271 22.73 -20.12 -58.79
C ILE A 271 24.02 -20.77 -59.26
N ALA A 272 25.16 -20.19 -58.88
CA ALA A 272 26.48 -20.76 -59.14
C ALA A 272 26.60 -22.18 -58.54
N MET A 273 27.18 -23.12 -59.29
CA MET A 273 27.25 -24.51 -58.84
C MET A 273 28.28 -24.73 -57.75
N ASP A 274 29.16 -23.74 -57.55
CA ASP A 274 30.14 -23.77 -56.46
C ASP A 274 29.57 -23.07 -55.22
N PRO A 275 29.29 -23.85 -54.15
CA PRO A 275 28.66 -23.32 -52.94
C PRO A 275 29.36 -22.08 -52.36
N GLN A 276 30.66 -21.97 -52.54
CA GLN A 276 31.40 -20.84 -51.97
C GLN A 276 31.37 -19.61 -52.89
N GLN A 277 30.69 -19.74 -54.03
CA GLN A 277 30.58 -18.63 -54.97
C GLN A 277 29.38 -17.78 -54.66
N ARG A 278 28.28 -18.47 -54.32
CA ARG A 278 27.02 -17.81 -53.97
C ARG A 278 27.25 -16.81 -52.85
N PRO A 279 26.67 -15.61 -53.00
CA PRO A 279 26.84 -14.54 -51.99
C PRO A 279 26.06 -14.89 -50.73
N SER A 280 26.28 -14.16 -49.64
CA SER A 280 25.51 -14.37 -48.42
C SER A 280 24.14 -13.73 -48.62
N ALA A 281 23.19 -14.06 -47.75
CA ALA A 281 21.85 -13.51 -47.85
C ALA A 281 21.77 -11.98 -47.85
N LYS A 282 22.62 -11.31 -47.07
CA LYS A 282 22.68 -9.83 -47.10
C LYS A 282 23.41 -9.30 -48.34
N HIS A 283 24.46 -10.00 -48.76
CA HIS A 283 25.22 -9.64 -49.95
C HIS A 283 24.25 -9.52 -51.11
N VAL A 284 23.32 -10.45 -51.20
CA VAL A 284 22.25 -10.43 -52.20
C VAL A 284 21.44 -9.13 -52.10
N LEU A 285 21.15 -8.70 -50.88
CA LEU A 285 20.36 -7.50 -50.67
C LEU A 285 21.11 -6.23 -51.08
N LYS A 286 22.41 -6.21 -50.84
CA LYS A 286 23.24 -5.03 -51.12
C LYS A 286 23.51 -4.85 -52.61
N HIS A 287 22.99 -5.78 -53.41
CA HIS A 287 23.22 -5.79 -54.85
C HIS A 287 22.34 -4.76 -55.55
N PRO A 288 22.92 -4.04 -56.52
CA PRO A 288 22.28 -2.98 -57.31
C PRO A 288 20.89 -3.35 -57.78
N PHE A 289 20.64 -4.64 -57.97
CA PHE A 289 19.34 -5.15 -58.39
C PHE A 289 18.20 -4.53 -57.59
N PHE A 290 18.45 -4.30 -56.30
CA PHE A 290 17.43 -3.84 -55.37
C PHE A 290 17.33 -2.33 -55.25
N TRP A 291 18.25 -1.62 -55.92
CA TRP A 291 18.36 -0.16 -55.77
C TRP A 291 17.19 0.60 -56.33
N SER A 292 16.88 1.76 -55.74
CA SER A 292 15.87 2.64 -56.30
C SER A 292 16.57 3.48 -57.34
N LEU A 293 15.81 4.20 -58.14
CA LEU A 293 16.38 5.07 -59.15
C LEU A 293 17.22 6.19 -58.53
N GLU A 294 16.69 6.79 -57.48
CA GLU A 294 17.43 7.79 -56.71
C GLU A 294 18.76 7.19 -56.29
N LYS A 295 18.73 5.94 -55.84
CA LYS A 295 19.93 5.25 -55.38
C LYS A 295 20.93 5.06 -56.50
N GLN A 296 20.41 4.73 -57.69
CA GLN A 296 21.25 4.47 -58.85
C GLN A 296 21.98 5.73 -59.29
N LEU A 297 21.20 6.79 -59.48
CA LEU A 297 21.75 8.07 -59.90
C LEU A 297 22.71 8.61 -58.86
N GLN A 298 22.38 8.37 -57.59
CA GLN A 298 23.26 8.77 -56.50
C GLN A 298 24.58 8.03 -56.59
N PHE A 299 24.51 6.75 -56.93
CA PHE A 299 25.72 5.97 -57.14
C PHE A 299 26.54 6.62 -58.24
N PHE A 300 25.91 6.86 -59.39
CA PHE A 300 26.60 7.45 -60.53
C PHE A 300 27.31 8.77 -60.19
N GLN A 301 26.61 9.64 -59.48
CA GLN A 301 27.20 10.91 -59.09
C GLN A 301 28.34 10.72 -58.11
N ASP A 302 28.13 9.86 -57.10
CA ASP A 302 29.17 9.63 -56.12
C ASP A 302 30.45 9.14 -56.79
N VAL A 303 30.31 8.10 -57.61
CA VAL A 303 31.43 7.59 -58.39
C VAL A 303 32.08 8.69 -59.21
N SER A 304 31.27 9.51 -59.88
CA SER A 304 31.85 10.54 -60.73
C SER A 304 32.62 11.61 -59.96
N ASP A 305 32.19 11.86 -58.73
CA ASP A 305 32.88 12.81 -57.87
C ASP A 305 34.19 12.20 -57.39
N ARG A 306 34.16 10.90 -57.14
CA ARG A 306 35.32 10.19 -56.61
C ARG A 306 36.41 10.01 -57.66
N ILE A 307 36.05 9.53 -58.83
CA ILE A 307 37.02 9.23 -59.88
C ILE A 307 37.82 10.45 -60.30
N GLU A 308 37.19 11.62 -60.20
CA GLU A 308 37.78 12.86 -60.66
C GLU A 308 38.93 13.24 -59.75
N LYS A 309 39.87 14.00 -60.29
CA LYS A 309 41.10 14.34 -59.57
C LYS A 309 41.92 13.12 -59.19
N GLU A 310 41.87 12.08 -60.01
CA GLU A 310 42.81 10.97 -59.92
C GLU A 310 43.39 10.68 -61.30
N ALA A 311 44.72 10.54 -61.36
CA ALA A 311 45.45 10.34 -62.62
C ALA A 311 44.82 9.27 -63.51
N LEU A 312 44.91 9.50 -64.82
CA LEU A 312 44.22 8.66 -65.79
C LEU A 312 44.93 7.32 -65.98
N ASP A 313 46.21 7.29 -65.65
CA ASP A 313 46.95 6.03 -65.61
C ASP A 313 46.55 5.27 -64.35
N GLY A 314 46.05 6.01 -63.36
CA GLY A 314 45.64 5.47 -62.07
C GLY A 314 44.89 4.15 -62.15
N PRO A 315 45.06 3.27 -61.15
CA PRO A 315 44.56 1.90 -61.26
C PRO A 315 43.04 1.85 -61.24
N ILE A 316 42.42 2.78 -60.52
CA ILE A 316 40.97 2.85 -60.41
C ILE A 316 40.36 3.21 -61.75
N VAL A 317 40.80 4.34 -62.31
CA VAL A 317 40.30 4.78 -63.60
C VAL A 317 40.61 3.77 -64.70
N ARG A 318 41.82 3.20 -64.66
CA ARG A 318 42.24 2.23 -65.67
C ARG A 318 41.35 1.00 -65.59
N GLN A 319 41.01 0.59 -64.36
CA GLN A 319 40.10 -0.53 -64.12
C GLN A 319 38.73 -0.20 -64.66
N LEU A 320 38.35 1.06 -64.52
CA LEU A 320 37.07 1.54 -64.98
C LEU A 320 36.95 1.46 -66.50
N GLU A 321 38.03 1.77 -67.20
CA GLU A 321 38.05 1.78 -68.66
C GLU A 321 38.56 0.47 -69.21
N ARG A 322 38.46 -0.60 -68.44
CA ARG A 322 38.91 -1.90 -68.90
C ARG A 322 37.88 -2.44 -69.88
N GLY A 323 36.62 -2.30 -69.52
CA GLY A 323 35.54 -2.73 -70.39
C GLY A 323 35.42 -1.78 -71.56
N GLY A 324 35.62 -0.51 -71.27
CA GLY A 324 35.67 0.54 -72.27
C GLY A 324 34.61 0.49 -73.35
N ARG A 325 35.07 0.67 -74.59
CA ARG A 325 34.23 0.92 -75.77
C ARG A 325 32.88 0.21 -75.80
N ALA A 326 32.90 -1.07 -75.46
CA ALA A 326 31.74 -1.95 -75.61
C ALA A 326 30.52 -1.41 -74.88
N VAL A 327 30.71 -1.05 -73.62
CA VAL A 327 29.62 -0.49 -72.81
C VAL A 327 29.28 0.92 -73.26
N VAL A 328 30.29 1.63 -73.76
CA VAL A 328 30.12 3.01 -74.17
C VAL A 328 29.55 3.08 -75.58
N LYS A 329 29.40 1.91 -76.21
CA LYS A 329 28.89 1.79 -77.57
C LYS A 329 29.76 2.58 -78.53
N MET A 330 31.04 2.23 -78.59
CA MET A 330 32.04 2.94 -79.39
C MET A 330 32.23 4.39 -78.96
N ASP A 331 31.21 5.20 -79.21
CA ASP A 331 31.26 6.61 -78.88
C ASP A 331 29.93 7.06 -78.34
N TRP A 332 29.85 7.19 -77.01
CA TRP A 332 28.58 7.47 -76.32
C TRP A 332 27.95 8.78 -76.76
N ARG A 333 28.75 9.62 -77.40
CA ARG A 333 28.27 10.90 -77.91
C ARG A 333 27.22 10.66 -78.99
N GLU A 334 27.36 9.55 -79.71
CA GLU A 334 26.51 9.28 -80.86
C GLU A 334 25.31 8.44 -80.47
N ASN A 335 25.30 7.95 -79.22
CA ASN A 335 24.21 7.13 -78.74
C ASN A 335 23.35 7.80 -77.67
N ILE A 336 23.20 9.12 -77.76
CA ILE A 336 22.25 9.85 -76.93
C ILE A 336 21.36 10.70 -77.83
N THR A 337 20.40 11.39 -77.24
CA THR A 337 19.47 12.23 -78.01
C THR A 337 20.24 13.35 -78.70
N VAL A 338 19.65 13.92 -79.74
CA VAL A 338 20.31 14.98 -80.50
C VAL A 338 20.43 16.35 -79.79
N PRO A 339 19.40 16.76 -79.03
CA PRO A 339 19.55 17.95 -78.20
C PRO A 339 20.70 17.87 -77.20
N LEU A 340 20.81 16.76 -76.48
CA LEU A 340 21.88 16.57 -75.50
C LEU A 340 23.26 16.62 -76.15
N GLN A 341 23.39 16.05 -77.33
CA GLN A 341 24.71 16.05 -77.94
C GLN A 341 25.04 17.40 -78.56
N THR A 342 24.02 18.06 -79.11
CA THR A 342 24.21 19.41 -79.65
C THR A 342 24.48 20.42 -78.53
N ASP A 343 24.14 20.05 -77.30
CA ASP A 343 24.51 20.86 -76.15
C ASP A 343 25.83 20.41 -75.53
N LEU A 344 26.21 19.16 -75.74
CA LEU A 344 27.44 18.65 -75.16
C LEU A 344 28.61 19.01 -76.04
N ARG A 345 28.27 19.42 -77.26
CA ARG A 345 29.26 19.87 -78.23
C ARG A 345 29.94 21.13 -77.71
N LYS A 346 29.15 21.95 -77.03
CA LYS A 346 29.58 23.30 -76.65
C LYS A 346 30.59 23.36 -75.52
N PHE A 347 30.82 22.24 -74.84
CA PHE A 347 31.77 22.21 -73.72
C PHE A 347 32.91 21.21 -73.93
N ARG A 348 32.57 20.05 -74.47
CA ARG A 348 33.48 18.91 -74.63
C ARG A 348 34.86 19.30 -75.15
N THR A 349 35.97 18.83 -74.56
CA THR A 349 36.14 18.13 -73.26
C THR A 349 35.57 16.73 -72.91
N TYR A 350 34.64 16.20 -73.70
CA TYR A 350 34.04 14.90 -73.41
C TYR A 350 34.50 13.88 -74.43
N LYS A 351 35.35 12.96 -73.99
CA LYS A 351 36.00 12.01 -74.89
C LYS A 351 35.00 11.15 -75.68
N GLY A 352 34.13 10.45 -74.99
CA GLY A 352 33.09 9.73 -75.69
C GLY A 352 33.38 8.25 -75.93
N GLY A 353 34.66 7.91 -76.01
CA GLY A 353 35.03 6.52 -76.02
C GLY A 353 35.21 6.08 -74.59
N SER A 354 35.27 7.06 -73.70
CA SER A 354 35.66 6.81 -72.32
C SER A 354 34.49 6.80 -71.35
N VAL A 355 34.51 5.82 -70.45
CA VAL A 355 33.47 5.62 -69.46
C VAL A 355 33.42 6.77 -68.46
N ARG A 356 34.59 7.09 -67.92
CA ARG A 356 34.68 8.16 -66.93
C ARG A 356 34.10 9.46 -67.47
N ASP A 357 34.33 9.73 -68.75
CA ASP A 357 33.84 10.98 -69.32
C ASP A 357 32.33 10.98 -69.45
N LEU A 358 31.74 9.83 -69.77
CA LEU A 358 30.28 9.73 -69.83
C LEU A 358 29.66 9.92 -68.46
N LEU A 359 30.22 9.24 -67.46
CA LEU A 359 29.74 9.37 -66.08
C LEU A 359 29.85 10.80 -65.58
N ARG A 360 30.96 11.44 -65.91
CA ARG A 360 31.23 12.80 -65.46
C ARG A 360 30.37 13.82 -66.21
N ALA A 361 30.03 13.51 -67.45
CA ALA A 361 29.10 14.35 -68.21
C ALA A 361 27.71 14.20 -67.62
N MET A 362 27.39 12.98 -67.20
CA MET A 362 26.11 12.74 -66.55
C MET A 362 26.04 13.59 -65.31
N ARG A 363 27.06 13.48 -64.47
CA ARG A 363 27.10 14.17 -63.18
C ARG A 363 27.09 15.70 -63.33
N ASN A 364 27.84 16.19 -64.32
CA ASN A 364 27.87 17.62 -64.58
C ASN A 364 26.54 18.15 -65.12
N LYS A 365 26.00 17.49 -66.15
CA LYS A 365 24.69 17.88 -66.68
C LYS A 365 23.57 17.72 -65.65
N LYS A 366 23.78 16.81 -64.69
CA LYS A 366 22.83 16.63 -63.60
C LYS A 366 22.89 17.87 -62.73
N HIS A 367 24.10 18.17 -62.26
CA HIS A 367 24.34 19.31 -61.38
C HIS A 367 23.80 20.62 -61.98
N HIS A 368 24.23 20.95 -63.18
CA HIS A 368 23.82 22.21 -63.81
C HIS A 368 22.45 22.12 -64.47
N TYR A 369 21.61 21.18 -64.03
CA TYR A 369 20.34 20.91 -64.70
C TYR A 369 19.43 22.12 -64.78
N ARG A 370 19.38 22.89 -63.68
CA ARG A 370 18.53 24.06 -63.58
C ARG A 370 18.73 25.03 -64.75
N GLU A 371 19.98 25.25 -65.12
CA GLU A 371 20.31 26.25 -66.13
C GLU A 371 20.50 25.66 -67.52
N LEU A 372 19.89 24.50 -67.75
CA LEU A 372 19.94 23.88 -69.06
C LEU A 372 18.80 24.38 -69.91
N PRO A 373 18.98 24.40 -71.24
CA PRO A 373 17.88 24.79 -72.14
C PRO A 373 16.70 23.86 -71.93
N VAL A 374 15.50 24.38 -72.09
CA VAL A 374 14.29 23.61 -71.85
C VAL A 374 14.26 22.35 -72.73
N GLU A 375 14.87 22.44 -73.91
CA GLU A 375 14.97 21.31 -74.83
C GLU A 375 15.72 20.15 -74.16
N VAL A 376 16.86 20.48 -73.55
CA VAL A 376 17.72 19.51 -72.89
C VAL A 376 17.12 18.98 -71.59
N GLN A 377 16.57 19.90 -70.80
CA GLN A 377 15.81 19.55 -69.61
C GLN A 377 14.74 18.53 -69.98
N GLU A 378 14.09 18.78 -71.11
CA GLU A 378 12.96 17.97 -71.54
C GLU A 378 13.41 16.60 -71.99
N THR A 379 14.46 16.52 -72.79
CA THR A 379 14.94 15.21 -73.21
C THR A 379 15.42 14.37 -72.03
N LEU A 380 16.17 14.97 -71.11
CA LEU A 380 16.65 14.22 -69.94
C LEU A 380 15.51 13.69 -69.08
N GLY A 381 14.51 14.52 -68.87
CA GLY A 381 13.41 14.18 -67.99
C GLY A 381 13.75 14.50 -66.55
N SER A 382 12.70 14.64 -65.74
CA SER A 382 12.83 15.03 -64.34
C SER A 382 13.73 14.11 -63.53
N ILE A 383 14.33 14.65 -62.48
CA ILE A 383 15.28 13.91 -61.66
C ILE A 383 14.60 13.23 -60.47
N PRO A 384 15.09 12.03 -60.06
CA PRO A 384 16.12 11.19 -60.66
C PRO A 384 15.58 10.16 -61.63
N ASP A 385 14.27 9.98 -61.63
CA ASP A 385 13.65 8.91 -62.38
C ASP A 385 13.96 8.96 -63.87
N ASP A 386 13.20 9.78 -64.60
CA ASP A 386 13.36 9.96 -66.04
C ASP A 386 14.81 10.17 -66.49
N PHE A 387 15.60 10.81 -65.63
CA PHE A 387 17.01 11.07 -65.90
C PHE A 387 17.86 9.80 -65.92
N VAL A 388 18.03 9.21 -64.74
CA VAL A 388 18.88 8.03 -64.65
C VAL A 388 18.37 6.92 -65.56
N ARG A 389 17.05 6.91 -65.80
CA ARG A 389 16.51 6.01 -66.80
C ARG A 389 16.96 6.43 -68.18
N TYR A 390 17.02 7.74 -68.44
CA TYR A 390 17.46 8.25 -69.74
C TYR A 390 18.79 7.65 -70.09
N PHE A 391 19.70 7.67 -69.13
CA PHE A 391 21.04 7.14 -69.43
C PHE A 391 21.16 5.62 -69.35
N THR A 392 20.34 4.98 -68.52
CA THR A 392 20.44 3.54 -68.34
C THR A 392 19.77 2.81 -69.50
N SER A 393 18.83 3.51 -70.14
CA SER A 393 18.20 3.02 -71.34
C SER A 393 19.29 2.70 -72.36
N ARG A 394 20.15 3.69 -72.56
CA ARG A 394 21.06 3.72 -73.69
C ARG A 394 22.36 2.99 -73.40
N PHE A 395 22.71 2.86 -72.13
CA PHE A 395 23.90 2.13 -71.76
C PHE A 395 23.55 1.11 -70.69
N PRO A 396 23.02 -0.03 -71.16
CA PRO A 396 22.41 -1.06 -70.31
C PRO A 396 23.47 -1.66 -69.41
N HIS A 397 24.70 -1.72 -69.89
CA HIS A 397 25.76 -2.33 -69.11
C HIS A 397 26.47 -1.32 -68.22
N LEU A 398 26.14 -0.05 -68.38
CA LEU A 398 26.88 1.01 -67.68
C LEU A 398 26.92 0.84 -66.17
N LEU A 399 25.76 0.56 -65.56
CA LEU A 399 25.70 0.43 -64.10
C LEU A 399 26.37 -0.84 -63.63
N SER A 400 26.06 -1.96 -64.28
CA SER A 400 26.73 -3.22 -63.99
C SER A 400 28.25 -3.04 -64.09
N HIS A 401 28.69 -2.39 -65.15
CA HIS A 401 30.11 -2.22 -65.42
C HIS A 401 30.79 -1.32 -64.41
N THR A 402 30.24 -0.14 -64.18
CA THR A 402 30.79 0.78 -63.20
C THR A 402 30.76 0.17 -61.81
N TYR A 403 29.77 -0.68 -61.54
CA TYR A 403 29.67 -1.32 -60.23
C TYR A 403 30.85 -2.23 -60.07
N GLN A 404 30.98 -3.17 -61.00
CA GLN A 404 32.04 -4.16 -60.89
C GLN A 404 33.42 -3.52 -60.89
N ALA A 405 33.59 -2.46 -61.68
CA ALA A 405 34.86 -1.78 -61.75
C ALA A 405 35.14 -1.02 -60.46
N MET A 406 34.08 -0.56 -59.79
CA MET A 406 34.24 0.19 -58.55
C MET A 406 34.34 -0.69 -57.32
N GLU A 407 34.35 -2.00 -57.53
CA GLU A 407 34.56 -2.98 -56.47
C GLU A 407 35.87 -2.69 -55.74
N LEU A 408 36.73 -1.92 -56.41
CA LEU A 408 38.05 -1.57 -55.91
C LEU A 408 38.01 -0.79 -54.61
N CYS A 409 37.00 0.06 -54.49
CA CYS A 409 36.90 0.96 -53.35
C CYS A 409 35.78 0.56 -52.40
N ARG A 410 35.57 -0.75 -52.27
CA ARG A 410 34.46 -1.25 -51.48
C ARG A 410 34.55 -0.89 -49.99
N HIS A 411 35.78 -0.75 -49.50
CA HIS A 411 35.98 -0.51 -48.08
C HIS A 411 35.83 0.96 -47.70
N GLU A 412 35.83 1.83 -48.71
CA GLU A 412 35.76 3.27 -48.46
C GLU A 412 34.45 3.68 -47.81
N ARG A 413 34.54 4.67 -46.93
CA ARG A 413 33.43 5.04 -46.06
C ARG A 413 32.26 5.66 -46.80
N LEU A 414 32.47 6.05 -48.06
CA LEU A 414 31.39 6.61 -48.86
C LEU A 414 30.76 5.52 -49.72
N PHE A 415 31.54 4.50 -50.04
CA PHE A 415 31.09 3.41 -50.92
C PHE A 415 30.59 2.19 -50.16
N GLN A 416 30.28 2.34 -48.88
CA GLN A 416 29.80 1.20 -48.11
C GLN A 416 28.30 0.98 -48.27
N THR A 417 27.59 2.03 -48.64
CA THR A 417 26.16 1.92 -48.90
C THR A 417 25.89 1.17 -50.22
N TYR A 418 26.97 0.77 -50.89
CA TYR A 418 26.87 0.13 -52.19
C TYR A 418 27.49 -1.28 -52.18
N TYR A 419 28.43 -1.52 -51.27
CA TYR A 419 29.34 -2.68 -51.37
C TYR A 419 29.44 -3.59 -50.14
N TRP A 420 29.77 -4.84 -50.42
CA TRP A 420 29.80 -5.90 -49.42
C TRP A 420 31.04 -5.90 -48.54
N HIS A 421 30.93 -6.51 -47.36
CA HIS A 421 32.07 -6.67 -46.47
C HIS A 421 32.23 -8.12 -46.02
N ARG B 20 -15.93 4.31 -43.93
CA ARG B 20 -14.78 5.21 -44.02
C ARG B 20 -13.87 5.00 -42.81
N MET B 21 -12.89 4.10 -42.96
CA MET B 21 -12.09 3.64 -41.83
C MET B 21 -11.00 4.60 -41.34
N VAL B 22 -10.58 4.39 -40.10
CA VAL B 22 -9.50 5.15 -39.45
C VAL B 22 -8.34 4.20 -39.18
N ILE B 23 -7.12 4.75 -39.03
CA ILE B 23 -6.02 3.92 -38.60
C ILE B 23 -5.53 4.25 -37.18
N VAL B 24 -4.67 5.25 -37.05
CA VAL B 24 -3.91 5.46 -35.82
C VAL B 24 -3.12 4.18 -35.52
N GLY B 25 -2.12 3.90 -36.36
CA GLY B 25 -1.39 2.64 -36.39
C GLY B 25 -1.07 1.88 -35.12
N LYS B 26 -0.80 0.57 -35.31
CA LYS B 26 -0.62 -0.44 -34.25
C LYS B 26 -1.96 -0.87 -33.64
N ILE B 27 -2.99 -0.08 -33.94
CA ILE B 27 -4.39 -0.44 -33.70
C ILE B 27 -5.15 0.12 -34.88
N SER B 28 -6.38 -0.36 -35.09
CA SER B 28 -7.15 0.06 -36.27
C SER B 28 -8.63 -0.26 -36.12
N PHE B 29 -9.49 0.55 -36.72
CA PHE B 29 -10.93 0.28 -36.66
C PHE B 29 -11.78 1.05 -37.66
N CYS B 30 -13.05 0.66 -37.75
CA CYS B 30 -14.05 1.35 -38.53
C CYS B 30 -15.06 1.97 -37.57
N PRO B 31 -15.28 3.29 -37.67
CA PRO B 31 -16.13 4.03 -36.73
C PRO B 31 -17.61 3.66 -36.86
N LYS B 32 -18.06 3.23 -38.03
CA LYS B 32 -19.49 2.96 -38.22
C LYS B 32 -19.96 1.72 -37.46
N ASP B 33 -19.04 0.82 -37.16
CA ASP B 33 -19.34 -0.34 -36.34
C ASP B 33 -19.14 -0.02 -34.86
N VAL B 34 -20.10 0.68 -34.26
CA VAL B 34 -20.01 1.02 -32.85
C VAL B 34 -20.75 0.00 -32.00
N LEU B 35 -20.09 -0.44 -30.93
CA LEU B 35 -20.66 -1.42 -30.03
C LEU B 35 -21.41 -0.76 -28.88
N GLY B 36 -20.76 0.19 -28.21
CA GLY B 36 -21.40 0.83 -27.07
C GLY B 36 -20.65 1.99 -26.46
N HIS B 37 -21.38 3.00 -26.01
CA HIS B 37 -20.80 4.14 -25.32
C HIS B 37 -20.70 3.88 -23.83
N GLY B 38 -19.55 4.23 -23.25
CA GLY B 38 -19.35 4.07 -21.83
C GLY B 38 -19.56 5.38 -21.11
N ALA B 39 -18.99 5.47 -19.92
CA ALA B 39 -19.10 6.68 -19.13
C ALA B 39 -18.32 7.83 -19.79
N GLU B 40 -18.63 9.05 -19.35
CA GLU B 40 -17.87 10.26 -19.71
C GLU B 40 -17.31 10.36 -21.14
N GLY B 41 -18.14 10.04 -22.12
CA GLY B 41 -17.82 10.29 -23.53
C GLY B 41 -16.90 9.30 -24.19
N THR B 42 -16.69 8.15 -23.56
CA THR B 42 -15.87 7.11 -24.14
C THR B 42 -16.71 6.23 -25.06
N ILE B 43 -16.09 5.65 -26.08
CA ILE B 43 -16.83 4.86 -27.08
C ILE B 43 -16.10 3.56 -27.49
N VAL B 44 -16.87 2.49 -27.67
CA VAL B 44 -16.32 1.20 -28.08
C VAL B 44 -16.89 0.71 -29.41
N TYR B 45 -16.00 0.46 -30.37
CA TYR B 45 -16.37 -0.06 -31.68
C TYR B 45 -15.84 -1.47 -31.85
N LYS B 46 -16.13 -2.07 -32.99
CA LYS B 46 -15.47 -3.30 -33.38
C LYS B 46 -14.36 -3.03 -34.38
N GLY B 47 -13.11 -3.06 -33.92
CA GLY B 47 -11.96 -2.93 -34.79
C GLY B 47 -11.25 -4.23 -35.09
N MET B 48 -10.05 -4.10 -35.66
CA MET B 48 -9.20 -5.23 -35.98
C MET B 48 -7.82 -5.05 -35.32
N PHE B 49 -7.00 -6.08 -35.40
CA PHE B 49 -5.63 -5.97 -34.92
C PHE B 49 -4.73 -6.67 -35.92
N ASP B 50 -4.18 -7.82 -35.55
CA ASP B 50 -3.44 -8.64 -36.51
C ASP B 50 -4.42 -8.94 -37.63
N ASN B 51 -5.42 -9.74 -37.31
CA ASN B 51 -6.51 -10.00 -38.23
C ASN B 51 -7.73 -10.46 -37.45
N ARG B 52 -7.53 -10.67 -36.15
CA ARG B 52 -8.60 -11.13 -35.27
C ARG B 52 -9.60 -10.01 -35.00
N ASP B 53 -10.87 -10.36 -34.90
CA ASP B 53 -11.90 -9.40 -34.57
C ASP B 53 -11.69 -8.90 -33.14
N VAL B 54 -11.79 -7.59 -32.96
CA VAL B 54 -11.42 -6.95 -31.71
C VAL B 54 -12.45 -5.86 -31.36
N ALA B 55 -12.63 -5.58 -30.08
CA ALA B 55 -13.37 -4.41 -29.64
C ALA B 55 -12.38 -3.31 -29.27
N VAL B 56 -12.48 -2.18 -29.96
CA VAL B 56 -11.62 -1.05 -29.68
C VAL B 56 -12.31 0.04 -28.88
N LYS B 57 -11.80 0.26 -27.68
CA LYS B 57 -12.32 1.27 -26.77
C LYS B 57 -11.53 2.55 -26.98
N ARG B 58 -12.26 3.63 -27.27
CA ARG B 58 -11.64 4.94 -27.53
C ARG B 58 -12.00 5.95 -26.45
N ILE B 59 -10.96 6.46 -25.81
CA ILE B 59 -11.09 7.17 -24.53
C ILE B 59 -10.45 8.55 -24.57
N LEU B 60 -11.10 9.50 -23.91
CA LEU B 60 -10.54 10.84 -23.74
C LEU B 60 -9.56 10.85 -22.57
N PRO B 61 -8.29 11.20 -22.84
CA PRO B 61 -7.20 11.11 -21.86
C PRO B 61 -7.39 12.04 -20.66
N GLU B 62 -8.18 13.09 -20.84
CA GLU B 62 -8.43 14.06 -19.77
C GLU B 62 -9.53 13.58 -18.84
N CYS B 63 -10.37 12.67 -19.32
CA CYS B 63 -11.46 12.10 -18.52
C CYS B 63 -11.04 10.85 -17.76
N PHE B 64 -10.57 9.86 -18.51
CA PHE B 64 -10.15 8.58 -17.94
C PHE B 64 -8.65 8.41 -17.96
N SER B 65 -8.14 7.73 -16.94
CA SER B 65 -6.70 7.57 -16.77
C SER B 65 -6.27 6.11 -16.78
N PHE B 66 -5.72 5.66 -17.90
CA PHE B 66 -5.12 4.34 -18.00
C PHE B 66 -3.87 4.29 -17.12
N ALA B 67 -3.72 3.24 -16.32
CA ALA B 67 -2.47 3.00 -15.61
C ALA B 67 -1.75 1.77 -16.18
N ASP B 68 -0.77 2.01 -17.05
CA ASP B 68 -0.10 0.95 -17.78
C ASP B 68 0.74 0.03 -16.90
N ARG B 69 1.23 0.56 -15.78
CA ARG B 69 2.06 -0.22 -14.86
C ARG B 69 1.37 -1.50 -14.38
N GLU B 70 0.17 -1.35 -13.83
CA GLU B 70 -0.63 -2.47 -13.35
C GLU B 70 -0.80 -3.50 -14.46
N VAL B 71 -1.27 -3.05 -15.61
CA VAL B 71 -1.54 -3.93 -16.75
C VAL B 71 -0.31 -4.72 -17.16
N GLN B 72 0.83 -4.06 -17.18
CA GLN B 72 2.08 -4.76 -17.43
C GLN B 72 2.31 -5.84 -16.38
N LEU B 73 2.09 -5.52 -15.10
CA LEU B 73 2.25 -6.50 -14.03
C LEU B 73 1.36 -7.72 -14.27
N LEU B 74 0.16 -7.46 -14.80
CA LEU B 74 -0.74 -8.54 -15.22
C LEU B 74 -0.07 -9.38 -16.30
N ARG B 75 0.53 -8.72 -17.29
CA ARG B 75 1.19 -9.43 -18.39
C ARG B 75 2.40 -10.25 -17.92
N GLU B 76 3.25 -9.62 -17.11
CA GLU B 76 4.48 -10.25 -16.62
C GLU B 76 4.19 -11.43 -15.69
N SER B 77 2.99 -11.47 -15.14
CA SER B 77 2.59 -12.59 -14.28
C SER B 77 1.72 -13.59 -15.06
N ASP B 78 1.56 -14.78 -14.48
CA ASP B 78 0.88 -15.90 -15.15
C ASP B 78 -0.53 -15.53 -15.58
N GLU B 79 -0.82 -15.74 -16.87
CA GLU B 79 -2.11 -15.38 -17.44
C GLU B 79 -3.26 -16.10 -16.75
N HIS B 80 -4.23 -15.34 -16.23
CA HIS B 80 -5.42 -15.92 -15.61
C HIS B 80 -6.59 -15.96 -16.60
N PRO B 81 -7.33 -17.08 -16.61
CA PRO B 81 -8.31 -17.35 -17.67
C PRO B 81 -9.54 -16.47 -17.59
N ASN B 82 -9.74 -15.84 -16.44
CA ASN B 82 -10.94 -15.05 -16.18
C ASN B 82 -10.60 -13.59 -15.92
N VAL B 83 -9.48 -13.13 -16.47
CA VAL B 83 -9.10 -11.73 -16.41
C VAL B 83 -8.69 -11.26 -17.78
N ILE B 84 -9.51 -10.40 -18.39
CA ILE B 84 -9.35 -10.02 -19.78
C ILE B 84 -7.93 -9.50 -20.06
N ARG B 85 -7.46 -9.71 -21.28
CA ARG B 85 -6.11 -9.30 -21.65
C ARG B 85 -6.17 -8.07 -22.57
N TYR B 86 -5.37 -7.05 -22.26
CA TYR B 86 -5.31 -5.86 -23.12
C TYR B 86 -4.23 -6.03 -24.19
N PHE B 87 -4.62 -5.91 -25.46
CA PHE B 87 -3.69 -6.21 -26.55
C PHE B 87 -2.50 -5.25 -26.63
N CYS B 88 -2.79 -3.96 -26.67
CA CYS B 88 -1.75 -2.94 -26.72
C CYS B 88 -2.33 -1.55 -26.49
N THR B 89 -1.48 -0.61 -26.12
CA THR B 89 -1.93 0.75 -25.85
C THR B 89 -1.13 1.80 -26.63
N GLU B 90 -1.84 2.70 -27.29
CA GLU B 90 -1.21 3.83 -27.96
C GLU B 90 -1.97 5.13 -27.70
N LYS B 91 -1.22 6.23 -27.61
CA LYS B 91 -1.80 7.54 -27.31
C LYS B 91 -1.87 8.47 -28.54
N ASP B 92 -3.05 8.59 -29.13
CA ASP B 92 -3.33 9.62 -30.12
C ASP B 92 -3.17 10.98 -29.43
N ARG B 93 -3.04 12.06 -30.20
CA ARG B 93 -2.90 13.39 -29.63
C ARG B 93 -4.09 13.72 -28.72
N GLN B 94 -5.26 13.74 -29.33
CA GLN B 94 -6.49 14.18 -28.66
C GLN B 94 -7.29 13.01 -28.07
N PHE B 95 -6.77 11.79 -28.21
CA PHE B 95 -7.49 10.58 -27.79
C PHE B 95 -6.65 9.52 -27.05
N GLN B 96 -7.16 8.30 -27.08
CA GLN B 96 -6.50 7.14 -26.47
C GLN B 96 -7.20 5.90 -27.00
N TYR B 97 -6.44 4.87 -27.37
CA TYR B 97 -7.00 3.71 -28.08
C TYR B 97 -6.61 2.36 -27.47
N ILE B 98 -7.62 1.50 -27.21
CA ILE B 98 -7.38 0.18 -26.63
C ILE B 98 -8.00 -0.96 -27.44
N ALA B 99 -7.22 -1.99 -27.72
CA ALA B 99 -7.69 -3.14 -28.49
C ALA B 99 -7.90 -4.35 -27.57
N ILE B 100 -9.13 -4.84 -27.54
CA ILE B 100 -9.60 -5.79 -26.54
C ILE B 100 -10.29 -6.97 -27.20
N GLU B 101 -10.24 -8.16 -26.59
CA GLU B 101 -10.89 -9.33 -27.16
C GLU B 101 -12.36 -9.06 -27.29
N LEU B 102 -12.85 -9.09 -28.52
CA LEU B 102 -14.28 -8.87 -28.76
C LEU B 102 -15.09 -9.96 -28.06
N CYS B 103 -15.77 -9.57 -27.00
CA CYS B 103 -16.61 -10.50 -26.26
C CYS B 103 -18.03 -10.49 -26.82
N ALA B 104 -18.77 -11.56 -26.55
CA ALA B 104 -20.09 -11.73 -27.12
C ALA B 104 -21.05 -10.82 -26.41
N ALA B 105 -20.84 -10.65 -25.11
CA ALA B 105 -21.72 -9.82 -24.30
C ALA B 105 -21.13 -9.48 -22.93
N THR B 106 -21.92 -8.73 -22.16
CA THR B 106 -21.59 -8.44 -20.77
C THR B 106 -22.57 -9.23 -19.93
N LEU B 107 -22.43 -9.17 -18.60
CA LEU B 107 -23.30 -9.93 -17.69
C LEU B 107 -24.76 -9.56 -17.86
N GLN B 108 -25.01 -8.34 -18.31
CA GLN B 108 -26.36 -7.86 -18.52
C GLN B 108 -27.11 -8.73 -19.52
N GLU B 109 -26.50 -9.00 -20.68
CA GLU B 109 -27.17 -9.81 -21.69
C GLU B 109 -27.50 -11.18 -21.11
N TYR B 110 -26.54 -11.73 -20.36
CA TYR B 110 -26.71 -13.00 -19.68
C TYR B 110 -27.97 -13.01 -18.82
N VAL B 111 -27.94 -12.27 -17.72
CA VAL B 111 -29.02 -12.39 -16.74
C VAL B 111 -30.33 -11.79 -17.24
N GLU B 112 -30.24 -10.75 -18.05
CA GLU B 112 -31.40 -9.98 -18.43
C GLU B 112 -32.07 -10.51 -19.68
N GLN B 113 -31.31 -10.63 -20.77
CA GLN B 113 -31.91 -11.02 -22.03
C GLN B 113 -32.51 -12.43 -21.96
N LYS B 114 -31.94 -13.27 -21.11
CA LYS B 114 -32.43 -14.64 -20.88
C LYS B 114 -32.36 -15.53 -22.15
N ASP B 115 -32.37 -14.90 -23.31
CA ASP B 115 -32.28 -15.58 -24.60
C ASP B 115 -30.84 -15.95 -24.91
N PHE B 116 -29.92 -15.29 -24.21
CA PHE B 116 -28.51 -15.57 -24.35
C PHE B 116 -28.30 -17.07 -24.18
N ALA B 117 -28.24 -17.77 -25.29
CA ALA B 117 -28.03 -19.22 -25.27
C ALA B 117 -26.76 -19.64 -24.55
N HIS B 118 -26.76 -19.54 -23.23
CA HIS B 118 -25.57 -19.72 -22.36
C HIS B 118 -24.17 -19.42 -23.04
N LEU B 119 -23.44 -20.36 -23.66
CA LEU B 119 -23.50 -21.84 -23.52
C LEU B 119 -22.13 -22.41 -23.15
N GLY B 120 -22.09 -23.40 -22.28
CA GLY B 120 -23.24 -23.82 -21.49
C GLY B 120 -22.76 -23.71 -20.06
N LEU B 121 -22.82 -22.51 -19.53
CA LEU B 121 -22.33 -22.27 -18.18
C LEU B 121 -23.43 -21.86 -17.21
N GLU B 122 -23.28 -22.30 -15.97
CA GLU B 122 -24.23 -21.99 -14.91
C GLU B 122 -23.88 -20.65 -14.30
N PRO B 123 -24.86 -20.00 -13.64
CA PRO B 123 -24.63 -18.70 -13.05
C PRO B 123 -23.66 -18.80 -11.88
N ILE B 124 -23.65 -19.94 -11.21
CA ILE B 124 -22.84 -20.09 -10.02
C ILE B 124 -21.38 -20.33 -10.38
N THR B 125 -21.16 -21.05 -11.46
CA THR B 125 -19.79 -21.17 -11.95
C THR B 125 -19.37 -19.83 -12.54
N LEU B 126 -20.30 -19.11 -13.13
CA LEU B 126 -20.02 -17.76 -13.62
C LEU B 126 -19.46 -16.93 -12.48
N LEU B 127 -20.08 -17.06 -11.33
CA LEU B 127 -19.62 -16.30 -10.18
C LEU B 127 -18.30 -16.87 -9.65
N HIS B 128 -18.07 -18.16 -9.84
CA HIS B 128 -16.76 -18.72 -9.47
C HIS B 128 -15.67 -18.09 -10.31
N GLN B 129 -15.84 -18.17 -11.63
CA GLN B 129 -14.96 -17.53 -12.59
C GLN B 129 -14.68 -16.12 -12.14
N THR B 130 -15.72 -15.28 -12.13
CA THR B 130 -15.57 -13.89 -11.73
C THR B 130 -14.78 -13.69 -10.42
N THR B 131 -15.17 -14.37 -9.35
CA THR B 131 -14.52 -14.20 -8.06
C THR B 131 -13.07 -14.64 -8.08
N SER B 132 -12.79 -15.67 -8.86
CA SER B 132 -11.42 -16.14 -9.01
C SER B 132 -10.56 -15.12 -9.75
N GLY B 133 -11.04 -14.63 -10.90
CA GLY B 133 -10.33 -13.62 -11.66
C GLY B 133 -10.03 -12.43 -10.78
N LEU B 134 -11.06 -11.98 -10.08
CA LEU B 134 -10.93 -10.90 -9.12
C LEU B 134 -9.84 -11.21 -8.11
N ALA B 135 -9.80 -12.45 -7.65
CA ALA B 135 -8.81 -12.86 -6.65
C ALA B 135 -7.41 -12.75 -7.23
N HIS B 136 -7.29 -13.10 -8.51
CA HIS B 136 -6.04 -13.01 -9.25
C HIS B 136 -5.60 -11.57 -9.27
N LEU B 137 -6.55 -10.67 -9.45
CA LEU B 137 -6.25 -9.24 -9.39
C LEU B 137 -5.74 -8.84 -8.01
N HIS B 138 -6.48 -9.23 -6.98
CA HIS B 138 -6.12 -8.86 -5.62
C HIS B 138 -4.80 -9.45 -5.11
N SER B 139 -4.40 -10.58 -5.67
CA SER B 139 -3.11 -11.19 -5.32
C SER B 139 -1.99 -10.27 -5.79
N LEU B 140 -2.23 -9.64 -6.93
CA LEU B 140 -1.30 -8.67 -7.49
C LEU B 140 -1.42 -7.30 -6.82
N ASN B 141 -2.10 -7.27 -5.67
CA ASN B 141 -2.36 -6.04 -4.94
C ASN B 141 -2.93 -4.95 -5.86
N ILE B 142 -3.86 -5.36 -6.71
CA ILE B 142 -4.49 -4.49 -7.69
C ILE B 142 -6.00 -4.51 -7.51
N VAL B 143 -6.60 -3.33 -7.45
CA VAL B 143 -8.03 -3.19 -7.17
C VAL B 143 -8.78 -2.59 -8.37
N HIS B 144 -9.97 -3.11 -8.64
CA HIS B 144 -10.73 -2.70 -9.82
C HIS B 144 -11.37 -1.33 -9.65
N ARG B 145 -11.93 -1.08 -8.46
CA ARG B 145 -12.61 0.19 -8.14
C ARG B 145 -13.96 0.36 -8.84
N ASP B 146 -14.18 -0.39 -9.92
CA ASP B 146 -15.43 -0.29 -10.65
C ASP B 146 -15.87 -1.64 -11.20
N LEU B 147 -16.48 -2.44 -10.33
CA LEU B 147 -16.98 -3.74 -10.72
C LEU B 147 -18.49 -3.65 -10.93
N LYS B 148 -18.92 -3.94 -12.15
CA LYS B 148 -20.33 -3.79 -12.52
C LYS B 148 -20.72 -4.90 -13.49
N PRO B 149 -22.00 -4.98 -13.90
CA PRO B 149 -22.29 -6.08 -14.82
C PRO B 149 -21.75 -5.78 -16.21
N HIS B 150 -21.49 -4.52 -16.49
CA HIS B 150 -20.89 -4.14 -17.77
C HIS B 150 -19.40 -4.44 -17.86
N ASN B 151 -18.73 -4.54 -16.72
CA ASN B 151 -17.32 -4.86 -16.69
C ASN B 151 -17.07 -6.34 -16.37
N ILE B 152 -18.08 -7.17 -16.59
CA ILE B 152 -17.91 -8.61 -16.57
C ILE B 152 -18.39 -9.18 -17.91
N LEU B 153 -17.44 -9.54 -18.76
CA LEU B 153 -17.74 -9.90 -20.12
C LEU B 153 -17.75 -11.39 -20.33
N LEU B 154 -18.47 -11.79 -21.37
CA LEU B 154 -18.59 -13.19 -21.75
C LEU B 154 -17.95 -13.43 -23.10
N SER B 155 -17.07 -14.42 -23.14
CA SER B 155 -16.34 -14.77 -24.34
C SER B 155 -17.28 -15.10 -25.49
N MET B 156 -16.72 -15.14 -26.68
CA MET B 156 -17.42 -15.75 -27.80
C MET B 156 -17.29 -17.26 -27.54
N PRO B 157 -18.21 -18.06 -28.09
CA PRO B 157 -18.14 -19.51 -27.89
C PRO B 157 -16.79 -20.07 -28.31
N ASN B 158 -16.28 -21.03 -27.54
CA ASN B 158 -14.98 -21.62 -27.83
C ASN B 158 -15.10 -22.83 -28.76
N ALA B 159 -14.07 -23.70 -28.73
CA ALA B 159 -13.98 -24.88 -29.59
C ALA B 159 -15.21 -25.79 -29.57
N HIS B 160 -15.55 -26.32 -28.39
CA HIS B 160 -16.74 -27.16 -28.24
C HIS B 160 -17.91 -26.34 -27.71
N GLY B 161 -17.83 -25.02 -27.90
CA GLY B 161 -18.97 -24.15 -27.69
C GLY B 161 -19.13 -23.56 -26.29
N ARG B 162 -18.19 -23.83 -25.40
CA ARG B 162 -18.29 -23.33 -24.03
C ARG B 162 -17.98 -21.81 -23.88
N ILE B 163 -18.56 -21.19 -22.85
CA ILE B 163 -18.46 -19.75 -22.61
C ILE B 163 -17.73 -19.45 -21.30
N LYS B 164 -16.85 -18.46 -21.30
CA LYS B 164 -16.16 -18.07 -20.07
C LYS B 164 -16.34 -16.58 -19.74
N ALA B 165 -16.14 -16.23 -18.47
CA ALA B 165 -16.35 -14.88 -17.98
C ALA B 165 -15.07 -14.24 -17.52
N MET B 166 -14.81 -13.02 -18.00
CA MET B 166 -13.59 -12.30 -17.65
C MET B 166 -13.96 -10.92 -17.16
N ILE B 167 -13.19 -10.37 -16.21
CA ILE B 167 -13.39 -8.97 -15.84
C ILE B 167 -12.60 -8.04 -16.74
N SER B 168 -13.17 -6.89 -17.04
CA SER B 168 -12.53 -5.91 -17.92
C SER B 168 -12.47 -4.53 -17.25
N ASP B 169 -12.13 -3.50 -18.04
CA ASP B 169 -12.04 -2.11 -17.58
C ASP B 169 -11.29 -1.88 -16.27
N PHE B 170 -10.33 -2.74 -15.98
CA PHE B 170 -9.52 -2.63 -14.78
C PHE B 170 -8.27 -1.79 -14.99
N GLY B 171 -7.69 -1.31 -13.89
CA GLY B 171 -6.49 -0.50 -13.98
C GLY B 171 -6.70 0.88 -14.56
N LEU B 172 -7.93 1.21 -14.91
CA LEU B 172 -8.27 2.57 -15.32
C LEU B 172 -9.28 3.21 -14.36
N CYS B 173 -9.45 4.52 -14.49
CA CYS B 173 -10.22 5.28 -13.52
C CYS B 173 -10.68 6.63 -14.08
N LYS B 174 -10.83 7.60 -13.18
CA LYS B 174 -11.27 8.94 -13.55
C LYS B 174 -10.46 9.92 -12.74
N LYS B 175 -10.18 11.08 -13.32
CA LYS B 175 -9.47 12.13 -12.58
C LYS B 175 -10.45 12.99 -11.80
N LEU B 176 -10.40 14.30 -12.02
CA LEU B 176 -11.29 15.23 -11.33
C LEU B 176 -11.79 16.31 -12.29
N VAL B 189 -15.61 10.71 -8.27
CA VAL B 189 -15.48 9.41 -7.60
C VAL B 189 -15.46 8.29 -8.63
N PRO B 190 -14.56 7.31 -8.45
CA PRO B 190 -14.52 6.18 -9.40
C PRO B 190 -15.76 5.32 -9.27
N GLY B 191 -15.82 4.27 -10.08
CA GLY B 191 -16.96 3.38 -10.06
C GLY B 191 -18.16 4.04 -10.70
N THR B 192 -19.31 3.37 -10.62
CA THR B 192 -20.51 3.84 -11.28
C THR B 192 -21.69 3.86 -10.30
N GLU B 193 -22.55 4.88 -10.43
CA GLU B 193 -23.73 4.97 -9.58
C GLU B 193 -24.48 3.65 -9.54
N GLY B 194 -24.68 3.15 -8.34
CA GLY B 194 -25.47 1.95 -8.14
C GLY B 194 -24.64 0.81 -7.62
N TRP B 195 -23.35 0.85 -7.90
CA TRP B 195 -22.45 -0.25 -7.57
C TRP B 195 -21.27 0.23 -6.73
N ILE B 196 -21.45 1.39 -6.10
CA ILE B 196 -20.40 1.99 -5.27
C ILE B 196 -20.60 1.62 -3.83
N ALA B 197 -19.53 1.17 -3.18
CA ALA B 197 -19.59 0.83 -1.77
C ALA B 197 -19.97 2.06 -0.96
N PRO B 198 -20.56 1.86 0.22
CA PRO B 198 -20.92 2.96 1.11
C PRO B 198 -19.73 3.82 1.49
N GLU B 199 -18.68 3.19 2.01
CA GLU B 199 -17.51 3.90 2.52
C GLU B 199 -16.78 4.73 1.45
N MET B 200 -17.02 4.45 0.18
CA MET B 200 -16.33 5.19 -0.87
C MET B 200 -17.00 6.54 -1.12
N LEU B 201 -18.05 6.82 -0.35
CA LEU B 201 -18.82 8.04 -0.54
C LEU B 201 -18.83 8.90 0.72
N SER B 202 -17.73 8.83 1.48
CA SER B 202 -17.61 9.59 2.71
C SER B 202 -16.14 9.95 3.01
N GLU B 203 -15.84 11.23 2.98
CA GLU B 203 -14.49 11.73 3.19
C GLU B 203 -14.00 11.38 4.59
N PRO B 209 -8.39 3.17 -1.75
CA PRO B 209 -9.37 2.12 -1.51
C PRO B 209 -8.73 0.73 -1.51
N THR B 210 -9.26 -0.19 -0.72
CA THR B 210 -8.76 -1.56 -0.71
C THR B 210 -9.60 -2.50 -1.56
N TYR B 211 -9.41 -3.79 -1.33
CA TYR B 211 -10.11 -4.81 -2.08
C TYR B 211 -11.59 -4.87 -1.71
N THR B 212 -11.90 -4.45 -0.49
CA THR B 212 -13.25 -4.57 0.06
C THR B 212 -14.31 -3.93 -0.82
N VAL B 213 -13.98 -2.80 -1.45
CA VAL B 213 -14.94 -2.12 -2.31
C VAL B 213 -15.31 -3.03 -3.48
N ASP B 214 -14.32 -3.81 -3.92
CA ASP B 214 -14.55 -4.79 -4.96
C ASP B 214 -15.35 -5.97 -4.44
N ILE B 215 -15.20 -6.30 -3.16
CA ILE B 215 -15.99 -7.40 -2.60
C ILE B 215 -17.47 -7.00 -2.42
N PHE B 216 -17.70 -5.72 -2.16
CA PHE B 216 -19.05 -5.21 -2.03
C PHE B 216 -19.71 -5.19 -3.38
N SER B 217 -19.05 -4.51 -4.32
CA SER B 217 -19.49 -4.55 -5.70
C SER B 217 -19.82 -5.99 -6.12
N ALA B 218 -18.90 -6.91 -5.81
CA ALA B 218 -19.09 -8.30 -6.18
C ALA B 218 -20.31 -8.95 -5.54
N GLY B 219 -20.60 -8.62 -4.29
CA GLY B 219 -21.83 -9.09 -3.66
C GLY B 219 -23.08 -8.64 -4.39
N CYS B 220 -23.08 -7.35 -4.73
CA CYS B 220 -24.17 -6.85 -5.57
C CYS B 220 -24.31 -7.64 -6.86
N VAL B 221 -23.24 -7.76 -7.65
CA VAL B 221 -23.35 -8.52 -8.91
C VAL B 221 -23.69 -10.01 -8.72
N PHE B 222 -23.29 -10.58 -7.59
CA PHE B 222 -23.76 -11.91 -7.20
C PHE B 222 -25.27 -11.93 -7.11
N TYR B 223 -25.83 -10.95 -6.40
CA TYR B 223 -27.27 -10.93 -6.28
C TYR B 223 -27.93 -10.69 -7.62
N TYR B 224 -27.35 -9.82 -8.42
CA TYR B 224 -27.87 -9.52 -9.73
C TYR B 224 -27.92 -10.76 -10.59
N VAL B 225 -26.96 -11.66 -10.41
CA VAL B 225 -26.92 -12.88 -11.22
C VAL B 225 -27.88 -13.94 -10.69
N ILE B 226 -27.76 -14.26 -9.41
CA ILE B 226 -28.58 -15.28 -8.80
C ILE B 226 -30.06 -14.94 -8.92
N SER B 227 -30.39 -13.67 -8.72
CA SER B 227 -31.78 -13.24 -8.59
C SER B 227 -32.41 -12.94 -9.92
N GLU B 228 -31.76 -13.37 -10.99
CA GLU B 228 -32.30 -13.27 -12.34
C GLU B 228 -32.54 -11.82 -12.77
N GLY B 229 -32.09 -10.87 -11.96
CA GLY B 229 -32.09 -9.49 -12.41
C GLY B 229 -32.18 -8.46 -11.32
N TYR B 230 -32.81 -8.82 -10.23
CA TYR B 230 -33.12 -7.86 -9.18
C TYR B 230 -31.84 -7.43 -8.50
N HIS B 231 -31.78 -6.16 -8.14
CA HIS B 231 -30.62 -5.63 -7.44
C HIS B 231 -30.96 -5.64 -5.97
N PRO B 232 -29.98 -5.91 -5.11
CA PRO B 232 -30.34 -5.99 -3.69
C PRO B 232 -30.71 -4.66 -3.05
N PHE B 233 -30.76 -3.57 -3.82
CA PHE B 233 -30.72 -2.24 -3.22
C PHE B 233 -31.60 -1.03 -3.65
N GLY B 234 -32.65 -1.14 -4.47
CA GLY B 234 -33.01 -2.28 -5.28
C GLY B 234 -33.40 -1.75 -6.65
N LYS B 235 -34.05 -0.60 -6.67
CA LYS B 235 -34.38 0.08 -7.94
C LYS B 235 -33.32 1.11 -8.34
N SER B 236 -33.17 1.31 -9.64
CA SER B 236 -32.12 2.15 -10.23
C SER B 236 -31.95 3.53 -9.58
N LEU B 237 -33.05 4.25 -9.41
CA LEU B 237 -32.98 5.63 -8.92
C LEU B 237 -32.62 5.69 -7.44
N GLN B 238 -33.12 4.73 -6.68
CA GLN B 238 -32.98 4.76 -5.22
C GLN B 238 -31.78 3.95 -4.77
N ARG B 239 -31.29 3.12 -5.68
CA ARG B 239 -30.22 2.12 -5.45
C ARG B 239 -29.06 2.57 -4.56
N GLN B 240 -28.40 3.66 -4.96
CA GLN B 240 -27.22 4.16 -4.24
C GLN B 240 -27.62 4.89 -2.97
N ALA B 241 -28.77 5.56 -3.03
CA ALA B 241 -29.34 6.19 -1.84
C ALA B 241 -29.49 5.13 -0.75
N ASN B 242 -30.08 4.01 -1.10
CA ASN B 242 -30.18 2.88 -0.18
C ASN B 242 -28.83 2.24 0.18
N ILE B 243 -27.87 2.30 -0.73
CA ILE B 243 -26.50 1.86 -0.43
C ILE B 243 -25.97 2.60 0.79
N LEU B 244 -26.10 3.92 0.79
CA LEU B 244 -25.67 4.68 1.97
C LEU B 244 -26.62 4.45 3.14
N LEU B 245 -27.90 4.29 2.84
CA LEU B 245 -28.90 4.03 3.85
C LEU B 245 -28.71 2.68 4.52
N GLY B 246 -28.28 1.68 3.74
CA GLY B 246 -28.10 0.34 4.25
C GLY B 246 -29.30 -0.56 3.97
N ALA B 247 -30.14 -0.14 3.04
CA ALA B 247 -31.34 -0.89 2.70
C ALA B 247 -31.04 -2.08 1.79
N CYS B 248 -31.57 -3.24 2.15
CA CYS B 248 -31.39 -4.43 1.33
C CYS B 248 -32.73 -5.17 1.24
N ASN B 249 -32.99 -5.86 0.14
CA ASN B 249 -34.23 -6.60 0.04
C ASN B 249 -34.01 -8.09 0.19
N LEU B 250 -33.39 -8.70 -0.81
CA LEU B 250 -32.98 -10.11 -0.74
C LEU B 250 -34.18 -11.04 -0.63
N ASP B 251 -35.34 -10.56 -1.07
CA ASP B 251 -36.59 -11.29 -0.87
C ASP B 251 -36.71 -12.50 -1.79
N CYS B 252 -35.72 -12.69 -2.65
CA CYS B 252 -35.67 -13.83 -3.55
C CYS B 252 -35.13 -15.06 -2.82
N PHE B 253 -34.61 -14.82 -1.62
CA PHE B 253 -33.96 -15.85 -0.83
C PHE B 253 -34.84 -16.35 0.31
N HIS B 254 -35.68 -17.33 0.01
CA HIS B 254 -36.54 -17.92 1.03
C HIS B 254 -35.72 -18.57 2.11
N SER B 255 -36.35 -19.01 3.18
CA SER B 255 -35.59 -19.62 4.25
C SER B 255 -35.82 -21.12 4.32
N ASP B 256 -36.73 -21.61 3.49
CA ASP B 256 -37.06 -23.02 3.47
C ASP B 256 -36.28 -23.75 2.38
N LYS B 257 -35.46 -23.00 1.65
CA LYS B 257 -34.65 -23.58 0.58
C LYS B 257 -33.15 -23.45 0.83
N HIS B 258 -32.50 -24.61 0.89
CA HIS B 258 -31.07 -24.75 1.11
C HIS B 258 -30.21 -23.72 0.38
N GLU B 259 -30.15 -23.87 -0.93
CA GLU B 259 -29.32 -23.03 -1.79
C GLU B 259 -29.54 -21.54 -1.52
N ASP B 260 -30.77 -21.19 -1.20
CA ASP B 260 -31.11 -19.80 -0.90
C ASP B 260 -30.51 -19.39 0.43
N VAL B 261 -30.52 -20.29 1.41
CA VAL B 261 -29.94 -20.02 2.72
C VAL B 261 -28.44 -19.80 2.60
N ILE B 262 -27.81 -20.57 1.72
CA ILE B 262 -26.37 -20.45 1.48
C ILE B 262 -26.02 -19.13 0.80
N ALA B 263 -26.60 -18.93 -0.39
CA ALA B 263 -26.49 -17.66 -1.10
C ALA B 263 -26.69 -16.46 -0.19
N ARG B 264 -27.83 -16.42 0.50
CA ARG B 264 -28.13 -15.33 1.43
C ARG B 264 -27.01 -15.19 2.44
N GLU B 265 -26.58 -16.30 3.04
CA GLU B 265 -25.54 -16.22 4.05
C GLU B 265 -24.27 -15.53 3.53
N LEU B 266 -23.85 -15.90 2.32
CA LEU B 266 -22.64 -15.31 1.73
C LEU B 266 -22.82 -13.85 1.31
N ILE B 267 -23.86 -13.57 0.53
CA ILE B 267 -24.08 -12.23 0.01
C ILE B 267 -24.28 -11.25 1.15
N GLU B 268 -24.97 -11.69 2.20
CA GLU B 268 -25.20 -10.91 3.41
C GLU B 268 -23.88 -10.30 3.87
N LYS B 269 -22.85 -11.14 3.94
CA LYS B 269 -21.54 -10.67 4.37
C LYS B 269 -20.82 -9.87 3.27
N MET B 270 -21.05 -10.21 2.01
CA MET B 270 -20.34 -9.49 0.94
C MET B 270 -20.77 -8.02 0.86
N ILE B 271 -22.04 -7.75 1.13
CA ILE B 271 -22.55 -6.38 1.04
C ILE B 271 -22.75 -5.78 2.42
N ALA B 272 -21.95 -6.23 3.39
CA ALA B 272 -22.02 -5.68 4.73
C ALA B 272 -21.47 -4.26 4.73
N MET B 273 -22.17 -3.36 5.42
CA MET B 273 -21.84 -1.94 5.45
C MET B 273 -20.45 -1.69 6.00
N ASP B 274 -20.12 -2.40 7.08
CA ASP B 274 -18.79 -2.37 7.66
C ASP B 274 -17.80 -3.10 6.73
N PRO B 275 -16.87 -2.35 6.12
CA PRO B 275 -15.89 -2.92 5.18
C PRO B 275 -15.01 -3.99 5.81
N GLN B 276 -14.88 -3.97 7.14
CA GLN B 276 -14.10 -4.98 7.84
C GLN B 276 -14.85 -6.30 7.88
N GLN B 277 -16.14 -6.26 7.59
CA GLN B 277 -16.99 -7.44 7.69
C GLN B 277 -17.03 -8.21 6.40
N ARG B 278 -16.52 -7.59 5.33
CA ARG B 278 -16.55 -8.19 4.00
C ARG B 278 -15.47 -9.25 3.83
N PRO B 279 -15.82 -10.39 3.25
CA PRO B 279 -14.85 -11.48 3.09
C PRO B 279 -13.88 -11.22 1.94
N SER B 280 -12.64 -11.67 2.12
CA SER B 280 -11.57 -11.47 1.14
C SER B 280 -11.82 -12.21 -0.18
N ALA B 281 -11.04 -11.88 -1.19
CA ALA B 281 -11.22 -12.47 -2.52
C ALA B 281 -11.17 -14.00 -2.54
N LYS B 282 -10.28 -14.55 -1.71
CA LYS B 282 -10.13 -16.00 -1.65
C LYS B 282 -11.21 -16.59 -0.78
N HIS B 283 -11.46 -15.92 0.33
CA HIS B 283 -12.46 -16.36 1.29
C HIS B 283 -13.80 -16.67 0.60
N VAL B 284 -14.22 -15.78 -0.29
CA VAL B 284 -15.46 -15.96 -1.04
C VAL B 284 -15.41 -17.20 -1.93
N LEU B 285 -14.27 -17.43 -2.56
CA LEU B 285 -14.06 -18.64 -3.36
C LEU B 285 -14.24 -19.88 -2.52
N LYS B 286 -13.90 -19.78 -1.24
CA LYS B 286 -13.91 -20.96 -0.40
C LYS B 286 -15.28 -21.31 0.21
N HIS B 287 -16.25 -20.42 0.03
CA HIS B 287 -17.60 -20.61 0.56
C HIS B 287 -18.31 -21.88 0.05
N PRO B 288 -19.22 -22.44 0.87
CA PRO B 288 -20.13 -23.52 0.49
C PRO B 288 -20.97 -23.19 -0.72
N PHE B 289 -21.19 -21.90 -0.96
CA PHE B 289 -22.01 -21.45 -2.08
C PHE B 289 -21.46 -22.01 -3.37
N PHE B 290 -20.16 -22.27 -3.39
CA PHE B 290 -19.51 -22.71 -4.61
C PHE B 290 -19.37 -24.23 -4.73
N TRP B 291 -19.51 -24.92 -3.61
CA TRP B 291 -19.28 -26.36 -3.57
C TRP B 291 -20.12 -27.12 -4.57
N SER B 292 -19.53 -28.16 -5.15
CA SER B 292 -20.24 -29.10 -5.99
C SER B 292 -21.09 -29.99 -5.11
N LEU B 293 -21.95 -30.81 -5.71
CA LEU B 293 -22.80 -31.68 -4.91
C LEU B 293 -21.95 -32.69 -4.18
N GLU B 294 -21.01 -33.28 -4.92
CA GLU B 294 -20.08 -34.25 -4.38
C GLU B 294 -19.33 -33.68 -3.18
N LYS B 295 -18.92 -32.43 -3.30
CA LYS B 295 -18.17 -31.75 -2.24
C LYS B 295 -19.01 -31.59 -0.98
N GLN B 296 -20.29 -31.30 -1.15
CA GLN B 296 -21.19 -31.13 -0.02
C GLN B 296 -21.35 -32.47 0.65
N LEU B 297 -21.57 -33.49 -0.15
CA LEU B 297 -21.76 -34.83 0.39
C LEU B 297 -20.54 -35.25 1.18
N GLN B 298 -19.38 -35.08 0.56
CA GLN B 298 -18.11 -35.45 1.16
C GLN B 298 -17.92 -34.69 2.45
N PHE B 299 -18.36 -33.44 2.45
CA PHE B 299 -18.34 -32.62 3.64
C PHE B 299 -19.12 -33.34 4.74
N PHE B 300 -20.32 -33.80 4.41
CA PHE B 300 -21.15 -34.46 5.41
C PHE B 300 -20.49 -35.75 5.93
N GLN B 301 -19.87 -36.49 5.03
CA GLN B 301 -19.16 -37.69 5.40
C GLN B 301 -18.02 -37.38 6.38
N ASP B 302 -17.06 -36.60 5.90
CA ASP B 302 -15.91 -36.17 6.70
C ASP B 302 -16.34 -35.69 8.07
N VAL B 303 -17.32 -34.78 8.12
CA VAL B 303 -17.80 -34.27 9.39
C VAL B 303 -18.27 -35.40 10.28
N SER B 304 -19.11 -36.28 9.74
CA SER B 304 -19.63 -37.40 10.53
C SER B 304 -18.53 -38.28 11.08
N ASP B 305 -17.48 -38.49 10.30
CA ASP B 305 -16.35 -39.30 10.76
C ASP B 305 -15.60 -38.60 11.90
N ARG B 306 -15.26 -37.33 11.69
CA ARG B 306 -14.44 -36.57 12.64
C ARG B 306 -15.17 -36.28 13.95
N ILE B 307 -16.48 -36.25 13.93
CA ILE B 307 -17.22 -36.03 15.16
C ILE B 307 -17.42 -37.33 15.93
N GLU B 308 -17.26 -38.44 15.22
CA GLU B 308 -17.39 -39.75 15.83
C GLU B 308 -16.13 -40.06 16.60
N LYS B 309 -16.26 -40.91 17.62
CA LYS B 309 -15.16 -41.22 18.54
C LYS B 309 -14.73 -40.01 19.36
N GLU B 310 -15.71 -39.25 19.83
CA GLU B 310 -15.43 -38.17 20.77
C GLU B 310 -16.63 -38.03 21.71
N ALA B 311 -16.38 -37.59 22.93
CA ALA B 311 -17.45 -37.57 23.92
C ALA B 311 -18.52 -36.55 23.59
N LEU B 312 -19.74 -36.82 24.05
CA LEU B 312 -20.85 -35.88 23.94
C LEU B 312 -20.52 -34.56 24.67
N ASP B 313 -19.67 -34.68 25.68
CA ASP B 313 -19.24 -33.53 26.47
C ASP B 313 -18.33 -32.60 25.67
N GLY B 314 -17.53 -33.18 24.78
CA GLY B 314 -16.54 -32.45 24.00
C GLY B 314 -17.08 -31.19 23.36
N PRO B 315 -16.17 -30.24 23.04
CA PRO B 315 -16.57 -28.93 22.50
C PRO B 315 -17.33 -29.04 21.18
N ILE B 316 -16.72 -29.73 20.23
CA ILE B 316 -17.29 -29.99 18.91
C ILE B 316 -18.72 -30.53 18.95
N VAL B 317 -18.93 -31.71 19.55
CA VAL B 317 -20.25 -32.33 19.58
C VAL B 317 -21.32 -31.49 20.26
N ARG B 318 -20.99 -30.96 21.42
CA ARG B 318 -21.93 -30.13 22.16
C ARG B 318 -22.31 -28.93 21.30
N GLN B 319 -21.31 -28.34 20.65
CA GLN B 319 -21.56 -27.19 19.77
C GLN B 319 -22.44 -27.56 18.56
N LEU B 320 -22.29 -28.78 18.06
CA LEU B 320 -23.00 -29.21 16.87
C LEU B 320 -24.51 -29.34 17.13
N GLU B 321 -24.88 -29.56 18.38
CA GLU B 321 -26.29 -29.63 18.75
C GLU B 321 -26.72 -28.33 19.43
N ARG B 322 -25.94 -27.27 19.23
CA ARG B 322 -26.29 -25.97 19.82
C ARG B 322 -27.63 -25.44 19.27
N GLY B 323 -27.73 -25.26 17.96
CA GLY B 323 -29.00 -24.92 17.34
C GLY B 323 -29.96 -26.08 17.43
N GLY B 324 -29.38 -27.28 17.48
CA GLY B 324 -30.10 -28.51 17.76
C GLY B 324 -31.42 -28.73 17.08
N ARG B 325 -32.44 -29.03 17.89
CA ARG B 325 -33.77 -29.41 17.43
C ARG B 325 -34.31 -28.53 16.31
N ALA B 326 -33.87 -27.28 16.27
CA ALA B 326 -34.33 -26.32 15.27
C ALA B 326 -34.15 -26.82 13.85
N VAL B 327 -32.91 -27.10 13.47
CA VAL B 327 -32.55 -27.50 12.11
C VAL B 327 -33.09 -28.89 11.76
N VAL B 328 -33.01 -29.79 12.72
CA VAL B 328 -33.41 -31.18 12.52
C VAL B 328 -34.91 -31.32 12.26
N LYS B 329 -35.66 -30.26 12.56
CA LYS B 329 -37.12 -30.30 12.67
C LYS B 329 -37.55 -31.23 13.81
N MET B 330 -37.04 -30.94 15.01
CA MET B 330 -37.32 -31.71 16.24
C MET B 330 -36.69 -33.12 16.26
N ASP B 331 -37.22 -34.01 15.42
CA ASP B 331 -36.69 -35.36 15.28
C ASP B 331 -36.60 -35.60 13.78
N TRP B 332 -35.42 -35.99 13.28
CA TRP B 332 -35.29 -36.08 11.84
C TRP B 332 -35.99 -37.29 11.25
N ARG B 333 -36.19 -38.30 12.10
CA ARG B 333 -36.73 -39.59 11.65
C ARG B 333 -38.09 -39.49 10.92
N GLU B 334 -39.03 -38.73 11.47
CA GLU B 334 -40.36 -38.70 10.86
C GLU B 334 -40.39 -37.78 9.63
N ASN B 335 -39.40 -36.91 9.50
CA ASN B 335 -39.35 -35.95 8.39
C ASN B 335 -38.74 -36.49 7.10
N ILE B 336 -38.46 -37.80 7.08
CA ILE B 336 -37.84 -38.43 5.92
C ILE B 336 -38.77 -39.45 5.25
N THR B 337 -38.39 -39.91 4.06
CA THR B 337 -39.24 -40.83 3.30
C THR B 337 -39.46 -42.16 4.04
N VAL B 338 -40.47 -42.90 3.61
CA VAL B 338 -40.86 -44.13 4.31
C VAL B 338 -39.82 -45.27 4.31
N PRO B 339 -39.35 -45.72 3.13
CA PRO B 339 -38.45 -46.88 3.10
C PRO B 339 -37.21 -46.64 3.96
N LEU B 340 -36.64 -45.46 3.78
CA LEU B 340 -35.47 -45.04 4.54
C LEU B 340 -35.74 -45.13 6.04
N GLN B 341 -36.96 -44.82 6.45
CA GLN B 341 -37.29 -44.88 7.87
C GLN B 341 -37.50 -46.32 8.32
N THR B 342 -37.93 -47.19 7.43
CA THR B 342 -38.07 -48.60 7.80
C THR B 342 -36.69 -49.24 8.00
N ASP B 343 -35.76 -48.95 7.10
CA ASP B 343 -34.37 -49.38 7.28
C ASP B 343 -33.81 -48.83 8.59
N LEU B 344 -33.97 -47.52 8.78
CA LEU B 344 -33.44 -46.88 9.97
C LEU B 344 -34.03 -47.40 11.28
N ARG B 345 -35.34 -47.66 11.28
CA ARG B 345 -36.01 -48.30 12.41
C ARG B 345 -35.41 -49.68 12.66
N LYS B 346 -35.13 -50.39 11.57
CA LYS B 346 -34.47 -51.69 11.64
C LYS B 346 -33.10 -51.62 12.33
N PHE B 347 -32.40 -50.50 12.13
CA PHE B 347 -31.04 -50.35 12.67
C PHE B 347 -30.87 -49.49 13.93
N ARG B 348 -31.49 -48.31 13.92
CA ARG B 348 -31.33 -47.31 14.98
C ARG B 348 -31.80 -47.80 16.34
N THR B 349 -31.18 -47.38 17.46
CA THR B 349 -29.89 -46.64 17.63
C THR B 349 -29.54 -45.23 17.05
N TYR B 350 -30.53 -44.48 16.59
CA TYR B 350 -30.31 -43.11 16.12
C TYR B 350 -31.31 -42.21 16.84
N LYS B 351 -30.82 -41.33 17.71
CA LYS B 351 -31.70 -40.51 18.53
C LYS B 351 -32.73 -39.79 17.66
N GLY B 352 -32.24 -38.96 16.75
CA GLY B 352 -33.11 -38.20 15.89
C GLY B 352 -33.30 -36.81 16.46
N GLY B 353 -33.15 -36.70 17.78
CA GLY B 353 -33.16 -35.41 18.43
C GLY B 353 -31.81 -34.75 18.18
N SER B 354 -30.87 -35.53 17.66
CA SER B 354 -29.53 -35.04 17.37
C SER B 354 -29.31 -34.90 15.87
N VAL B 355 -28.59 -33.85 15.49
CA VAL B 355 -28.11 -33.74 14.13
C VAL B 355 -27.03 -34.78 13.90
N ARG B 356 -26.22 -35.02 14.92
CA ARG B 356 -25.07 -35.90 14.79
C ARG B 356 -25.48 -37.30 14.39
N ASP B 357 -26.57 -37.76 14.99
CA ASP B 357 -27.17 -39.02 14.58
C ASP B 357 -27.61 -38.98 13.10
N LEU B 358 -28.14 -37.85 12.66
CA LEU B 358 -28.49 -37.71 11.24
C LEU B 358 -27.26 -37.85 10.37
N LEU B 359 -26.25 -37.02 10.61
CA LEU B 359 -25.01 -37.06 9.85
C LEU B 359 -24.48 -38.48 9.79
N ARG B 360 -24.34 -39.10 10.95
CA ARG B 360 -23.83 -40.47 11.04
C ARG B 360 -24.67 -41.44 10.22
N ALA B 361 -25.99 -41.21 10.21
CA ALA B 361 -26.91 -42.03 9.44
C ALA B 361 -26.69 -41.85 7.94
N MET B 362 -26.37 -40.62 7.56
CA MET B 362 -26.19 -40.27 6.16
C MET B 362 -24.90 -40.89 5.67
N ARG B 363 -23.86 -40.77 6.47
CA ARG B 363 -22.55 -41.34 6.17
C ARG B 363 -22.65 -42.85 6.07
N ASN B 364 -23.31 -43.48 7.03
CA ASN B 364 -23.55 -44.92 6.96
C ASN B 364 -24.31 -45.31 5.69
N LYS B 365 -25.39 -44.61 5.37
CA LYS B 365 -26.22 -44.95 4.21
C LYS B 365 -25.49 -44.72 2.89
N LYS B 366 -24.65 -43.69 2.86
CA LYS B 366 -23.87 -43.37 1.67
C LYS B 366 -22.84 -44.47 1.47
N HIS B 367 -22.16 -44.81 2.56
CA HIS B 367 -21.11 -45.82 2.52
C HIS B 367 -21.66 -47.17 2.07
N HIS B 368 -22.69 -47.64 2.75
CA HIS B 368 -23.28 -48.94 2.48
C HIS B 368 -24.30 -48.94 1.35
N TYR B 369 -24.27 -47.90 0.53
CA TYR B 369 -25.32 -47.68 -0.46
C TYR B 369 -25.61 -48.88 -1.35
N ARG B 370 -24.56 -49.47 -1.91
CA ARG B 370 -24.73 -50.53 -2.89
C ARG B 370 -25.47 -51.75 -2.35
N GLU B 371 -25.20 -52.09 -1.10
CA GLU B 371 -25.83 -53.24 -0.46
C GLU B 371 -27.13 -52.89 0.27
N LEU B 372 -27.92 -52.00 -0.34
CA LEU B 372 -29.19 -51.56 0.23
C LEU B 372 -30.38 -52.05 -0.58
N PRO B 373 -31.53 -52.29 0.08
CA PRO B 373 -32.79 -52.63 -0.58
C PRO B 373 -33.10 -51.67 -1.73
N VAL B 374 -33.43 -52.23 -2.90
CA VAL B 374 -33.54 -51.47 -4.14
C VAL B 374 -34.50 -50.27 -4.07
N GLU B 375 -35.52 -50.37 -3.23
CA GLU B 375 -36.45 -49.26 -3.00
C GLU B 375 -35.73 -48.08 -2.34
N VAL B 376 -34.92 -48.40 -1.34
CA VAL B 376 -34.10 -47.41 -0.66
C VAL B 376 -33.21 -46.69 -1.67
N GLN B 377 -32.48 -47.44 -2.49
CA GLN B 377 -31.67 -46.87 -3.55
C GLN B 377 -32.50 -45.99 -4.47
N GLU B 378 -33.75 -46.39 -4.70
CA GLU B 378 -34.63 -45.63 -5.58
C GLU B 378 -34.99 -44.26 -5.02
N THR B 379 -35.26 -44.19 -3.71
CA THR B 379 -35.59 -42.91 -3.11
C THR B 379 -34.36 -42.03 -2.84
N LEU B 380 -33.27 -42.65 -2.39
CA LEU B 380 -32.06 -41.92 -2.03
C LEU B 380 -31.23 -41.56 -3.26
N GLY B 381 -30.75 -42.58 -3.96
CA GLY B 381 -29.82 -42.42 -5.08
C GLY B 381 -30.32 -41.50 -6.17
N SER B 382 -29.46 -41.16 -7.11
CA SER B 382 -28.11 -41.69 -7.20
C SER B 382 -27.14 -40.89 -6.36
N ILE B 383 -26.01 -41.49 -6.05
CA ILE B 383 -24.90 -40.79 -5.41
C ILE B 383 -24.07 -40.09 -6.48
N PRO B 384 -23.60 -38.86 -6.21
CA PRO B 384 -23.80 -38.08 -4.98
C PRO B 384 -24.81 -36.95 -5.17
N ASP B 385 -25.14 -36.64 -6.41
CA ASP B 385 -26.03 -35.53 -6.72
C ASP B 385 -27.39 -35.69 -6.05
N ASP B 386 -28.19 -36.61 -6.57
CA ASP B 386 -29.51 -36.89 -6.02
C ASP B 386 -29.48 -37.27 -4.54
N PHE B 387 -28.44 -37.98 -4.12
CA PHE B 387 -28.31 -38.36 -2.72
C PHE B 387 -28.28 -37.14 -1.82
N VAL B 388 -27.27 -36.29 -1.99
CA VAL B 388 -27.12 -35.16 -1.09
C VAL B 388 -28.25 -34.16 -1.26
N ARG B 389 -28.80 -34.07 -2.48
CA ARG B 389 -29.94 -33.21 -2.74
C ARG B 389 -31.20 -33.71 -2.04
N TYR B 390 -31.25 -35.02 -1.78
CA TYR B 390 -32.36 -35.61 -1.04
C TYR B 390 -32.38 -35.15 0.40
N PHE B 391 -31.21 -34.92 0.99
CA PHE B 391 -31.19 -34.48 2.38
C PHE B 391 -31.26 -32.96 2.50
N THR B 392 -30.51 -32.24 1.66
CA THR B 392 -30.57 -30.78 1.71
C THR B 392 -31.94 -30.25 1.25
N SER B 393 -32.62 -31.03 0.41
CA SER B 393 -34.02 -30.74 0.12
C SER B 393 -34.79 -30.60 1.42
N ARG B 394 -34.67 -31.61 2.28
CA ARG B 394 -35.56 -31.75 3.43
C ARG B 394 -35.06 -31.08 4.71
N PHE B 395 -33.82 -30.60 4.69
CA PHE B 395 -33.26 -29.95 5.86
C PHE B 395 -32.42 -28.78 5.41
N PRO B 396 -33.07 -27.67 5.08
CA PRO B 396 -32.44 -26.56 4.37
C PRO B 396 -31.34 -25.88 5.20
N HIS B 397 -31.36 -26.09 6.50
CA HIS B 397 -30.37 -25.45 7.34
C HIS B 397 -29.28 -26.40 7.80
N LEU B 398 -29.35 -27.64 7.34
CA LEU B 398 -28.40 -28.66 7.76
C LEU B 398 -26.97 -28.28 7.42
N LEU B 399 -26.66 -28.21 6.13
CA LEU B 399 -25.30 -27.89 5.71
C LEU B 399 -24.80 -26.61 6.35
N SER B 400 -25.64 -25.58 6.36
CA SER B 400 -25.26 -24.31 6.97
C SER B 400 -24.88 -24.46 8.43
N HIS B 401 -25.76 -25.08 9.20
CA HIS B 401 -25.52 -25.26 10.61
C HIS B 401 -24.25 -26.05 10.87
N THR B 402 -24.09 -27.15 10.15
CA THR B 402 -22.93 -28.00 10.33
C THR B 402 -21.69 -27.17 10.04
N TYR B 403 -21.66 -26.56 8.87
CA TYR B 403 -20.52 -25.76 8.45
C TYR B 403 -20.12 -24.74 9.51
N GLN B 404 -21.10 -24.02 10.04
CA GLN B 404 -20.76 -22.98 11.00
C GLN B 404 -20.29 -23.56 12.33
N ALA B 405 -21.02 -24.53 12.86
CA ALA B 405 -20.71 -25.11 14.16
C ALA B 405 -19.40 -25.90 14.13
N MET B 406 -18.96 -26.26 12.93
CA MET B 406 -17.74 -27.05 12.77
C MET B 406 -16.56 -26.16 12.43
N GLU B 407 -16.73 -24.85 12.57
CA GLU B 407 -15.62 -23.92 12.34
C GLU B 407 -14.49 -24.22 13.33
N LEU B 408 -14.85 -24.75 14.50
CA LEU B 408 -13.89 -25.12 15.53
C LEU B 408 -12.70 -25.91 14.99
N CYS B 409 -12.99 -26.82 14.08
CA CYS B 409 -11.98 -27.72 13.57
C CYS B 409 -11.35 -27.18 12.28
N ARG B 410 -11.37 -25.87 12.11
CA ARG B 410 -10.93 -25.24 10.87
C ARG B 410 -9.46 -25.46 10.53
N HIS B 411 -8.65 -25.74 11.55
CA HIS B 411 -7.21 -25.83 11.36
C HIS B 411 -6.74 -27.27 11.09
N GLU B 412 -7.57 -28.23 11.47
CA GLU B 412 -7.28 -29.66 11.28
C GLU B 412 -6.94 -29.96 9.81
N ARG B 413 -6.08 -30.96 9.59
CA ARG B 413 -5.50 -31.26 8.28
C ARG B 413 -6.53 -31.55 7.18
N LEU B 414 -7.72 -31.98 7.58
CA LEU B 414 -8.74 -32.44 6.62
C LEU B 414 -9.49 -31.29 5.98
N PHE B 415 -9.73 -30.25 6.77
CA PHE B 415 -10.75 -29.25 6.45
C PHE B 415 -10.25 -27.98 5.75
N GLN B 416 -9.08 -28.04 5.12
CA GLN B 416 -8.56 -26.87 4.41
C GLN B 416 -9.15 -26.75 3.01
N THR B 417 -9.87 -27.78 2.59
CA THR B 417 -10.64 -27.71 1.36
C THR B 417 -11.98 -27.08 1.70
N TYR B 418 -12.27 -27.00 2.99
CA TYR B 418 -13.57 -26.53 3.43
C TYR B 418 -13.53 -25.13 4.05
N TYR B 419 -12.53 -24.85 4.88
CA TYR B 419 -12.45 -23.56 5.60
C TYR B 419 -11.19 -22.71 5.33
N TRP B 420 -11.26 -21.45 5.76
CA TRP B 420 -10.17 -20.47 5.60
C TRP B 420 -9.52 -20.13 6.93
N HIS B 421 -8.25 -19.70 6.88
CA HIS B 421 -7.47 -19.36 8.08
C HIS B 421 -6.86 -17.94 8.07
N GLU B 422 -6.05 -17.66 7.05
CA GLU B 422 -5.46 -16.33 6.83
C GLU B 422 -4.84 -16.25 5.43
N ARG C 20 56.96 7.58 -3.86
CA ARG C 20 56.92 7.24 -5.28
C ARG C 20 55.54 7.50 -5.89
N MET C 21 55.43 8.57 -6.66
CA MET C 21 54.15 9.04 -7.22
C MET C 21 53.62 8.19 -8.38
N VAL C 22 52.29 8.10 -8.48
CA VAL C 22 51.62 7.48 -9.60
C VAL C 22 50.76 8.54 -10.29
N ILE C 23 50.52 8.39 -11.59
CA ILE C 23 49.64 9.33 -12.29
C ILE C 23 48.36 8.66 -12.81
N VAL C 24 48.38 8.21 -14.06
CA VAL C 24 47.14 7.87 -14.78
C VAL C 24 46.22 9.10 -14.80
N GLY C 25 46.71 10.17 -15.42
CA GLY C 25 46.05 11.46 -15.42
C GLY C 25 44.67 11.46 -16.04
N LYS C 26 43.91 12.53 -15.82
CA LYS C 26 44.39 13.74 -15.12
C LYS C 26 44.35 13.62 -13.60
N ILE C 27 44.02 12.44 -13.11
CA ILE C 27 44.07 12.17 -11.67
C ILE C 27 45.51 11.82 -11.28
N SER C 28 45.86 12.04 -10.03
CA SER C 28 47.22 11.78 -9.56
C SER C 28 47.26 11.70 -8.04
N PHE C 29 48.01 10.73 -7.52
CA PHE C 29 48.12 10.59 -6.07
C PHE C 29 49.44 10.02 -5.60
N CYS C 30 49.75 10.29 -4.33
CA CYS C 30 50.92 9.74 -3.66
C CYS C 30 50.45 8.67 -2.67
N PRO C 31 50.61 7.39 -3.05
CA PRO C 31 50.02 6.24 -2.36
C PRO C 31 50.40 6.09 -0.89
N LYS C 32 51.47 6.75 -0.44
CA LYS C 32 51.84 6.66 0.97
C LYS C 32 50.83 7.43 1.83
N ASP C 33 50.25 8.47 1.25
CA ASP C 33 49.29 9.30 1.97
C ASP C 33 47.90 8.68 1.98
N VAL C 34 47.76 7.59 2.72
CA VAL C 34 46.48 6.90 2.83
C VAL C 34 45.54 7.61 3.81
N LEU C 35 44.27 7.73 3.43
CA LEU C 35 43.28 8.30 4.34
C LEU C 35 42.37 7.24 4.94
N GLY C 36 42.30 6.06 4.32
CA GLY C 36 41.60 4.96 4.98
C GLY C 36 41.02 3.88 4.09
N HIS C 37 40.92 2.67 4.63
CA HIS C 37 40.37 1.54 3.88
C HIS C 37 38.84 1.58 3.84
N GLY C 38 38.27 1.23 2.68
CA GLY C 38 36.84 1.15 2.53
C GLY C 38 36.33 -0.28 2.65
N ALA C 39 35.24 -0.57 1.95
CA ALA C 39 34.69 -1.92 1.95
C ALA C 39 35.26 -2.69 0.79
N GLU C 40 35.47 -3.98 0.98
CA GLU C 40 35.93 -4.86 -0.10
C GLU C 40 37.20 -4.36 -0.80
N GLY C 41 38.25 -4.13 -0.02
CA GLY C 41 39.57 -3.79 -0.55
C GLY C 41 39.80 -2.32 -0.80
N THR C 42 38.74 -1.60 -1.15
CA THR C 42 38.80 -0.18 -1.48
C THR C 42 39.62 0.63 -0.49
N ILE C 43 40.47 1.51 -1.03
CA ILE C 43 41.36 2.32 -0.22
C ILE C 43 41.36 3.76 -0.72
N VAL C 44 41.40 4.71 0.22
CA VAL C 44 41.43 6.14 -0.11
C VAL C 44 42.72 6.81 0.36
N TYR C 45 43.32 7.56 -0.56
CA TYR C 45 44.55 8.31 -0.35
C TYR C 45 44.29 9.78 -0.52
N LYS C 46 45.30 10.60 -0.22
CA LYS C 46 45.24 12.03 -0.50
C LYS C 46 46.00 12.34 -1.78
N GLY C 47 45.33 13.02 -2.71
CA GLY C 47 45.91 13.30 -4.01
C GLY C 47 45.84 14.74 -4.45
N MET C 48 45.93 14.94 -5.76
CA MET C 48 45.99 16.27 -6.34
C MET C 48 45.18 16.28 -7.63
N PHE C 49 44.45 17.37 -7.87
CA PHE C 49 43.74 17.49 -9.14
C PHE C 49 44.34 18.57 -10.03
N ASP C 50 43.73 19.75 -10.07
CA ASP C 50 44.28 20.84 -10.86
C ASP C 50 45.59 21.31 -10.26
N ASN C 51 45.52 21.76 -9.02
CA ASN C 51 46.68 22.15 -8.23
C ASN C 51 46.24 22.18 -6.78
N ARG C 52 44.98 21.81 -6.58
CA ARG C 52 44.37 21.78 -5.26
C ARG C 52 44.47 20.38 -4.68
N ASP C 53 44.57 20.30 -3.35
CA ASP C 53 44.59 19.01 -2.68
C ASP C 53 43.23 18.36 -2.79
N VAL C 54 43.19 17.04 -3.00
CA VAL C 54 41.94 16.30 -3.06
C VAL C 54 42.02 14.99 -2.29
N ALA C 55 40.89 14.31 -2.18
CA ALA C 55 40.88 12.95 -1.66
C ALA C 55 40.55 12.02 -2.81
N VAL C 56 41.34 10.98 -2.98
CA VAL C 56 41.15 10.04 -4.08
C VAL C 56 41.00 8.58 -3.62
N LYS C 57 39.91 7.93 -4.04
CA LYS C 57 39.70 6.53 -3.71
C LYS C 57 39.92 5.65 -4.94
N ARG C 58 40.69 4.58 -4.79
CA ARG C 58 40.82 3.60 -5.85
C ARG C 58 40.03 2.36 -5.52
N ILE C 59 39.28 1.87 -6.49
CA ILE C 59 38.32 0.82 -6.25
C ILE C 59 38.50 -0.34 -7.23
N LEU C 60 38.22 -1.55 -6.75
CA LEU C 60 38.23 -2.73 -7.60
C LEU C 60 36.92 -2.77 -8.38
N PRO C 61 37.00 -2.69 -9.71
CA PRO C 61 35.81 -2.58 -10.57
C PRO C 61 35.01 -3.88 -10.53
N GLU C 62 35.63 -4.93 -10.01
CA GLU C 62 34.99 -6.23 -9.86
C GLU C 62 34.16 -6.24 -8.58
N CYS C 63 34.37 -5.22 -7.74
CA CYS C 63 33.67 -5.10 -6.47
C CYS C 63 32.52 -4.09 -6.54
N PHE C 64 32.82 -2.89 -7.00
CA PHE C 64 31.85 -1.79 -6.96
C PHE C 64 31.41 -1.29 -8.33
N SER C 65 30.12 -1.06 -8.48
CA SER C 65 29.55 -0.62 -9.76
C SER C 65 29.15 0.86 -9.72
N PHE C 66 29.81 1.64 -10.57
CA PHE C 66 29.58 3.07 -10.69
C PHE C 66 28.50 3.34 -11.74
N ALA C 67 27.60 4.25 -11.44
CA ALA C 67 26.62 4.71 -12.42
C ALA C 67 26.94 6.15 -12.81
N ASP C 68 27.65 6.31 -13.94
CA ASP C 68 28.15 7.62 -14.36
C ASP C 68 27.03 8.57 -14.80
N ARG C 69 25.92 8.00 -15.25
CA ARG C 69 24.75 8.77 -15.68
C ARG C 69 24.17 9.60 -14.54
N GLU C 70 24.19 9.04 -13.33
CA GLU C 70 23.67 9.71 -12.15
C GLU C 70 24.52 10.92 -11.77
N VAL C 71 25.83 10.71 -11.64
CA VAL C 71 26.75 11.79 -11.29
C VAL C 71 26.77 12.90 -12.35
N GLN C 72 26.71 12.49 -13.62
CA GLN C 72 26.57 13.44 -14.71
C GLN C 72 25.27 14.26 -14.57
N LEU C 73 24.17 13.58 -14.24
CA LEU C 73 22.88 14.23 -14.01
C LEU C 73 22.96 15.23 -12.86
N LEU C 74 23.76 14.89 -11.86
CA LEU C 74 24.01 15.78 -10.74
C LEU C 74 24.73 17.04 -11.23
N ARG C 75 25.77 16.84 -12.04
CA ARG C 75 26.56 17.95 -12.58
C ARG C 75 25.70 18.96 -13.35
N GLU C 76 24.78 18.45 -14.16
CA GLU C 76 23.96 19.27 -15.06
C GLU C 76 22.90 20.08 -14.31
N SER C 77 22.79 19.85 -13.01
CA SER C 77 21.83 20.60 -12.18
C SER C 77 22.58 21.39 -11.11
N ASP C 78 21.89 22.38 -10.52
CA ASP C 78 22.50 23.31 -9.58
C ASP C 78 23.14 22.62 -8.38
N GLU C 79 24.27 23.17 -7.94
CA GLU C 79 25.04 22.59 -6.84
C GLU C 79 24.37 22.79 -5.48
N HIS C 80 24.28 21.71 -4.71
CA HIS C 80 23.75 21.77 -3.35
C HIS C 80 24.91 21.72 -2.36
N PRO C 81 24.95 22.69 -1.43
CA PRO C 81 26.10 22.84 -0.51
C PRO C 81 26.31 21.62 0.38
N ASN C 82 25.34 20.71 0.46
CA ASN C 82 25.47 19.52 1.30
C ASN C 82 25.44 18.22 0.52
N VAL C 83 25.96 18.29 -0.70
CA VAL C 83 26.19 17.11 -1.51
C VAL C 83 27.60 17.25 -2.06
N ILE C 84 28.49 16.37 -1.64
CA ILE C 84 29.89 16.46 -2.04
C ILE C 84 30.03 16.29 -3.55
N ARG C 85 31.03 16.96 -4.09
CA ARG C 85 31.21 17.06 -5.54
C ARG C 85 32.29 16.11 -6.03
N TYR C 86 31.91 15.23 -6.97
CA TYR C 86 32.86 14.32 -7.60
C TYR C 86 33.53 15.04 -8.78
N PHE C 87 34.84 15.24 -8.67
CA PHE C 87 35.61 15.94 -9.69
C PHE C 87 35.63 15.22 -11.05
N CYS C 88 36.07 13.97 -11.06
CA CYS C 88 36.15 13.22 -12.31
C CYS C 88 36.23 11.71 -12.08
N THR C 89 36.00 10.95 -13.15
CA THR C 89 36.14 9.51 -13.11
C THR C 89 37.02 9.01 -14.24
N GLU C 90 37.79 7.96 -13.98
CA GLU C 90 38.65 7.38 -15.00
C GLU C 90 38.98 5.94 -14.68
N LYS C 91 39.21 5.15 -15.73
CA LYS C 91 39.44 3.72 -15.57
C LYS C 91 40.87 3.30 -15.85
N ASP C 92 41.62 2.98 -14.79
CA ASP C 92 42.86 2.22 -14.91
C ASP C 92 42.50 0.88 -15.55
N ARG C 93 43.51 0.16 -16.04
CA ARG C 93 43.30 -1.14 -16.68
C ARG C 93 42.77 -2.19 -15.71
N GLN C 94 43.09 -2.03 -14.43
CA GLN C 94 42.75 -3.01 -13.41
C GLN C 94 41.94 -2.40 -12.26
N PHE C 95 41.66 -1.10 -12.37
CA PHE C 95 41.08 -0.35 -11.26
C PHE C 95 39.97 0.60 -11.70
N GLN C 96 39.58 1.46 -10.78
CA GLN C 96 38.77 2.64 -11.09
C GLN C 96 39.15 3.72 -10.09
N TYR C 97 39.06 4.99 -10.49
CA TYR C 97 39.57 6.07 -9.64
C TYR C 97 38.59 7.23 -9.48
N ILE C 98 38.43 7.69 -8.23
CA ILE C 98 37.55 8.83 -7.95
C ILE C 98 38.27 9.94 -7.17
N ALA C 99 38.07 11.18 -7.61
CA ALA C 99 38.65 12.36 -6.95
C ALA C 99 37.56 13.28 -6.41
N ILE C 100 37.61 13.59 -5.13
CA ILE C 100 36.54 14.34 -4.46
C ILE C 100 37.10 15.34 -3.46
N GLU C 101 36.26 16.28 -3.04
CA GLU C 101 36.72 17.34 -2.13
C GLU C 101 37.27 16.77 -0.83
N LEU C 102 38.57 16.97 -0.59
CA LEU C 102 39.21 16.54 0.65
C LEU C 102 38.49 17.11 1.87
N CYS C 103 38.19 16.24 2.83
CA CYS C 103 37.43 16.63 4.01
C CYS C 103 38.21 16.43 5.30
N ALA C 104 37.86 17.18 6.33
CA ALA C 104 38.53 17.08 7.63
C ALA C 104 38.25 15.75 8.30
N ALA C 105 36.98 15.35 8.30
CA ALA C 105 36.58 14.13 8.97
C ALA C 105 35.22 13.59 8.52
N THR C 106 34.68 12.69 9.34
CA THR C 106 33.40 12.07 9.10
C THR C 106 32.58 12.29 10.37
N LEU C 107 31.27 12.04 10.31
CA LEU C 107 30.39 12.19 11.47
C LEU C 107 30.94 11.46 12.69
N GLN C 108 31.67 10.38 12.44
CA GLN C 108 32.15 9.57 13.53
C GLN C 108 33.04 10.36 14.48
N GLU C 109 33.96 11.14 13.92
CA GLU C 109 34.86 11.96 14.73
C GLU C 109 34.09 13.09 15.41
N TYR C 110 33.14 13.66 14.68
CA TYR C 110 32.28 14.72 15.20
C TYR C 110 31.64 14.31 16.51
N VAL C 111 31.01 13.14 16.48
CA VAL C 111 30.26 12.64 17.62
C VAL C 111 31.15 12.03 18.71
N GLU C 112 32.19 11.32 18.29
CA GLU C 112 32.90 10.44 19.21
C GLU C 112 34.17 11.00 19.84
N GLN C 113 35.04 11.63 19.06
CA GLN C 113 36.25 12.19 19.66
C GLN C 113 35.91 13.39 20.56
N LYS C 114 35.93 13.15 21.86
CA LYS C 114 35.40 14.06 22.88
C LYS C 114 35.94 15.47 22.72
N ASP C 115 37.20 15.55 22.32
CA ASP C 115 37.84 16.82 22.09
C ASP C 115 37.89 17.11 20.61
N PHE C 116 36.71 17.29 20.01
CA PHE C 116 36.60 17.72 18.64
C PHE C 116 36.13 19.16 18.60
N ALA C 117 36.72 19.92 17.70
CA ALA C 117 36.37 21.31 17.54
C ALA C 117 35.43 21.44 16.36
N HIS C 118 34.13 21.59 16.65
CA HIS C 118 33.13 21.74 15.60
C HIS C 118 33.43 23.00 14.77
N LEU C 119 33.95 24.02 15.47
CA LEU C 119 34.45 25.27 14.89
C LEU C 119 33.80 25.81 13.61
N GLY C 120 32.52 26.15 13.66
CA GLY C 120 31.67 25.99 14.82
C GLY C 120 30.29 25.60 14.32
N LEU C 121 29.93 24.35 14.53
CA LEU C 121 28.68 23.84 13.98
C LEU C 121 27.84 23.07 14.99
N GLU C 122 26.59 23.48 15.13
CA GLU C 122 25.66 22.85 16.04
C GLU C 122 25.00 21.64 15.38
N PRO C 123 24.99 20.51 16.09
CA PRO C 123 24.49 19.21 15.62
C PRO C 123 23.20 19.27 14.80
N ILE C 124 22.16 19.86 15.37
CA ILE C 124 20.83 19.81 14.75
C ILE C 124 20.80 20.47 13.36
N THR C 125 21.70 21.42 13.15
CA THR C 125 21.86 22.01 11.82
C THR C 125 22.65 21.09 10.88
N LEU C 126 23.61 20.34 11.42
CA LEU C 126 24.30 19.29 10.65
C LEU C 126 23.24 18.34 10.11
N LEU C 127 22.31 17.93 10.98
CA LEU C 127 21.24 17.06 10.54
C LEU C 127 20.29 17.72 9.53
N HIS C 128 19.98 19.00 9.72
CA HIS C 128 19.15 19.70 8.75
C HIS C 128 19.82 19.69 7.37
N GLN C 129 21.12 20.01 7.36
CA GLN C 129 21.93 20.01 6.15
C GLN C 129 21.93 18.66 5.46
N THR C 130 22.34 17.63 6.20
CA THR C 130 22.36 16.27 5.70
C THR C 130 21.03 15.94 5.04
N THR C 131 19.95 16.15 5.79
CA THR C 131 18.62 15.84 5.29
C THR C 131 18.32 16.61 4.02
N SER C 132 18.82 17.84 3.95
CA SER C 132 18.53 18.71 2.81
C SER C 132 19.20 18.16 1.55
N GLY C 133 20.50 17.88 1.63
CA GLY C 133 21.23 17.33 0.50
C GLY C 133 20.63 16.01 0.07
N LEU C 134 20.16 15.26 1.06
CA LEU C 134 19.44 14.02 0.83
C LEU C 134 18.19 14.27 -0.01
N ALA C 135 17.45 15.32 0.33
CA ALA C 135 16.23 15.67 -0.39
C ALA C 135 16.60 16.13 -1.80
N HIS C 136 17.79 16.68 -1.93
CA HIS C 136 18.32 17.15 -3.20
C HIS C 136 18.49 15.96 -4.12
N LEU C 137 19.24 14.97 -3.67
CA LEU C 137 19.38 13.73 -4.42
C LEU C 137 18.02 13.12 -4.73
N HIS C 138 17.14 13.10 -3.74
CA HIS C 138 15.81 12.51 -3.91
C HIS C 138 14.95 13.29 -4.90
N SER C 139 15.33 14.55 -5.16
CA SER C 139 14.59 15.37 -6.10
C SER C 139 14.88 14.88 -7.51
N LEU C 140 16.07 14.32 -7.69
CA LEU C 140 16.49 13.77 -8.98
C LEU C 140 16.21 12.28 -9.10
N ASN C 141 15.33 11.76 -8.24
CA ASN C 141 15.05 10.32 -8.16
C ASN C 141 16.28 9.48 -7.85
N ILE C 142 17.30 10.11 -7.28
CA ILE C 142 18.54 9.43 -6.94
C ILE C 142 18.56 9.05 -5.47
N VAL C 143 18.80 7.76 -5.21
CA VAL C 143 18.82 7.22 -3.85
C VAL C 143 20.25 6.82 -3.45
N HIS C 144 20.64 7.20 -2.24
CA HIS C 144 22.00 6.98 -1.76
C HIS C 144 22.32 5.52 -1.44
N ARG C 145 21.31 4.74 -1.06
CA ARG C 145 21.48 3.30 -0.75
C ARG C 145 22.32 2.98 0.49
N ASP C 146 23.40 3.72 0.71
CA ASP C 146 24.28 3.44 1.85
C ASP C 146 24.64 4.71 2.62
N LEU C 147 23.71 5.20 3.43
CA LEU C 147 24.00 6.33 4.29
C LEU C 147 24.52 5.85 5.64
N LYS C 148 25.52 6.53 6.16
CA LYS C 148 26.17 6.14 7.40
C LYS C 148 27.08 7.28 7.80
N PRO C 149 27.52 7.30 9.08
CA PRO C 149 28.48 8.27 9.60
C PRO C 149 29.69 8.52 8.72
N HIS C 150 30.31 7.47 8.21
CA HIS C 150 31.45 7.59 7.33
C HIS C 150 31.06 8.14 5.97
N ASN C 151 29.78 8.06 5.64
CA ASN C 151 29.27 8.59 4.36
C ASN C 151 28.79 10.02 4.44
N ILE C 152 28.99 10.63 5.61
CA ILE C 152 28.74 12.05 5.76
C ILE C 152 30.03 12.75 6.24
N LEU C 153 30.56 13.60 5.38
CA LEU C 153 31.88 14.20 5.55
C LEU C 153 31.81 15.66 6.01
N LEU C 154 32.84 16.09 6.72
CA LEU C 154 32.92 17.47 7.17
C LEU C 154 34.00 18.19 6.38
N SER C 155 33.68 19.37 5.86
CA SER C 155 34.64 20.16 5.09
C SER C 155 35.70 20.78 6.00
N MET C 156 36.86 21.04 5.41
CA MET C 156 37.90 21.79 6.08
C MET C 156 37.45 23.25 6.15
N PRO C 157 37.87 23.98 7.20
CA PRO C 157 37.43 25.36 7.41
C PRO C 157 37.51 26.23 6.16
N ASN C 158 36.47 27.02 5.91
CA ASN C 158 36.42 27.90 4.75
C ASN C 158 37.07 29.26 5.00
N ALA C 159 36.68 30.26 4.21
CA ALA C 159 37.27 31.59 4.30
C ALA C 159 37.25 32.17 5.71
N HIS C 160 36.07 32.20 6.33
CA HIS C 160 35.94 32.75 7.67
C HIS C 160 35.82 31.66 8.75
N GLY C 161 36.39 30.49 8.48
CA GLY C 161 36.52 29.44 9.48
C GLY C 161 35.27 28.64 9.81
N ARG C 162 34.29 28.65 8.91
CA ARG C 162 33.05 27.89 9.11
C ARG C 162 33.09 26.48 8.50
N ILE C 163 32.81 25.48 9.34
CA ILE C 163 32.80 24.07 8.93
C ILE C 163 31.49 23.68 8.25
N LYS C 164 31.57 22.85 7.22
CA LYS C 164 30.38 22.42 6.49
C LYS C 164 30.29 20.89 6.47
N ALA C 165 29.10 20.35 6.18
CA ALA C 165 28.96 18.90 6.01
C ALA C 165 28.25 18.52 4.69
N MET C 166 28.76 17.48 4.04
CA MET C 166 28.22 17.00 2.78
C MET C 166 28.01 15.50 2.87
N ILE C 167 27.18 14.95 2.00
CA ILE C 167 26.98 13.51 1.97
C ILE C 167 27.79 12.93 0.81
N SER C 168 28.32 11.72 0.98
CA SER C 168 29.26 11.18 0.00
C SER C 168 29.09 9.70 -0.30
N ASP C 169 29.95 9.18 -1.16
CA ASP C 169 30.02 7.76 -1.47
C ASP C 169 28.67 7.26 -2.03
N PHE C 170 27.97 8.15 -2.74
CA PHE C 170 26.71 7.79 -3.37
C PHE C 170 26.91 7.56 -4.86
N GLY C 171 25.87 7.06 -5.51
CA GLY C 171 25.93 6.87 -6.95
C GLY C 171 26.80 5.70 -7.38
N LEU C 172 27.38 5.00 -6.41
CA LEU C 172 28.03 3.73 -6.67
C LEU C 172 27.23 2.61 -6.01
N CYS C 173 27.64 1.36 -6.23
CA CYS C 173 26.92 0.22 -5.68
C CYS C 173 27.87 -0.95 -5.37
N LYS C 174 27.31 -2.16 -5.33
CA LYS C 174 28.07 -3.35 -4.98
C LYS C 174 27.57 -4.54 -5.77
N LYS C 175 28.46 -5.23 -6.48
CA LYS C 175 28.03 -6.32 -7.36
C LYS C 175 28.29 -7.72 -6.79
N LEU C 176 29.41 -7.89 -6.10
CA LEU C 176 29.83 -9.22 -5.66
C LEU C 176 30.80 -9.13 -4.47
N ALA C 177 30.44 -9.81 -3.38
CA ALA C 177 31.25 -9.80 -2.16
C ALA C 177 31.16 -11.14 -1.43
N VAL C 189 24.75 -7.38 -1.33
CA VAL C 189 23.71 -6.41 -1.03
C VAL C 189 24.33 -5.08 -0.61
N PRO C 190 23.80 -3.96 -1.12
CA PRO C 190 24.32 -2.63 -0.78
C PRO C 190 24.05 -2.24 0.67
N GLY C 191 24.43 -1.02 1.04
CA GLY C 191 24.27 -0.53 2.39
C GLY C 191 25.36 -1.06 3.30
N THR C 192 25.15 -0.96 4.60
CA THR C 192 26.14 -1.39 5.57
C THR C 192 25.50 -2.04 6.78
N GLU C 193 26.19 -3.04 7.32
CA GLU C 193 25.73 -3.73 8.52
C GLU C 193 25.51 -2.73 9.65
N GLY C 194 24.24 -2.41 9.88
CA GLY C 194 23.88 -1.52 10.98
C GLY C 194 23.04 -0.33 10.56
N TRP C 195 22.87 -0.14 9.25
CA TRP C 195 22.20 1.03 8.72
C TRP C 195 21.27 0.70 7.56
N ILE C 196 21.08 -0.59 7.30
CA ILE C 196 20.26 -1.01 6.15
C ILE C 196 18.80 -1.17 6.54
N ALA C 197 17.92 -0.63 5.69
CA ALA C 197 16.48 -0.78 5.89
C ALA C 197 16.13 -2.25 5.77
N PRO C 198 15.34 -2.75 6.73
CA PRO C 198 15.07 -4.19 6.84
C PRO C 198 14.45 -4.77 5.57
N GLU C 199 13.52 -4.05 4.97
CA GLU C 199 12.79 -4.53 3.80
C GLU C 199 13.70 -4.64 2.58
N MET C 200 14.91 -4.12 2.68
CA MET C 200 15.88 -4.22 1.60
C MET C 200 16.46 -5.63 1.58
N LEU C 201 15.99 -6.47 2.50
CA LEU C 201 16.46 -7.85 2.60
C LEU C 201 15.32 -8.84 2.29
N SER C 202 14.19 -8.67 2.97
CA SER C 202 12.98 -9.46 2.74
C SER C 202 13.24 -10.96 2.71
N ASN C 208 13.95 -3.18 -6.40
CA ASN C 208 14.25 -1.76 -6.59
C ASN C 208 14.21 -1.00 -5.28
N PRO C 209 15.05 0.05 -5.14
CA PRO C 209 15.08 0.89 -3.95
C PRO C 209 14.37 2.23 -4.13
N THR C 210 13.78 2.74 -3.04
CA THR C 210 13.17 4.06 -3.06
C THR C 210 13.91 4.96 -2.06
N TYR C 211 13.47 6.21 -1.97
CA TYR C 211 14.04 7.18 -1.03
C TYR C 211 13.96 6.68 0.42
N THR C 212 12.99 5.81 0.65
CA THR C 212 12.62 5.36 1.99
C THR C 212 13.78 4.73 2.76
N VAL C 213 14.60 3.95 2.06
CA VAL C 213 15.77 3.32 2.67
C VAL C 213 16.72 4.38 3.22
N ASP C 214 16.93 5.42 2.43
CA ASP C 214 17.78 6.52 2.83
C ASP C 214 17.19 7.24 4.04
N ILE C 215 15.87 7.44 4.03
CA ILE C 215 15.20 8.05 5.19
C ILE C 215 15.42 7.22 6.45
N PHE C 216 15.41 5.89 6.29
CA PHE C 216 15.68 4.97 7.40
C PHE C 216 17.08 5.23 7.95
N SER C 217 18.08 5.06 7.09
CA SER C 217 19.45 5.21 7.53
C SER C 217 19.63 6.57 8.17
N ALA C 218 18.98 7.57 7.58
CA ALA C 218 18.99 8.93 8.11
C ALA C 218 18.50 8.95 9.55
N GLY C 219 17.31 8.41 9.81
CA GLY C 219 16.78 8.39 11.17
C GLY C 219 17.74 7.71 12.13
N CYS C 220 18.34 6.63 11.66
CA CYS C 220 19.39 5.97 12.42
C CYS C 220 20.51 6.94 12.82
N VAL C 221 21.07 7.67 11.84
CA VAL C 221 22.14 8.63 12.16
C VAL C 221 21.63 9.82 12.97
N PHE C 222 20.33 10.06 12.90
CA PHE C 222 19.66 11.12 13.63
C PHE C 222 19.84 10.85 15.09
N TYR C 223 19.19 9.78 15.52
CA TYR C 223 19.34 9.34 16.90
C TYR C 223 20.82 9.20 17.27
N TYR C 224 21.60 8.58 16.38
CA TYR C 224 23.04 8.45 16.58
C TYR C 224 23.66 9.76 17.03
N VAL C 225 23.25 10.86 16.40
CA VAL C 225 23.82 12.17 16.71
C VAL C 225 23.25 12.79 17.99
N ILE C 226 21.92 12.88 18.08
CA ILE C 226 21.29 13.54 19.23
C ILE C 226 21.71 12.86 20.52
N SER C 227 21.76 11.53 20.47
CA SER C 227 22.10 10.71 21.63
C SER C 227 23.60 10.68 21.86
N GLU C 228 24.34 11.42 21.05
CA GLU C 228 25.80 11.45 21.14
C GLU C 228 26.38 10.06 21.15
N GLY C 229 26.12 9.27 20.11
CA GLY C 229 26.84 8.03 19.94
C GLY C 229 26.00 6.77 19.87
N TYR C 230 24.95 6.71 20.69
CA TYR C 230 24.16 5.48 20.75
C TYR C 230 23.43 5.23 19.45
N HIS C 231 23.47 4.00 18.97
CA HIS C 231 22.64 3.60 17.83
C HIS C 231 21.26 3.24 18.36
N PRO C 232 20.22 3.42 17.54
CA PRO C 232 18.87 3.04 17.96
C PRO C 232 18.63 1.54 18.00
N PHE C 233 19.57 0.74 17.53
CA PHE C 233 19.28 -0.67 17.30
C PHE C 233 20.15 -1.83 17.83
N GLY C 234 21.21 -1.62 18.62
CA GLY C 234 21.74 -0.35 19.04
C GLY C 234 23.21 -0.55 19.25
N LYS C 235 23.63 -1.81 19.33
CA LYS C 235 25.03 -2.15 19.55
C LYS C 235 25.62 -2.83 18.32
N SER C 236 26.89 -2.55 18.05
CA SER C 236 27.60 -3.06 16.87
C SER C 236 27.21 -4.46 16.38
N LEU C 237 27.36 -5.47 17.24
CA LEU C 237 27.10 -6.84 16.83
C LEU C 237 25.62 -7.11 16.54
N GLN C 238 24.76 -6.68 17.46
CA GLN C 238 23.35 -7.03 17.38
C GLN C 238 22.51 -6.01 16.60
N ARG C 239 23.13 -4.90 16.19
CA ARG C 239 22.44 -3.82 15.49
C ARG C 239 21.59 -4.30 14.34
N GLN C 240 22.23 -5.03 13.44
CA GLN C 240 21.56 -5.53 12.25
C GLN C 240 20.41 -6.49 12.59
N ALA C 241 20.71 -7.46 13.45
CA ALA C 241 19.72 -8.40 13.94
C ALA C 241 18.43 -7.70 14.36
N ASN C 242 18.54 -6.77 15.31
CA ASN C 242 17.39 -6.01 15.80
C ASN C 242 16.74 -5.14 14.73
N ILE C 243 17.56 -4.58 13.85
CA ILE C 243 17.03 -3.85 12.72
C ILE C 243 16.02 -4.73 11.99
N LEU C 244 16.38 -5.98 11.72
CA LEU C 244 15.42 -6.89 11.12
C LEU C 244 14.28 -7.25 12.06
N LEU C 245 14.56 -7.25 13.35
CA LEU C 245 13.55 -7.61 14.35
C LEU C 245 12.67 -6.43 14.70
N GLY C 246 13.25 -5.24 14.64
CA GLY C 246 12.50 -4.03 14.91
C GLY C 246 12.67 -3.44 16.30
N ALA C 247 13.53 -4.05 17.11
CA ALA C 247 13.71 -3.61 18.50
C ALA C 247 14.42 -2.25 18.64
N CYS C 248 13.74 -1.27 19.24
CA CYS C 248 14.31 0.07 19.42
C CYS C 248 14.42 0.44 20.89
N ASN C 249 15.49 1.12 21.26
CA ASN C 249 15.65 1.57 22.64
C ASN C 249 15.21 3.01 22.84
N LEU C 250 15.91 3.95 22.19
CA LEU C 250 15.65 5.38 22.35
C LEU C 250 15.48 5.72 23.82
N ASP C 251 16.46 5.31 24.63
CA ASP C 251 16.37 5.52 26.06
C ASP C 251 16.91 6.89 26.45
N CYS C 252 17.68 7.50 25.56
CA CYS C 252 18.21 8.83 25.76
C CYS C 252 17.10 9.86 25.72
N PHE C 253 15.98 9.46 25.11
CA PHE C 253 14.86 10.35 24.85
C PHE C 253 13.75 10.29 25.90
N HIS C 254 13.91 11.08 26.96
CA HIS C 254 12.91 11.16 28.02
C HIS C 254 11.61 11.71 27.47
N SER C 255 10.55 11.58 28.26
CA SER C 255 9.23 12.06 27.88
C SER C 255 8.90 13.33 28.64
N ASP C 256 9.73 13.69 29.61
CA ASP C 256 9.52 14.90 30.38
C ASP C 256 10.34 16.07 29.85
N LYS C 257 11.11 15.82 28.79
CA LYS C 257 11.87 16.88 28.15
C LYS C 257 11.32 17.13 26.76
N HIS C 258 10.94 18.38 26.52
CA HIS C 258 10.27 18.81 25.29
C HIS C 258 11.04 18.43 24.02
N GLU C 259 12.31 18.78 24.03
CA GLU C 259 13.21 18.56 22.91
C GLU C 259 13.29 17.07 22.63
N ASP C 260 13.41 16.29 23.70
CA ASP C 260 13.46 14.84 23.57
C ASP C 260 12.17 14.31 22.95
N VAL C 261 11.03 14.82 23.41
CA VAL C 261 9.72 14.42 22.88
C VAL C 261 9.55 14.70 21.39
N ILE C 262 10.02 15.87 20.97
CA ILE C 262 9.98 16.26 19.57
C ILE C 262 10.89 15.38 18.71
N ALA C 263 12.17 15.38 19.06
CA ALA C 263 13.18 14.61 18.32
C ALA C 263 12.75 13.15 18.21
N ARG C 264 12.47 12.54 19.35
CA ARG C 264 11.96 11.18 19.41
C ARG C 264 10.77 10.98 18.48
N GLU C 265 9.81 11.90 18.56
CA GLU C 265 8.61 11.81 17.73
C GLU C 265 8.95 11.76 16.24
N LEU C 266 10.03 12.42 15.85
CA LEU C 266 10.52 12.34 14.46
C LEU C 266 11.19 11.02 14.13
N ILE C 267 12.24 10.71 14.88
CA ILE C 267 13.01 9.48 14.67
C ILE C 267 12.12 8.25 14.57
N GLU C 268 11.16 8.12 15.49
CA GLU C 268 10.25 6.98 15.49
C GLU C 268 9.49 6.81 14.17
N LYS C 269 9.27 7.91 13.47
CA LYS C 269 8.65 7.83 12.16
C LYS C 269 9.70 7.54 11.09
N MET C 270 10.93 8.00 11.32
CA MET C 270 12.01 7.84 10.34
C MET C 270 12.59 6.43 10.21
N ILE C 271 12.55 5.66 11.30
CA ILE C 271 13.10 4.32 11.30
C ILE C 271 12.01 3.27 11.28
N ALA C 272 10.76 3.72 11.09
CA ALA C 272 9.59 2.84 11.13
C ALA C 272 9.67 1.72 10.11
N MET C 273 9.00 0.61 10.41
CA MET C 273 9.14 -0.60 9.61
C MET C 273 8.47 -0.45 8.25
N ASP C 274 7.24 0.09 8.26
CA ASP C 274 6.49 0.34 7.05
C ASP C 274 7.20 1.40 6.20
N PRO C 275 7.57 1.06 4.96
CA PRO C 275 8.11 2.04 4.03
C PRO C 275 7.12 3.17 3.79
N GLN C 276 5.84 2.81 3.69
CA GLN C 276 4.77 3.80 3.54
C GLN C 276 4.66 4.74 4.74
N GLN C 277 5.36 4.42 5.82
CA GLN C 277 5.27 5.20 7.05
C GLN C 277 6.41 6.19 7.22
N ARG C 278 7.55 5.93 6.59
CA ARG C 278 8.68 6.86 6.68
C ARG C 278 8.32 8.15 5.94
N PRO C 279 8.76 9.29 6.46
CA PRO C 279 8.51 10.61 5.86
C PRO C 279 9.44 10.95 4.70
N SER C 280 8.97 11.78 3.77
CA SER C 280 9.83 12.32 2.72
C SER C 280 10.94 13.15 3.35
N ALA C 281 12.06 13.28 2.64
CA ALA C 281 13.20 14.05 3.15
C ALA C 281 12.87 15.51 3.46
N LYS C 282 12.04 16.13 2.62
CA LYS C 282 11.59 17.49 2.89
C LYS C 282 10.48 17.49 3.94
N HIS C 283 9.63 16.46 3.90
CA HIS C 283 8.63 16.27 4.94
C HIS C 283 9.34 16.11 6.28
N VAL C 284 10.57 15.60 6.26
CA VAL C 284 11.38 15.58 7.48
C VAL C 284 11.88 16.99 7.74
N LEU C 285 12.33 17.66 6.68
CA LEU C 285 12.90 19.00 6.78
C LEU C 285 11.92 20.02 7.37
N LYS C 286 10.63 19.71 7.35
CA LYS C 286 9.60 20.64 7.85
C LYS C 286 9.30 20.47 9.35
N HIS C 287 9.60 19.28 9.87
CA HIS C 287 9.39 18.92 11.27
C HIS C 287 9.83 20.01 12.26
N PRO C 288 9.09 20.15 13.39
CA PRO C 288 9.42 21.05 14.50
C PRO C 288 10.82 20.83 15.04
N PHE C 289 11.34 19.61 14.89
CA PHE C 289 12.66 19.24 15.37
C PHE C 289 13.69 20.30 14.98
N PHE C 290 13.49 20.90 13.82
CA PHE C 290 14.42 21.87 13.29
C PHE C 290 14.03 23.30 13.62
N TRP C 291 12.85 23.48 14.22
CA TRP C 291 12.33 24.83 14.46
C TRP C 291 13.20 25.65 15.40
N SER C 292 13.53 26.86 14.95
CA SER C 292 14.23 27.82 15.80
C SER C 292 13.33 28.17 16.98
N LEU C 293 13.92 28.67 18.06
CA LEU C 293 13.13 29.10 19.20
C LEU C 293 12.08 30.09 18.74
N GLU C 294 12.54 31.07 17.94
CA GLU C 294 11.67 32.07 17.35
C GLU C 294 10.51 31.40 16.61
N LYS C 295 10.82 30.34 15.87
CA LYS C 295 9.81 29.59 15.13
C LYS C 295 8.77 28.99 16.07
N GLN C 296 9.24 28.40 17.17
CA GLN C 296 8.36 27.75 18.14
C GLN C 296 7.41 28.77 18.77
N LEU C 297 7.96 29.93 19.14
CA LEU C 297 7.15 30.98 19.74
C LEU C 297 6.14 31.57 18.77
N GLN C 298 6.60 31.97 17.59
CA GLN C 298 5.71 32.56 16.59
C GLN C 298 4.66 31.55 16.12
N PHE C 299 4.99 30.28 16.25
CA PHE C 299 4.02 29.21 16.04
C PHE C 299 2.94 29.30 17.12
N PHE C 300 3.35 29.23 18.38
CA PHE C 300 2.42 29.34 19.51
C PHE C 300 1.50 30.56 19.37
N GLN C 301 2.09 31.70 19.04
CA GLN C 301 1.32 32.91 18.78
C GLN C 301 0.31 32.67 17.67
N ASP C 302 0.81 32.38 16.46
CA ASP C 302 -0.06 32.22 15.29
C ASP C 302 -1.24 31.26 15.53
N VAL C 303 -0.96 30.10 16.12
CA VAL C 303 -2.05 29.19 16.46
C VAL C 303 -3.01 29.83 17.46
N SER C 304 -2.48 30.43 18.52
CA SER C 304 -3.32 31.01 19.57
C SER C 304 -4.30 32.04 19.00
N ASP C 305 -3.79 32.89 18.12
CA ASP C 305 -4.62 33.83 17.39
C ASP C 305 -5.67 33.05 16.62
N ARG C 306 -5.22 32.01 15.92
CA ARG C 306 -6.12 31.22 15.06
C ARG C 306 -7.30 30.60 15.79
N ILE C 307 -7.10 30.16 17.04
CA ILE C 307 -8.18 29.50 17.78
C ILE C 307 -9.41 30.38 18.03
N GLU C 308 -9.20 31.70 18.02
CA GLU C 308 -10.27 32.64 18.36
C GLU C 308 -11.28 32.90 17.24
N LYS C 309 -12.51 33.16 17.66
CA LYS C 309 -13.70 33.26 16.78
C LYS C 309 -14.17 31.88 16.29
N GLU C 310 -14.03 30.88 17.15
CA GLU C 310 -14.49 29.53 16.85
C GLU C 310 -15.08 28.88 18.10
N ALA C 311 -16.32 28.41 18.00
CA ALA C 311 -17.07 27.91 19.15
C ALA C 311 -16.43 26.71 19.85
N LEU C 312 -16.73 26.55 21.13
CA LEU C 312 -16.13 25.50 21.95
C LEU C 312 -16.77 24.14 21.68
N ASP C 313 -17.93 24.17 21.04
CA ASP C 313 -18.58 22.95 20.56
C ASP C 313 -17.85 22.48 19.32
N GLY C 314 -17.25 23.42 18.60
CA GLY C 314 -16.55 23.15 17.36
C GLY C 314 -15.47 22.09 17.47
N PRO C 315 -15.17 21.41 16.36
CA PRO C 315 -14.22 20.29 16.34
C PRO C 315 -12.80 20.74 16.63
N ILE C 316 -12.43 21.94 16.21
CA ILE C 316 -11.07 22.43 16.37
C ILE C 316 -10.69 22.54 17.84
N VAL C 317 -11.44 23.36 18.58
CA VAL C 317 -11.21 23.57 20.00
C VAL C 317 -11.31 22.26 20.79
N ARG C 318 -12.34 21.46 20.52
CA ARG C 318 -12.52 20.19 21.21
C ARG C 318 -11.32 19.28 20.98
N GLN C 319 -10.80 19.31 19.76
CA GLN C 319 -9.63 18.50 19.41
C GLN C 319 -8.39 18.98 20.14
N LEU C 320 -8.24 20.29 20.27
CA LEU C 320 -7.08 20.82 20.95
C LEU C 320 -7.12 20.42 22.42
N GLU C 321 -8.28 19.98 22.88
CA GLU C 321 -8.42 19.45 24.23
C GLU C 321 -8.39 17.90 24.27
N ARG C 322 -8.27 17.26 23.11
CA ARG C 322 -8.28 15.79 23.03
C ARG C 322 -7.42 15.14 24.12
N GLY C 323 -6.24 15.69 24.36
CA GLY C 323 -5.39 15.28 25.46
C GLY C 323 -5.46 16.32 26.56
N GLY C 324 -5.81 17.53 26.14
CA GLY C 324 -6.09 18.68 27.01
C GLY C 324 -5.64 18.68 28.46
N ARG C 325 -6.44 18.07 29.32
CA ARG C 325 -6.11 17.91 30.72
C ARG C 325 -4.68 17.44 30.92
N ALA C 326 -4.35 16.33 30.25
CA ALA C 326 -3.08 15.66 30.46
C ALA C 326 -1.88 16.58 30.27
N VAL C 327 -1.81 17.23 29.12
CA VAL C 327 -0.61 17.96 28.73
C VAL C 327 -0.34 19.18 29.61
N VAL C 328 -1.40 19.81 30.11
CA VAL C 328 -1.24 21.03 30.90
C VAL C 328 -0.91 20.71 32.36
N LYS C 329 -0.47 19.46 32.60
CA LYS C 329 -0.13 19.01 33.95
C LYS C 329 -1.30 19.17 34.91
N MET C 330 -2.44 18.64 34.48
CA MET C 330 -3.73 18.83 35.14
C MET C 330 -4.19 20.28 35.08
N ASP C 331 -3.45 21.14 35.76
CA ASP C 331 -3.76 22.57 35.84
C ASP C 331 -2.45 23.38 35.80
N TRP C 332 -2.25 24.14 34.72
CA TRP C 332 -0.94 24.76 34.49
C TRP C 332 -0.60 25.93 35.40
N ARG C 333 -1.61 26.49 36.07
CA ARG C 333 -1.42 27.58 37.01
C ARG C 333 -0.47 27.14 38.11
N GLU C 334 -0.58 25.87 38.50
CA GLU C 334 0.26 25.33 39.55
C GLU C 334 1.66 25.06 39.04
N ASN C 335 1.78 24.92 37.73
CA ASN C 335 3.04 24.49 37.14
C ASN C 335 3.86 25.60 36.47
N ILE C 336 3.38 26.83 36.55
CA ILE C 336 4.21 27.97 36.18
C ILE C 336 4.83 28.57 37.42
N THR C 337 5.40 29.77 37.29
CA THR C 337 6.11 30.38 38.41
C THR C 337 5.18 31.29 39.23
N VAL C 338 5.59 31.63 40.45
CA VAL C 338 4.74 32.44 41.33
C VAL C 338 4.34 33.84 40.81
N PRO C 339 5.32 34.66 40.36
CA PRO C 339 5.00 36.00 39.82
C PRO C 339 3.97 35.92 38.71
N LEU C 340 4.09 34.89 37.88
CA LEU C 340 3.25 34.73 36.71
C LEU C 340 1.78 34.47 37.08
N GLN C 341 1.54 33.55 38.02
CA GLN C 341 0.18 33.26 38.44
C GLN C 341 -0.40 34.46 39.18
N THR C 342 0.38 34.98 40.13
CA THR C 342 0.03 36.20 40.84
C THR C 342 -0.46 37.27 39.86
N ASP C 343 0.21 37.37 38.71
CA ASP C 343 -0.22 38.29 37.67
C ASP C 343 -1.44 37.75 36.90
N LEU C 344 -1.64 36.44 36.93
CA LEU C 344 -2.70 35.83 36.12
C LEU C 344 -4.09 35.83 36.78
N ARG C 345 -4.13 35.88 38.11
CA ARG C 345 -5.39 35.98 38.84
C ARG C 345 -6.20 37.17 38.36
N LYS C 346 -5.50 38.24 38.00
CA LYS C 346 -6.12 39.49 37.57
C LYS C 346 -7.09 39.33 36.39
N PHE C 347 -6.78 38.41 35.49
CA PHE C 347 -7.52 38.34 34.24
C PHE C 347 -8.55 37.21 34.21
N ARG C 348 -8.27 36.13 34.92
CA ARG C 348 -9.05 34.89 34.84
C ARG C 348 -10.55 35.02 35.13
N THR C 349 -11.44 34.39 34.34
CA THR C 349 -11.33 33.94 32.92
C THR C 349 -10.37 32.85 32.41
N TYR C 350 -9.39 32.44 33.21
CA TYR C 350 -8.36 31.50 32.73
C TYR C 350 -8.45 30.17 33.44
N LYS C 351 -8.84 29.14 32.69
CA LYS C 351 -9.13 27.84 33.26
C LYS C 351 -7.90 27.11 33.81
N GLY C 352 -6.92 26.86 32.96
CA GLY C 352 -5.72 26.18 33.41
C GLY C 352 -5.82 24.69 33.18
N GLY C 353 -7.05 24.19 33.14
CA GLY C 353 -7.31 22.82 32.73
C GLY C 353 -7.37 22.78 31.22
N SER C 354 -7.55 23.95 30.60
CA SER C 354 -7.61 24.04 29.14
C SER C 354 -6.25 24.36 28.55
N VAL C 355 -6.00 23.83 27.36
CA VAL C 355 -4.76 24.10 26.64
C VAL C 355 -4.83 25.45 25.94
N ARG C 356 -5.94 25.71 25.25
CA ARG C 356 -6.11 26.95 24.49
C ARG C 356 -5.98 28.18 25.38
N ASP C 357 -6.23 27.98 26.68
CA ASP C 357 -6.08 29.05 27.67
C ASP C 357 -4.62 29.30 28.01
N LEU C 358 -3.81 28.25 28.04
CA LEU C 358 -2.39 28.42 28.28
C LEU C 358 -1.76 29.05 27.05
N LEU C 359 -2.24 28.64 25.89
CA LEU C 359 -1.78 29.21 24.62
C LEU C 359 -2.12 30.70 24.51
N ARG C 360 -3.38 31.01 24.82
CA ARG C 360 -3.84 32.38 24.75
C ARG C 360 -3.14 33.23 25.81
N ALA C 361 -2.89 32.65 26.97
CA ALA C 361 -2.21 33.37 28.04
C ALA C 361 -0.79 33.66 27.62
N MET C 362 -0.17 32.73 26.91
CA MET C 362 1.17 32.96 26.40
C MET C 362 1.16 34.10 25.38
N ARG C 363 0.14 34.11 24.52
CA ARG C 363 -0.01 35.16 23.51
C ARG C 363 -0.21 36.54 24.15
N ASN C 364 -0.95 36.57 25.25
CA ASN C 364 -1.24 37.82 25.92
C ASN C 364 -0.04 38.34 26.71
N LYS C 365 0.64 37.45 27.41
CA LYS C 365 1.81 37.88 28.18
C LYS C 365 3.03 38.09 27.28
N LYS C 366 2.92 37.69 26.01
CA LYS C 366 3.98 37.98 25.06
C LYS C 366 3.72 39.31 24.35
N HIS C 367 2.47 39.52 23.95
CA HIS C 367 2.11 40.70 23.15
C HIS C 367 2.06 41.98 23.97
N HIS C 368 1.59 41.85 25.21
CA HIS C 368 1.61 42.94 26.17
C HIS C 368 2.83 42.81 27.07
N TYR C 369 3.97 42.43 26.49
CA TYR C 369 5.16 42.19 27.31
C TYR C 369 5.62 43.50 27.91
N ARG C 370 5.86 44.50 27.07
CA ARG C 370 6.44 45.78 27.50
C ARG C 370 5.78 46.42 28.73
N GLU C 371 4.54 46.02 29.01
CA GLU C 371 3.74 46.66 30.05
C GLU C 371 3.45 45.78 31.26
N LEU C 372 4.10 44.63 31.32
CA LEU C 372 3.99 43.73 32.46
C LEU C 372 4.99 44.16 33.52
N PRO C 373 4.61 44.04 34.79
CA PRO C 373 5.47 44.35 35.94
C PRO C 373 6.85 43.74 35.82
N VAL C 374 7.86 44.47 36.27
CA VAL C 374 9.27 44.13 36.07
C VAL C 374 9.64 42.72 36.52
N GLU C 375 9.08 42.26 37.63
CA GLU C 375 9.40 40.94 38.14
C GLU C 375 8.94 39.86 37.17
N VAL C 376 7.76 40.06 36.61
CA VAL C 376 7.20 39.16 35.60
C VAL C 376 8.14 39.03 34.40
N GLN C 377 8.59 40.17 33.89
CA GLN C 377 9.55 40.20 32.78
C GLN C 377 10.83 39.50 33.18
N GLU C 378 11.25 39.69 34.43
CA GLU C 378 12.48 39.09 34.91
C GLU C 378 12.40 37.57 34.93
N THR C 379 11.22 37.04 35.25
CA THR C 379 10.99 35.59 35.26
C THR C 379 10.79 35.00 33.86
N LEU C 380 10.17 35.78 32.97
CA LEU C 380 9.80 35.29 31.66
C LEU C 380 10.91 35.51 30.65
N GLY C 381 11.55 36.68 30.74
CA GLY C 381 12.48 37.13 29.72
C GLY C 381 13.74 36.30 29.56
N SER C 382 14.45 36.52 28.45
CA SER C 382 14.05 37.52 27.47
C SER C 382 13.48 36.91 26.19
N ILE C 383 12.83 37.74 25.38
CA ILE C 383 12.16 37.29 24.17
C ILE C 383 13.08 37.08 22.94
N PRO C 384 12.82 36.03 22.14
CA PRO C 384 11.80 35.00 22.29
C PRO C 384 12.32 33.78 23.04
N ASP C 385 13.64 33.60 22.95
CA ASP C 385 14.33 32.43 23.47
C ASP C 385 13.88 31.98 24.86
N ASP C 386 14.12 32.80 25.86
CA ASP C 386 13.88 32.40 27.24
C ASP C 386 12.40 32.37 27.59
N PHE C 387 11.58 32.95 26.72
CA PHE C 387 10.12 32.90 26.86
C PHE C 387 9.60 31.51 26.47
N VAL C 388 9.78 31.14 25.19
CA VAL C 388 9.31 29.83 24.75
C VAL C 388 9.99 28.77 25.59
N ARG C 389 11.23 29.02 25.99
CA ARG C 389 11.91 28.10 26.89
C ARG C 389 11.15 28.01 28.22
N TYR C 390 10.82 29.17 28.80
CA TYR C 390 10.06 29.20 30.05
C TYR C 390 8.87 28.27 29.99
N PHE C 391 8.13 28.32 28.88
CA PHE C 391 6.94 27.47 28.81
C PHE C 391 7.18 26.01 28.42
N THR C 392 8.14 25.80 27.54
CA THR C 392 8.33 24.50 26.94
C THR C 392 9.14 23.60 27.88
N SER C 393 9.79 24.24 28.86
CA SER C 393 10.53 23.53 29.90
C SER C 393 9.59 22.87 30.88
N ARG C 394 8.54 23.58 31.25
CA ARG C 394 7.62 23.11 32.26
C ARG C 394 6.51 22.25 31.67
N PHE C 395 6.37 22.30 30.34
CA PHE C 395 5.29 21.58 29.68
C PHE C 395 5.85 20.96 28.42
N PRO C 396 6.39 19.74 28.54
CA PRO C 396 7.18 19.07 27.50
C PRO C 396 6.34 18.73 26.29
N HIS C 397 5.16 18.20 26.54
CA HIS C 397 4.27 17.77 25.47
C HIS C 397 3.47 18.92 24.87
N LEU C 398 3.73 20.15 25.35
CA LEU C 398 2.94 21.28 24.90
C LEU C 398 3.04 21.54 23.39
N LEU C 399 4.24 21.80 22.91
CA LEU C 399 4.43 22.06 21.47
C LEU C 399 3.99 20.87 20.65
N SER C 400 4.37 19.68 21.10
CA SER C 400 4.04 18.44 20.40
C SER C 400 2.52 18.28 20.27
N HIS C 401 1.83 18.35 21.39
CA HIS C 401 0.38 18.13 21.41
C HIS C 401 -0.35 19.20 20.61
N THR C 402 0.07 20.43 20.80
CA THR C 402 -0.49 21.54 20.05
C THR C 402 -0.33 21.29 18.55
N TYR C 403 0.81 20.71 18.18
CA TYR C 403 1.13 20.43 16.78
C TYR C 403 0.23 19.34 16.23
N GLN C 404 0.22 18.20 16.91
CA GLN C 404 -0.56 17.05 16.48
C GLN C 404 -2.04 17.38 16.40
N ALA C 405 -2.54 18.06 17.41
CA ALA C 405 -3.96 18.39 17.47
C ALA C 405 -4.34 19.47 16.45
N MET C 406 -3.38 20.31 16.08
CA MET C 406 -3.66 21.39 15.12
C MET C 406 -3.45 21.00 13.67
N GLU C 407 -3.30 19.71 13.39
CA GLU C 407 -3.08 19.23 12.03
C GLU C 407 -4.21 19.63 11.08
N LEU C 408 -5.30 20.11 11.65
CA LEU C 408 -6.55 20.31 10.91
C LEU C 408 -6.42 21.37 9.85
N CYS C 409 -5.48 22.28 10.03
CA CYS C 409 -5.35 23.41 9.12
C CYS C 409 -4.00 23.42 8.40
N ARG C 410 -3.60 22.27 7.88
CA ARG C 410 -2.34 22.17 7.17
C ARG C 410 -2.40 22.81 5.79
N HIS C 411 -3.58 22.75 5.17
CA HIS C 411 -3.78 23.23 3.80
C HIS C 411 -3.81 24.75 3.71
N GLU C 412 -4.20 25.39 4.79
CA GLU C 412 -4.38 26.85 4.80
C GLU C 412 -3.07 27.60 4.54
N ARG C 413 -3.20 28.80 3.97
CA ARG C 413 -2.06 29.54 3.44
C ARG C 413 -1.07 30.12 4.45
N LEU C 414 -1.44 30.15 5.74
CA LEU C 414 -0.54 30.70 6.76
C LEU C 414 0.39 29.62 7.31
N PHE C 415 -0.19 28.49 7.70
CA PHE C 415 0.55 27.43 8.38
C PHE C 415 1.47 26.64 7.45
N GLN C 416 1.66 27.14 6.24
CA GLN C 416 2.48 26.43 5.26
C GLN C 416 3.97 26.48 5.59
N THR C 417 4.34 27.32 6.54
CA THR C 417 5.71 27.32 7.05
C THR C 417 5.85 26.28 8.16
N TYR C 418 4.71 25.74 8.59
CA TYR C 418 4.68 24.81 9.72
C TYR C 418 4.35 23.39 9.29
N TYR C 419 3.38 23.25 8.39
CA TYR C 419 2.84 21.95 7.99
C TYR C 419 3.13 21.61 6.52
N TRP C 420 3.23 20.32 6.21
CA TRP C 420 3.70 19.87 4.90
C TRP C 420 2.61 19.63 3.86
N HIS C 421 3.02 19.62 2.59
CA HIS C 421 2.14 19.32 1.46
C HIS C 421 2.70 18.19 0.60
N THR D 19 -16.55 21.46 92.49
CA THR D 19 -16.97 20.75 91.28
C THR D 19 -18.50 20.53 91.26
N ARG D 20 -19.22 21.61 90.98
CA ARG D 20 -20.68 21.66 91.12
C ARG D 20 -21.43 21.37 89.82
N MET D 21 -22.12 20.24 89.77
CA MET D 21 -22.85 19.84 88.57
C MET D 21 -24.19 20.58 88.44
N VAL D 22 -24.59 20.84 87.19
CA VAL D 22 -25.88 21.46 86.91
C VAL D 22 -26.84 20.40 86.38
N ILE D 23 -28.14 20.68 86.42
CA ILE D 23 -29.09 19.72 85.86
C ILE D 23 -29.76 20.15 84.55
N VAL D 24 -30.81 20.97 84.64
CA VAL D 24 -31.82 21.13 83.58
C VAL D 24 -32.21 19.78 82.93
N GLY D 25 -32.65 18.86 83.78
CA GLY D 25 -33.00 17.50 83.39
C GLY D 25 -34.00 17.39 82.25
N LYS D 26 -33.96 16.29 81.50
CA LYS D 26 -33.23 15.07 81.86
C LYS D 26 -31.74 15.05 81.53
N ILE D 27 -31.19 16.19 81.14
CA ILE D 27 -29.76 16.32 80.88
C ILE D 27 -29.05 16.65 82.20
N SER D 28 -27.79 16.25 82.31
CA SER D 28 -26.96 16.60 83.44
C SER D 28 -25.52 16.72 82.97
N PHE D 29 -24.75 17.58 83.61
CA PHE D 29 -23.33 17.73 83.26
C PHE D 29 -22.51 18.53 84.28
N CYS D 30 -21.24 18.15 84.41
CA CYS D 30 -20.28 18.96 85.17
C CYS D 30 -19.71 20.04 84.26
N PRO D 31 -19.99 21.32 84.57
CA PRO D 31 -19.54 22.43 83.72
C PRO D 31 -18.03 22.75 83.84
N LYS D 32 -17.34 22.14 84.79
CA LYS D 32 -15.90 22.36 84.93
C LYS D 32 -15.11 21.45 83.97
N ASP D 33 -15.78 20.46 83.41
CA ASP D 33 -15.18 19.54 82.44
C ASP D 33 -15.50 20.00 81.01
N VAL D 34 -14.81 21.04 80.55
CA VAL D 34 -15.12 21.65 79.26
C VAL D 34 -14.56 20.85 78.09
N LEU D 35 -15.31 20.82 76.99
CA LEU D 35 -14.85 20.13 75.78
C LEU D 35 -14.56 21.10 74.64
N GLY D 36 -15.11 22.31 74.72
CA GLY D 36 -14.69 23.33 73.79
C GLY D 36 -15.69 24.40 73.43
N HIS D 37 -15.19 25.63 73.28
CA HIS D 37 -16.02 26.73 72.84
C HIS D 37 -16.28 26.57 71.36
N GLY D 38 -17.44 27.01 70.90
CA GLY D 38 -17.78 26.94 69.49
C GLY D 38 -18.08 28.29 68.87
N ALA D 39 -19.00 28.27 67.91
CA ALA D 39 -19.37 29.48 67.18
C ALA D 39 -20.38 30.32 67.96
N GLU D 40 -20.13 31.63 68.00
CA GLU D 40 -21.04 32.57 68.66
C GLU D 40 -21.36 32.20 70.11
N GLY D 41 -20.32 31.91 70.88
CA GLY D 41 -20.46 31.75 72.33
C GLY D 41 -20.93 30.39 72.79
N THR D 42 -21.27 29.53 71.84
CA THR D 42 -21.73 28.18 72.17
C THR D 42 -20.59 27.32 72.73
N ILE D 43 -20.85 26.64 73.85
CA ILE D 43 -19.83 25.83 74.52
C ILE D 43 -20.29 24.39 74.70
N VAL D 44 -19.32 23.46 74.66
CA VAL D 44 -19.58 22.03 74.87
C VAL D 44 -18.84 21.46 76.07
N TYR D 45 -19.60 20.88 77.00
CA TYR D 45 -19.07 20.21 78.17
C TYR D 45 -19.33 18.71 78.09
N LYS D 46 -18.79 17.99 79.06
CA LYS D 46 -18.98 16.55 79.20
C LYS D 46 -20.05 16.22 80.24
N GLY D 47 -21.15 15.61 79.80
CA GLY D 47 -22.24 15.24 80.70
C GLY D 47 -22.66 13.78 80.71
N MET D 48 -23.76 13.47 81.41
CA MET D 48 -24.30 12.11 81.45
C MET D 48 -25.76 12.14 80.97
N PHE D 49 -26.29 11.02 80.49
CA PHE D 49 -27.70 10.99 80.09
C PHE D 49 -28.55 10.08 80.98
N ASP D 50 -28.77 8.85 80.52
CA ASP D 50 -29.48 7.87 81.33
C ASP D 50 -28.60 7.48 82.51
N ASN D 51 -27.33 7.19 82.22
CA ASN D 51 -26.31 6.87 83.22
C ASN D 51 -24.97 6.64 82.55
N ARG D 52 -24.99 6.71 81.22
CA ARG D 52 -23.78 6.59 80.43
C ARG D 52 -23.11 7.95 80.29
N ASP D 53 -21.91 7.94 79.72
CA ASP D 53 -21.17 9.18 79.43
C ASP D 53 -21.56 9.73 78.06
N VAL D 54 -21.75 11.05 77.99
CA VAL D 54 -22.33 11.75 76.83
C VAL D 54 -21.67 13.13 76.69
N ALA D 55 -21.68 13.70 75.48
CA ALA D 55 -21.28 15.10 75.31
C ALA D 55 -22.51 16.00 75.33
N VAL D 56 -22.44 17.10 76.07
CA VAL D 56 -23.55 18.06 76.15
C VAL D 56 -23.17 19.45 75.66
N LYS D 57 -23.95 19.94 74.70
CA LYS D 57 -23.70 21.21 74.04
C LYS D 57 -24.69 22.27 74.51
N ARG D 58 -24.17 23.35 75.10
CA ARG D 58 -24.99 24.49 75.53
C ARG D 58 -25.05 25.54 74.42
N ILE D 59 -26.26 26.04 74.16
CA ILE D 59 -26.46 26.97 73.06
C ILE D 59 -27.34 28.16 73.44
N LEU D 60 -26.89 29.37 73.11
CA LEU D 60 -27.75 30.54 73.22
C LEU D 60 -28.86 30.43 72.21
N PRO D 61 -30.11 30.49 72.67
CA PRO D 61 -31.25 30.45 71.75
C PRO D 61 -31.26 31.66 70.83
N GLU D 62 -30.60 32.73 71.27
CA GLU D 62 -30.61 34.00 70.55
C GLU D 62 -29.64 34.01 69.37
N CYS D 63 -28.69 33.07 69.38
CA CYS D 63 -27.74 32.95 68.29
C CYS D 63 -28.27 31.99 67.22
N PHE D 64 -28.47 30.73 67.61
CA PHE D 64 -28.83 29.66 66.66
C PHE D 64 -30.31 29.30 66.65
N SER D 65 -30.70 28.51 65.64
CA SER D 65 -32.06 27.97 65.56
C SER D 65 -32.03 26.48 65.25
N PHE D 66 -32.59 25.70 66.16
CA PHE D 66 -32.68 24.25 66.04
C PHE D 66 -34.00 23.91 65.34
N ALA D 67 -33.98 22.93 64.45
CA ALA D 67 -35.20 22.44 63.81
C ALA D 67 -35.47 20.99 64.23
N ASP D 68 -36.18 20.82 65.34
CA ASP D 68 -36.43 19.50 65.92
C ASP D 68 -37.10 18.54 64.96
N ARG D 69 -37.88 19.09 64.03
CA ARG D 69 -38.65 18.30 63.07
C ARG D 69 -37.75 17.41 62.24
N GLU D 70 -36.73 18.01 61.64
CA GLU D 70 -35.80 17.27 60.79
C GLU D 70 -35.02 16.23 61.60
N VAL D 71 -34.70 16.55 62.85
CA VAL D 71 -34.03 15.59 63.73
C VAL D 71 -34.94 14.41 64.06
N GLN D 72 -36.25 14.67 64.10
CA GLN D 72 -37.21 13.59 64.27
C GLN D 72 -37.31 12.75 62.99
N LEU D 73 -37.07 13.37 61.85
CA LEU D 73 -36.91 12.60 60.61
C LEU D 73 -35.68 11.71 60.71
N LEU D 74 -34.64 12.21 61.38
CA LEU D 74 -33.42 11.44 61.64
C LEU D 74 -33.67 10.24 62.53
N ARG D 75 -34.48 10.44 63.57
CA ARG D 75 -34.68 9.42 64.59
C ARG D 75 -35.70 8.34 64.18
N GLU D 76 -36.63 8.71 63.31
CA GLU D 76 -37.68 7.79 62.87
C GLU D 76 -37.29 7.00 61.63
N SER D 77 -36.01 7.04 61.27
CA SER D 77 -35.47 6.15 60.26
C SER D 77 -34.27 5.44 60.86
N ASP D 78 -33.68 4.51 60.13
CA ASP D 78 -32.61 3.68 60.68
C ASP D 78 -31.37 4.48 61.10
N GLU D 79 -30.71 4.00 62.15
CA GLU D 79 -29.45 4.59 62.62
C GLU D 79 -28.36 4.34 61.60
N HIS D 80 -27.58 5.37 61.29
CA HIS D 80 -26.45 5.25 60.38
C HIS D 80 -25.16 5.44 61.16
N PRO D 81 -24.31 4.40 61.19
CA PRO D 81 -23.04 4.41 61.95
C PRO D 81 -22.13 5.60 61.66
N ASN D 82 -22.25 6.20 60.48
CA ASN D 82 -21.46 7.40 60.18
C ASN D 82 -22.27 8.71 60.22
N VAL D 83 -23.42 8.65 60.86
CA VAL D 83 -24.22 9.83 61.13
C VAL D 83 -24.59 9.82 62.59
N ILE D 84 -24.22 10.87 63.32
CA ILE D 84 -24.47 10.92 64.76
C ILE D 84 -25.96 11.08 65.10
N ARG D 85 -26.38 10.54 66.24
CA ARG D 85 -27.77 10.61 66.67
C ARG D 85 -27.95 11.67 67.74
N TYR D 86 -28.99 12.48 67.61
CA TYR D 86 -29.30 13.45 68.64
C TYR D 86 -30.22 12.82 69.68
N PHE D 87 -29.73 12.71 70.93
CA PHE D 87 -30.55 12.11 71.98
C PHE D 87 -31.83 12.91 72.22
N CYS D 88 -31.71 13.99 72.97
CA CYS D 88 -32.87 14.82 73.26
C CYS D 88 -32.54 16.31 73.27
N THR D 89 -33.55 17.14 73.08
CA THR D 89 -33.40 18.58 73.17
C THR D 89 -34.46 19.17 74.09
N GLU D 90 -34.02 19.99 75.04
CA GLU D 90 -34.94 20.64 75.97
C GLU D 90 -34.50 22.08 76.22
N LYS D 91 -35.47 22.97 76.39
CA LYS D 91 -35.18 24.40 76.51
C LYS D 91 -35.15 24.93 77.93
N ASP D 92 -33.96 25.32 78.38
CA ASP D 92 -33.80 26.11 79.58
C ASP D 92 -34.46 27.47 79.35
N ARG D 93 -34.74 28.21 80.42
CA ARG D 93 -35.41 29.51 80.31
C ARG D 93 -34.64 30.53 79.46
N GLN D 94 -33.31 30.50 79.58
CA GLN D 94 -32.45 31.44 78.85
C GLN D 94 -31.49 30.72 77.91
N PHE D 95 -31.65 29.40 77.81
CA PHE D 95 -30.70 28.57 77.07
C PHE D 95 -31.33 27.49 76.19
N GLN D 96 -30.46 26.65 75.60
CA GLN D 96 -30.85 25.42 74.91
C GLN D 96 -29.76 24.39 75.19
N TYR D 97 -30.14 23.13 75.33
CA TYR D 97 -29.16 22.10 75.64
C TYR D 97 -29.34 20.89 74.73
N ILE D 98 -28.23 20.34 74.24
CA ILE D 98 -28.28 19.16 73.37
C ILE D 98 -27.36 18.04 73.84
N ALA D 99 -27.88 16.81 73.86
CA ALA D 99 -27.12 15.64 74.30
C ALA D 99 -26.78 14.69 73.15
N ILE D 100 -25.49 14.61 72.82
CA ILE D 100 -25.03 13.81 71.69
C ILE D 100 -23.89 12.89 72.09
N GLU D 101 -23.64 11.86 71.29
CA GLU D 101 -22.56 10.91 71.54
C GLU D 101 -21.23 11.57 71.85
N LEU D 102 -20.63 11.22 72.98
CA LEU D 102 -19.29 11.65 73.30
C LEU D 102 -18.27 10.98 72.39
N CYS D 103 -17.71 11.77 71.48
CA CYS D 103 -16.70 11.28 70.55
C CYS D 103 -15.28 11.56 71.04
N ALA D 104 -14.34 10.79 70.52
CA ALA D 104 -12.95 10.90 70.95
C ALA D 104 -12.29 12.13 70.38
N ALA D 105 -12.54 12.41 69.10
CA ALA D 105 -11.87 13.55 68.46
C ALA D 105 -12.52 13.98 67.15
N THR D 106 -11.99 15.04 66.55
CA THR D 106 -12.44 15.50 65.26
C THR D 106 -11.31 15.34 64.26
N LEU D 107 -11.63 15.46 62.98
CA LEU D 107 -10.65 15.25 61.92
C LEU D 107 -9.33 15.93 62.21
N GLN D 108 -9.40 17.18 62.69
CA GLN D 108 -8.20 17.99 62.92
C GLN D 108 -7.15 17.31 63.78
N GLU D 109 -7.61 16.60 64.81
CA GLU D 109 -6.70 15.82 65.62
C GLU D 109 -6.09 14.69 64.79
N TYR D 110 -6.92 14.02 63.97
CA TYR D 110 -6.45 12.94 63.12
C TYR D 110 -5.32 13.43 62.22
N VAL D 111 -5.59 14.53 61.52
CA VAL D 111 -4.74 14.97 60.44
C VAL D 111 -3.50 15.71 60.93
N GLU D 112 -3.67 16.56 61.93
CA GLU D 112 -2.58 17.44 62.37
C GLU D 112 -1.70 16.87 63.47
N GLN D 113 -2.31 16.22 64.45
CA GLN D 113 -1.55 15.58 65.52
C GLN D 113 -0.86 14.35 64.99
N LYS D 114 0.45 14.48 64.74
CA LYS D 114 1.26 13.42 64.13
C LYS D 114 1.17 12.10 64.88
N ASP D 115 1.06 12.18 66.20
CA ASP D 115 0.92 10.98 67.01
C ASP D 115 -0.52 10.88 67.49
N PHE D 116 -1.34 10.22 66.69
CA PHE D 116 -2.76 10.07 67.00
C PHE D 116 -3.20 8.62 66.88
N ALA D 117 -2.54 7.87 66.00
CA ALA D 117 -2.80 6.46 65.76
C ALA D 117 -4.21 6.18 65.22
N HIS D 118 -4.31 5.97 63.92
CA HIS D 118 -5.59 5.79 63.25
C HIS D 118 -6.26 4.49 63.68
N LEU D 119 -5.41 3.51 64.01
CA LEU D 119 -5.78 2.23 64.65
C LEU D 119 -7.26 2.02 64.99
N GLY D 120 -8.02 1.48 64.04
CA GLY D 120 -7.51 1.17 62.72
C GLY D 120 -8.54 1.51 61.67
N LEU D 121 -8.42 2.71 61.12
CA LEU D 121 -9.25 3.12 60.01
C LEU D 121 -8.48 3.97 59.00
N GLU D 122 -8.58 3.58 57.73
CA GLU D 122 -7.89 4.26 56.64
C GLU D 122 -8.47 5.65 56.43
N PRO D 123 -7.62 6.62 56.05
CA PRO D 123 -8.04 8.00 55.78
C PRO D 123 -9.06 8.04 54.64
N ILE D 124 -8.80 7.23 53.63
CA ILE D 124 -9.68 7.09 52.48
C ILE D 124 -11.04 6.54 52.90
N THR D 125 -11.03 5.63 53.87
CA THR D 125 -12.26 4.99 54.33
C THR D 125 -12.99 5.86 55.34
N LEU D 126 -12.23 6.69 56.07
CA LEU D 126 -12.81 7.73 56.91
C LEU D 126 -13.63 8.60 55.99
N LEU D 127 -12.99 9.01 54.90
CA LEU D 127 -13.65 9.80 53.89
C LEU D 127 -14.90 9.10 53.39
N HIS D 128 -14.77 7.80 53.15
CA HIS D 128 -15.87 6.99 52.66
C HIS D 128 -17.07 7.02 53.61
N GLN D 129 -16.83 6.69 54.89
CA GLN D 129 -17.86 6.79 55.92
C GLN D 129 -18.51 8.16 55.89
N THR D 130 -17.67 9.19 55.77
CA THR D 130 -18.13 10.57 55.86
C THR D 130 -19.11 10.91 54.76
N THR D 131 -18.68 10.68 53.52
CA THR D 131 -19.49 10.96 52.34
C THR D 131 -20.71 10.07 52.24
N SER D 132 -20.61 8.85 52.77
CA SER D 132 -21.73 7.93 52.79
C SER D 132 -22.79 8.42 53.75
N GLY D 133 -22.35 8.86 54.93
CA GLY D 133 -23.25 9.39 55.93
C GLY D 133 -23.97 10.60 55.38
N LEU D 134 -23.20 11.48 54.75
CA LEU D 134 -23.77 12.65 54.12
C LEU D 134 -24.78 12.26 53.03
N ALA D 135 -24.44 11.23 52.27
CA ALA D 135 -25.30 10.71 51.22
C ALA D 135 -26.63 10.26 51.81
N HIS D 136 -26.55 9.69 53.00
CA HIS D 136 -27.73 9.23 53.70
C HIS D 136 -28.57 10.42 54.13
N LEU D 137 -27.91 11.50 54.55
CA LEU D 137 -28.65 12.73 54.85
C LEU D 137 -29.36 13.27 53.62
N HIS D 138 -28.66 13.24 52.49
CA HIS D 138 -29.16 13.81 51.24
C HIS D 138 -30.30 13.00 50.65
N SER D 139 -30.28 11.69 50.92
CA SER D 139 -31.36 10.82 50.50
C SER D 139 -32.65 11.26 51.19
N LEU D 140 -32.52 11.60 52.47
CA LEU D 140 -33.67 11.99 53.28
C LEU D 140 -34.13 13.42 52.99
N ASN D 141 -33.64 14.01 51.90
CA ASN D 141 -33.96 15.40 51.56
C ASN D 141 -33.62 16.35 52.72
N ILE D 142 -32.48 16.13 53.37
CA ILE D 142 -31.98 17.06 54.38
C ILE D 142 -30.56 17.51 54.03
N VAL D 143 -30.29 18.80 54.23
CA VAL D 143 -29.01 19.40 53.88
C VAL D 143 -28.23 19.78 55.15
N HIS D 144 -26.96 19.41 55.20
CA HIS D 144 -26.16 19.63 56.40
C HIS D 144 -25.77 21.10 56.57
N ARG D 145 -25.61 21.79 55.44
CA ARG D 145 -25.34 23.24 55.39
C ARG D 145 -24.03 23.76 56.03
N ASP D 146 -23.52 23.10 57.06
CA ASP D 146 -22.26 23.53 57.68
C ASP D 146 -21.30 22.37 57.90
N LEU D 147 -20.45 22.12 56.92
CA LEU D 147 -19.58 20.94 56.97
C LEU D 147 -18.10 21.34 57.04
N LYS D 148 -17.37 20.66 57.93
CA LYS D 148 -15.98 21.01 58.19
C LYS D 148 -15.40 19.91 59.07
N PRO D 149 -14.06 19.89 59.25
CA PRO D 149 -13.39 18.93 60.15
C PRO D 149 -13.99 18.88 61.55
N HIS D 150 -14.25 20.05 62.12
CA HIS D 150 -14.86 20.14 63.44
C HIS D 150 -16.17 19.36 63.51
N ASN D 151 -16.97 19.42 62.45
CA ASN D 151 -18.28 18.77 62.45
C ASN D 151 -18.30 17.34 61.91
N ILE D 152 -17.11 16.79 61.63
CA ILE D 152 -16.99 15.37 61.33
C ILE D 152 -16.08 14.75 62.39
N LEU D 153 -16.68 13.84 63.18
CA LEU D 153 -16.12 13.36 64.44
C LEU D 153 -15.79 11.86 64.47
N LEU D 154 -14.55 11.53 64.82
CA LEU D 154 -14.18 10.14 65.10
C LEU D 154 -14.43 9.74 66.57
N SER D 155 -14.86 8.48 66.74
CA SER D 155 -15.34 7.95 68.02
C SER D 155 -14.29 7.40 68.98
N MET D 156 -14.77 7.04 70.17
CA MET D 156 -13.96 6.41 71.21
C MET D 156 -13.73 4.92 70.89
N PRO D 157 -12.50 4.43 71.12
CA PRO D 157 -12.09 3.03 70.91
C PRO D 157 -13.12 2.05 71.44
N ASN D 158 -13.52 1.08 70.62
CA ASN D 158 -14.54 0.12 71.02
C ASN D 158 -14.00 -1.05 71.84
N ALA D 159 -14.71 -2.18 71.78
CA ALA D 159 -14.36 -3.35 72.58
C ALA D 159 -12.94 -3.83 72.33
N HIS D 160 -12.54 -3.88 71.06
CA HIS D 160 -11.17 -4.27 70.73
C HIS D 160 -10.37 -3.18 70.01
N GLY D 161 -10.75 -1.93 70.22
CA GLY D 161 -9.88 -0.80 69.90
C GLY D 161 -10.05 -0.07 68.58
N ARG D 162 -11.01 -0.49 67.77
CA ARG D 162 -11.24 0.15 66.47
C ARG D 162 -12.00 1.47 66.64
N ILE D 163 -11.59 2.50 65.90
CA ILE D 163 -12.25 3.81 65.98
C ILE D 163 -13.00 4.17 64.68
N LYS D 164 -14.17 4.82 64.84
CA LYS D 164 -15.10 5.08 63.74
C LYS D 164 -15.43 6.56 63.65
N ALA D 165 -15.74 7.04 62.44
CA ALA D 165 -16.17 8.44 62.28
C ALA D 165 -17.62 8.58 61.82
N MET D 166 -18.31 9.55 62.41
CA MET D 166 -19.65 9.99 62.00
C MET D 166 -19.64 11.49 61.72
N ILE D 167 -20.75 12.04 61.26
CA ILE D 167 -20.86 13.49 61.08
C ILE D 167 -21.72 14.08 62.21
N SER D 168 -21.60 15.39 62.43
CA SER D 168 -22.28 16.04 63.56
C SER D 168 -22.68 17.51 63.32
N ASP D 169 -23.34 18.10 64.32
CA ASP D 169 -23.76 19.51 64.32
C ASP D 169 -24.72 19.86 63.19
N PHE D 170 -25.58 18.93 62.82
CA PHE D 170 -26.51 19.15 61.71
C PHE D 170 -27.92 19.54 62.16
N GLY D 171 -28.75 19.95 61.20
CA GLY D 171 -30.13 20.32 61.47
C GLY D 171 -30.34 21.77 61.91
N LEU D 172 -29.32 22.33 62.58
CA LEU D 172 -29.42 23.68 63.14
C LEU D 172 -28.76 24.75 62.26
N CYS D 173 -29.18 26.00 62.42
CA CYS D 173 -28.56 27.11 61.67
C CYS D 173 -28.45 28.38 62.53
N LYS D 174 -28.26 29.54 61.90
CA LYS D 174 -28.13 30.80 62.63
C LYS D 174 -29.01 31.92 62.09
N LYS D 175 -29.64 32.68 62.99
CA LYS D 175 -30.53 33.77 62.59
C LYS D 175 -29.81 35.12 62.44
N LEU D 176 -30.57 36.21 62.47
CA LEU D 176 -30.00 37.55 62.29
C LEU D 176 -29.74 38.24 63.64
N VAL D 189 -25.99 34.31 57.77
CA VAL D 189 -25.87 33.21 56.82
C VAL D 189 -25.30 31.96 57.51
N PRO D 190 -25.92 30.79 57.26
CA PRO D 190 -25.38 29.55 57.80
C PRO D 190 -24.00 29.24 57.21
N GLY D 191 -23.30 28.27 57.80
CA GLY D 191 -21.98 27.91 57.33
C GLY D 191 -20.87 28.52 58.16
N THR D 192 -19.64 28.13 57.87
CA THR D 192 -18.47 28.62 58.59
C THR D 192 -17.45 29.24 57.64
N GLU D 193 -16.84 30.34 58.06
CA GLU D 193 -15.91 31.07 57.22
C GLU D 193 -14.71 30.21 56.82
N GLY D 194 -14.61 29.92 55.53
CA GLY D 194 -13.53 29.10 55.01
C GLY D 194 -14.02 27.88 54.26
N TRP D 195 -15.29 27.52 54.45
CA TRP D 195 -15.82 26.28 53.88
C TRP D 195 -17.16 26.47 53.18
N ILE D 196 -17.57 27.71 52.99
CA ILE D 196 -18.87 27.95 52.40
C ILE D 196 -18.72 27.91 50.89
N ALA D 197 -19.70 27.31 50.23
CA ALA D 197 -19.77 27.35 48.77
C ALA D 197 -20.15 28.76 48.34
N PRO D 198 -19.51 29.27 47.28
CA PRO D 198 -19.68 30.67 46.87
C PRO D 198 -21.14 31.09 46.68
N GLU D 199 -21.94 30.21 46.10
CA GLU D 199 -23.33 30.54 45.76
C GLU D 199 -24.23 30.81 46.97
N MET D 200 -23.76 30.45 48.15
CA MET D 200 -24.53 30.69 49.38
C MET D 200 -24.28 32.09 49.92
N LEU D 201 -23.41 32.83 49.25
CA LEU D 201 -23.09 34.19 49.69
C LEU D 201 -23.86 35.25 48.90
N SER D 202 -23.73 35.24 47.57
CA SER D 202 -24.54 36.11 46.71
C SER D 202 -24.48 37.58 47.09
N PRO D 209 -31.47 26.43 48.84
CA PRO D 209 -30.22 25.68 49.00
C PRO D 209 -30.34 24.21 48.59
N THR D 210 -29.26 23.64 48.06
CA THR D 210 -29.24 22.24 47.63
C THR D 210 -28.14 21.43 48.30
N TYR D 211 -28.01 20.17 47.89
CA TYR D 211 -27.00 19.24 48.44
C TYR D 211 -25.61 19.61 47.96
N THR D 212 -25.57 20.39 46.90
CA THR D 212 -24.34 20.76 46.24
C THR D 212 -23.36 21.47 47.18
N VAL D 213 -23.89 22.29 48.10
CA VAL D 213 -23.03 23.05 49.02
C VAL D 213 -22.34 22.11 49.99
N ASP D 214 -23.08 21.10 50.40
CA ASP D 214 -22.57 20.08 51.29
C ASP D 214 -21.48 19.34 50.56
N ILE D 215 -21.73 18.96 49.32
CA ILE D 215 -20.73 18.22 48.57
C ILE D 215 -19.50 19.08 48.29
N PHE D 216 -19.68 20.41 48.29
CA PHE D 216 -18.59 21.35 48.11
C PHE D 216 -17.67 21.32 49.33
N SER D 217 -18.23 21.66 50.49
CA SER D 217 -17.47 21.59 51.73
C SER D 217 -16.84 20.21 51.85
N ALA D 218 -17.58 19.20 51.42
CA ALA D 218 -17.13 17.83 51.42
C ALA D 218 -15.82 17.73 50.64
N GLY D 219 -15.80 18.23 49.41
CA GLY D 219 -14.59 18.18 48.62
C GLY D 219 -13.45 18.92 49.32
N CYS D 220 -13.79 20.04 49.95
CA CYS D 220 -12.79 20.78 50.70
C CYS D 220 -12.11 19.88 51.73
N VAL D 221 -12.93 19.23 52.58
CA VAL D 221 -12.37 18.35 53.59
C VAL D 221 -11.63 17.17 52.97
N PHE D 222 -12.13 16.66 51.84
CA PHE D 222 -11.46 15.61 51.07
C PHE D 222 -10.00 15.98 50.90
N TYR D 223 -9.77 17.09 50.22
CA TYR D 223 -8.39 17.52 50.00
C TYR D 223 -7.72 17.73 51.34
N TYR D 224 -8.46 18.26 52.31
CA TYR D 224 -7.88 18.56 53.63
C TYR D 224 -7.16 17.36 54.22
N VAL D 225 -7.92 16.30 54.46
CA VAL D 225 -7.35 15.08 55.01
C VAL D 225 -6.31 14.46 54.07
N ILE D 226 -6.63 14.35 52.77
CA ILE D 226 -5.71 13.68 51.83
C ILE D 226 -4.32 14.32 51.79
N SER D 227 -4.29 15.64 51.97
CA SER D 227 -3.06 16.40 51.90
C SER D 227 -2.30 16.37 53.22
N GLU D 228 -2.89 15.71 54.21
CA GLU D 228 -2.35 15.65 55.56
C GLU D 228 -2.12 17.02 56.18
N GLY D 229 -3.12 17.90 56.08
CA GLY D 229 -3.11 19.17 56.79
C GLY D 229 -3.00 20.41 55.93
N TYR D 230 -3.34 20.29 54.65
CA TYR D 230 -3.36 21.44 53.76
C TYR D 230 -4.78 21.72 53.29
N HIS D 231 -5.03 22.98 52.94
CA HIS D 231 -6.33 23.38 52.45
C HIS D 231 -6.22 23.68 50.96
N PRO D 232 -7.28 23.37 50.20
CA PRO D 232 -7.36 23.69 48.76
C PRO D 232 -7.57 25.18 48.42
N PHE D 233 -7.65 26.04 49.42
CA PHE D 233 -7.98 27.45 49.17
C PHE D 233 -7.19 28.64 49.78
N GLY D 234 -6.13 28.46 50.56
CA GLY D 234 -5.56 27.21 51.01
C GLY D 234 -4.91 27.50 52.33
N LYS D 235 -4.87 28.79 52.65
CA LYS D 235 -4.38 29.28 53.93
C LYS D 235 -5.47 30.13 54.59
N SER D 236 -5.45 30.17 55.91
CA SER D 236 -6.47 30.81 56.74
C SER D 236 -7.13 32.10 56.20
N LEU D 237 -6.38 33.20 56.20
CA LEU D 237 -6.94 34.52 55.92
C LEU D 237 -7.59 34.67 54.54
N GLN D 238 -7.05 33.98 53.54
CA GLN D 238 -7.45 34.20 52.16
C GLN D 238 -8.56 33.26 51.69
N ARG D 239 -8.89 32.28 52.52
CA ARG D 239 -9.71 31.16 52.06
C ARG D 239 -11.02 31.51 51.38
N GLN D 240 -11.94 32.12 52.13
CA GLN D 240 -13.28 32.36 51.59
C GLN D 240 -13.22 33.31 50.38
N ALA D 241 -12.31 34.26 50.45
CA ALA D 241 -12.03 35.13 49.33
C ALA D 241 -11.67 34.31 48.10
N ASN D 242 -10.75 33.36 48.29
CA ASN D 242 -10.27 32.51 47.21
C ASN D 242 -11.37 31.60 46.67
N ILE D 243 -12.25 31.17 47.57
CA ILE D 243 -13.40 30.37 47.19
C ILE D 243 -14.27 31.19 46.25
N LEU D 244 -14.43 32.48 46.53
CA LEU D 244 -15.23 33.32 45.63
C LEU D 244 -14.51 33.62 44.31
N LEU D 245 -13.18 33.74 44.39
CA LEU D 245 -12.40 33.94 43.17
C LEU D 245 -12.26 32.63 42.40
N GLY D 246 -11.96 31.54 43.11
CA GLY D 246 -11.82 30.24 42.48
C GLY D 246 -10.40 29.71 42.56
N ALA D 247 -9.57 30.38 43.35
CA ALA D 247 -8.17 29.98 43.52
C ALA D 247 -8.04 28.55 44.06
N CYS D 248 -7.26 27.72 43.37
CA CYS D 248 -7.03 26.35 43.80
C CYS D 248 -5.56 26.02 43.69
N ASN D 249 -5.03 25.39 44.72
CA ASN D 249 -3.65 24.92 44.64
C ASN D 249 -3.57 23.45 44.23
N LEU D 250 -3.87 22.55 45.16
CA LEU D 250 -3.75 21.12 44.91
C LEU D 250 -2.32 20.83 44.43
N ASP D 251 -1.38 21.57 45.01
CA ASP D 251 0.04 21.47 44.67
C ASP D 251 0.59 20.12 45.09
N CYS D 252 -0.18 19.41 45.89
CA CYS D 252 0.24 18.10 46.37
C CYS D 252 -0.31 16.99 45.50
N PHE D 253 -1.00 17.37 44.44
CA PHE D 253 -1.56 16.40 43.49
C PHE D 253 -0.82 16.40 42.16
N HIS D 254 0.23 15.58 42.09
CA HIS D 254 1.12 15.60 40.94
C HIS D 254 0.48 15.00 39.69
N SER D 255 1.23 15.01 38.59
CA SER D 255 0.74 14.50 37.32
C SER D 255 1.49 13.22 36.96
N ASP D 256 2.52 12.93 37.74
CA ASP D 256 3.33 11.73 37.52
C ASP D 256 3.07 10.64 38.55
N LYS D 257 2.16 10.91 39.49
CA LYS D 257 1.71 9.89 40.46
C LYS D 257 0.24 9.54 40.26
N HIS D 258 -0.01 8.25 40.08
CA HIS D 258 -1.33 7.70 39.84
C HIS D 258 -2.38 8.24 40.84
N GLU D 259 -2.14 7.98 42.11
CA GLU D 259 -3.07 8.31 43.19
C GLU D 259 -3.45 9.79 43.25
N ASP D 260 -2.48 10.66 43.02
CA ASP D 260 -2.72 12.11 43.04
C ASP D 260 -3.64 12.53 41.89
N VAL D 261 -3.41 11.95 40.72
CA VAL D 261 -4.26 12.19 39.56
C VAL D 261 -5.68 11.73 39.87
N ILE D 262 -5.78 10.49 40.36
CA ILE D 262 -7.06 9.87 40.70
C ILE D 262 -7.88 10.71 41.68
N ALA D 263 -7.29 11.05 42.83
CA ALA D 263 -7.95 11.89 43.81
C ALA D 263 -8.35 13.24 43.22
N ARG D 264 -7.41 13.88 42.53
CA ARG D 264 -7.66 15.18 41.93
C ARG D 264 -8.91 15.17 41.09
N GLU D 265 -9.07 14.14 40.27
CA GLU D 265 -10.24 14.06 39.40
C GLU D 265 -11.58 14.20 40.14
N LEU D 266 -11.65 13.64 41.34
CA LEU D 266 -12.88 13.72 42.13
C LEU D 266 -13.00 15.05 42.86
N ILE D 267 -11.96 15.36 43.62
CA ILE D 267 -11.89 16.59 44.40
C ILE D 267 -12.27 17.79 43.55
N GLU D 268 -11.75 17.85 42.34
CA GLU D 268 -11.93 19.01 41.47
C GLU D 268 -13.34 19.09 40.92
N LYS D 269 -14.09 18.00 41.06
CA LYS D 269 -15.46 17.96 40.58
C LYS D 269 -16.43 18.37 41.69
N MET D 270 -16.15 17.94 42.92
CA MET D 270 -17.06 18.27 44.02
C MET D 270 -16.94 19.72 44.49
N ILE D 271 -15.75 20.30 44.35
CA ILE D 271 -15.52 21.67 44.82
C ILE D 271 -15.72 22.70 43.71
N ALA D 272 -16.23 22.24 42.57
CA ALA D 272 -16.47 23.09 41.39
C ALA D 272 -17.37 24.29 41.68
N MET D 273 -16.96 25.46 41.20
CA MET D 273 -17.72 26.70 41.41
C MET D 273 -19.18 26.56 41.01
N ASP D 274 -19.46 25.78 39.97
CA ASP D 274 -20.83 25.55 39.53
C ASP D 274 -21.48 24.41 40.32
N PRO D 275 -22.61 24.72 40.99
CA PRO D 275 -23.43 23.71 41.68
C PRO D 275 -23.98 22.65 40.72
N GLN D 276 -24.27 23.08 39.49
CA GLN D 276 -24.76 22.17 38.47
C GLN D 276 -23.72 21.09 38.13
N GLN D 277 -22.46 21.38 38.43
CA GLN D 277 -21.36 20.48 38.11
C GLN D 277 -21.12 19.43 39.19
N ARG D 278 -21.42 19.79 40.43
CA ARG D 278 -21.14 18.93 41.57
C ARG D 278 -21.90 17.61 41.55
N PRO D 279 -21.19 16.49 41.83
CA PRO D 279 -21.75 15.14 41.73
C PRO D 279 -22.84 14.90 42.77
N SER D 280 -23.69 13.90 42.55
CA SER D 280 -24.62 13.51 43.60
C SER D 280 -23.80 12.95 44.76
N ALA D 281 -24.36 13.01 45.96
CA ALA D 281 -23.66 12.48 47.13
C ALA D 281 -23.32 11.02 46.92
N LYS D 282 -24.15 10.35 46.10
CA LYS D 282 -23.98 8.94 45.78
C LYS D 282 -23.00 8.70 44.61
N HIS D 283 -22.88 9.67 43.73
CA HIS D 283 -21.88 9.63 42.66
C HIS D 283 -20.49 9.50 43.28
N VAL D 284 -20.29 10.17 44.42
CA VAL D 284 -18.97 10.29 45.05
C VAL D 284 -18.45 9.00 45.63
N LEU D 285 -19.38 8.13 46.04
CA LEU D 285 -19.02 6.87 46.68
C LEU D 285 -18.32 5.90 45.70
N LYS D 286 -18.77 5.90 44.46
CA LYS D 286 -18.30 4.92 43.47
C LYS D 286 -16.88 5.21 42.94
N HIS D 287 -16.38 6.42 43.19
CA HIS D 287 -15.13 6.91 42.61
C HIS D 287 -13.92 6.00 42.81
N PRO D 288 -13.09 5.85 41.76
CA PRO D 288 -11.84 5.09 41.75
C PRO D 288 -10.86 5.51 42.84
N PHE D 289 -11.17 6.60 43.53
CA PHE D 289 -10.36 7.04 44.64
C PHE D 289 -10.51 6.03 45.78
N PHE D 290 -11.67 5.40 45.84
CA PHE D 290 -12.02 4.48 46.92
C PHE D 290 -11.66 3.03 46.61
N TRP D 291 -11.07 2.82 45.45
CA TRP D 291 -10.92 1.45 44.92
C TRP D 291 -9.81 0.61 45.55
N SER D 292 -10.15 -0.64 45.82
CA SER D 292 -9.17 -1.61 46.28
C SER D 292 -8.32 -2.02 45.10
N LEU D 293 -7.02 -2.17 45.35
CA LEU D 293 -6.06 -2.69 44.39
C LEU D 293 -6.63 -3.85 43.55
N GLU D 294 -7.22 -4.83 44.25
CA GLU D 294 -7.84 -5.98 43.61
C GLU D 294 -8.89 -5.54 42.60
N LYS D 295 -9.75 -4.62 43.02
CA LYS D 295 -10.87 -4.21 42.19
C LYS D 295 -10.39 -3.43 40.97
N GLN D 296 -9.38 -2.57 41.15
CA GLN D 296 -8.75 -1.89 40.02
C GLN D 296 -8.19 -2.88 38.99
N LEU D 297 -7.43 -3.86 39.47
CA LEU D 297 -6.90 -4.92 38.59
C LEU D 297 -8.00 -5.58 37.77
N GLN D 298 -8.95 -6.20 38.47
CA GLN D 298 -10.08 -6.89 37.83
C GLN D 298 -10.84 -6.02 36.83
N PHE D 299 -11.07 -4.75 37.19
CA PHE D 299 -11.82 -3.84 36.32
C PHE D 299 -11.05 -3.58 35.03
N PHE D 300 -9.78 -3.18 35.13
CA PHE D 300 -9.05 -2.93 33.88
C PHE D 300 -8.76 -4.23 33.09
N GLN D 301 -9.00 -5.38 33.73
CA GLN D 301 -9.06 -6.64 32.98
C GLN D 301 -10.33 -6.67 32.12
N ASP D 302 -11.48 -6.48 32.76
CA ASP D 302 -12.76 -6.48 32.05
C ASP D 302 -12.81 -5.47 30.88
N VAL D 303 -12.15 -4.34 31.05
CA VAL D 303 -12.12 -3.33 29.98
C VAL D 303 -11.57 -3.87 28.66
N SER D 304 -10.30 -4.24 28.64
CA SER D 304 -9.74 -4.73 27.39
C SER D 304 -10.19 -6.15 27.07
N ASP D 305 -10.89 -6.79 28.01
CA ASP D 305 -11.68 -7.96 27.68
C ASP D 305 -12.72 -7.54 26.66
N ARG D 306 -13.34 -6.39 26.92
CA ARG D 306 -14.35 -5.85 25.99
C ARG D 306 -13.77 -5.21 24.72
N ILE D 307 -12.51 -4.77 24.75
CA ILE D 307 -11.95 -4.19 23.52
C ILE D 307 -11.47 -5.23 22.49
N GLU D 308 -11.11 -6.41 22.98
CA GLU D 308 -10.58 -7.45 22.10
C GLU D 308 -11.67 -7.99 21.19
N LYS D 309 -11.30 -8.35 19.96
CA LYS D 309 -12.24 -8.70 18.90
C LYS D 309 -13.14 -7.52 18.54
N GLU D 310 -12.58 -6.31 18.63
CA GLU D 310 -13.30 -5.11 18.22
C GLU D 310 -12.42 -4.19 17.36
N ALA D 311 -13.03 -3.60 16.34
CA ALA D 311 -12.32 -2.86 15.29
C ALA D 311 -11.72 -1.54 15.75
N LEU D 312 -10.55 -1.22 15.21
CA LEU D 312 -9.80 -0.03 15.63
C LEU D 312 -10.45 1.27 15.17
N ASP D 313 -11.34 1.16 14.18
CA ASP D 313 -12.02 2.33 13.66
C ASP D 313 -13.20 2.73 14.54
N GLY D 314 -13.56 1.86 15.48
CA GLY D 314 -14.64 2.12 16.41
C GLY D 314 -14.38 3.34 17.28
N PRO D 315 -15.43 3.90 17.90
CA PRO D 315 -15.27 5.09 18.74
C PRO D 315 -14.43 4.81 19.98
N ILE D 316 -14.60 3.61 20.53
CA ILE D 316 -13.90 3.20 21.75
C ILE D 316 -12.38 3.17 21.58
N VAL D 317 -11.92 2.67 20.44
CA VAL D 317 -10.50 2.51 20.17
C VAL D 317 -9.80 3.85 19.95
N ARG D 318 -10.35 4.63 19.02
CA ARG D 318 -9.86 5.98 18.74
C ARG D 318 -9.91 6.86 20.00
N GLN D 319 -10.95 6.69 20.82
CA GLN D 319 -11.05 7.44 22.07
C GLN D 319 -10.01 6.96 23.10
N LEU D 320 -9.70 5.67 23.08
CA LEU D 320 -8.73 5.10 24.00
C LEU D 320 -7.29 5.49 23.65
N GLU D 321 -7.10 5.97 22.42
CA GLU D 321 -5.77 6.35 21.96
C GLU D 321 -5.60 7.88 21.88
N ARG D 322 -6.61 8.62 22.34
CA ARG D 322 -6.55 10.09 22.31
C ARG D 322 -5.35 10.64 23.08
N GLY D 323 -5.12 10.10 24.28
CA GLY D 323 -3.91 10.38 25.03
C GLY D 323 -2.82 9.41 24.61
N GLY D 324 -3.24 8.17 24.35
CA GLY D 324 -2.39 7.16 23.73
C GLY D 324 -0.95 7.06 24.20
N ARG D 325 -0.05 7.73 23.48
CA ARG D 325 1.37 7.60 23.73
C ARG D 325 1.81 8.29 25.03
N ALA D 326 1.22 9.44 25.32
CA ALA D 326 1.60 10.22 26.50
C ALA D 326 1.50 9.37 27.77
N VAL D 327 0.38 8.66 27.90
CA VAL D 327 0.12 7.89 29.13
C VAL D 327 1.07 6.71 29.28
N VAL D 328 1.43 6.10 28.16
CA VAL D 328 2.32 4.94 28.21
C VAL D 328 3.79 5.36 28.20
N LYS D 329 4.03 6.65 28.41
CA LYS D 329 5.38 7.22 28.37
C LYS D 329 6.07 6.92 27.03
N MET D 330 5.48 7.45 25.97
CA MET D 330 5.90 7.14 24.60
C MET D 330 5.83 5.65 24.27
N ASP D 331 6.79 4.88 24.75
CA ASP D 331 6.79 3.44 24.49
C ASP D 331 6.93 2.61 25.77
N TRP D 332 5.81 2.02 26.20
CA TRP D 332 5.73 1.33 27.49
C TRP D 332 6.72 0.18 27.62
N ARG D 333 7.13 -0.37 26.47
CA ARG D 333 8.17 -1.41 26.43
C ARG D 333 9.46 -0.93 27.07
N GLU D 334 9.63 0.38 27.11
CA GLU D 334 10.86 0.99 27.59
C GLU D 334 10.73 1.40 29.05
N ASN D 335 9.48 1.52 29.52
CA ASN D 335 9.24 1.92 30.91
C ASN D 335 8.68 0.80 31.80
N ILE D 336 9.01 -0.43 31.46
CA ILE D 336 8.72 -1.56 32.33
C ILE D 336 10.04 -2.13 32.81
N THR D 337 9.99 -3.13 33.68
CA THR D 337 11.21 -3.83 34.09
C THR D 337 11.79 -4.59 32.92
N VAL D 338 13.12 -4.65 32.86
CA VAL D 338 13.82 -5.38 31.79
C VAL D 338 13.41 -6.87 31.59
N PRO D 339 13.31 -7.66 32.69
CA PRO D 339 12.90 -9.06 32.54
C PRO D 339 11.54 -9.19 31.85
N LEU D 340 10.65 -8.26 32.17
CA LEU D 340 9.31 -8.28 31.60
C LEU D 340 9.32 -8.08 30.09
N GLN D 341 10.18 -7.19 29.59
CA GLN D 341 10.23 -6.94 28.15
C GLN D 341 10.95 -8.08 27.40
N THR D 342 11.98 -8.64 28.03
CA THR D 342 12.58 -9.85 27.46
C THR D 342 11.56 -11.00 27.35
N ASP D 343 10.75 -11.19 28.39
CA ASP D 343 9.65 -12.16 28.31
C ASP D 343 8.61 -11.75 27.26
N LEU D 344 8.42 -10.43 27.12
CA LEU D 344 7.40 -9.90 26.23
C LEU D 344 7.75 -10.17 24.77
N ARG D 345 9.04 -10.28 24.49
CA ARG D 345 9.50 -10.56 23.12
C ARG D 345 8.76 -11.71 22.41
N LYS D 346 8.40 -12.73 23.17
CA LYS D 346 7.83 -13.98 22.63
C LYS D 346 6.57 -13.88 21.76
N PHE D 347 5.47 -13.37 22.33
CA PHE D 347 4.19 -13.39 21.62
C PHE D 347 3.84 -12.17 20.76
N ARG D 348 4.08 -10.97 21.29
CA ARG D 348 3.69 -9.71 20.63
C ARG D 348 4.23 -9.56 19.21
N THR D 349 3.52 -8.89 18.28
CA THR D 349 2.10 -8.42 18.34
C THR D 349 1.57 -7.45 19.41
N TYR D 350 2.43 -6.61 19.98
CA TYR D 350 2.00 -5.51 20.84
C TYR D 350 2.70 -4.24 20.35
N LYS D 351 1.92 -3.30 19.85
CA LYS D 351 2.45 -2.07 19.25
C LYS D 351 3.46 -1.35 20.14
N GLY D 352 3.04 -1.00 21.35
CA GLY D 352 3.88 -0.22 22.25
C GLY D 352 3.43 1.23 22.34
N GLY D 353 2.86 1.75 21.25
CA GLY D 353 2.32 3.09 21.24
C GLY D 353 0.82 3.04 21.36
N SER D 354 0.30 1.82 21.45
CA SER D 354 -1.11 1.58 21.66
C SER D 354 -1.33 1.21 23.11
N VAL D 355 -2.20 1.95 23.78
CA VAL D 355 -2.55 1.68 25.16
C VAL D 355 -3.19 0.30 25.27
N ARG D 356 -4.02 -0.03 24.29
CA ARG D 356 -4.78 -1.27 24.30
C ARG D 356 -3.86 -2.48 24.20
N ASP D 357 -2.71 -2.31 23.56
CA ASP D 357 -1.77 -3.41 23.43
C ASP D 357 -1.00 -3.57 24.72
N LEU D 358 -0.78 -2.46 25.42
CA LEU D 358 -0.28 -2.53 26.77
C LEU D 358 -1.28 -3.28 27.65
N LEU D 359 -2.58 -3.03 27.42
CA LEU D 359 -3.62 -3.62 28.26
C LEU D 359 -3.80 -5.11 27.98
N ARG D 360 -3.64 -5.48 26.71
CA ARG D 360 -3.68 -6.86 26.26
C ARG D 360 -2.48 -7.58 26.86
N ALA D 361 -1.36 -6.87 26.95
CA ALA D 361 -0.19 -7.38 27.68
C ALA D 361 -0.55 -7.60 29.13
N MET D 362 -1.37 -6.72 29.69
CA MET D 362 -1.80 -6.86 31.09
C MET D 362 -2.69 -8.09 31.37
N ARG D 363 -3.68 -8.36 30.51
CA ARG D 363 -4.51 -9.56 30.71
C ARG D 363 -3.76 -10.85 30.35
N ASN D 364 -2.89 -10.77 29.33
CA ASN D 364 -1.99 -11.87 28.99
C ASN D 364 -1.15 -12.26 30.20
N LYS D 365 -0.50 -11.27 30.83
CA LYS D 365 0.26 -11.52 32.06
C LYS D 365 -0.63 -11.83 33.26
N LYS D 366 -1.93 -11.57 33.14
CA LYS D 366 -2.84 -11.81 34.27
C LYS D 366 -3.43 -13.22 34.34
N HIS D 367 -4.19 -13.61 33.33
CA HIS D 367 -4.85 -14.91 33.37
C HIS D 367 -3.84 -16.04 33.11
N HIS D 368 -2.74 -15.70 32.45
CA HIS D 368 -1.65 -16.64 32.23
C HIS D 368 -0.52 -16.44 33.24
N TYR D 369 -0.85 -15.93 34.44
CA TYR D 369 0.17 -15.62 35.45
C TYR D 369 0.75 -16.87 36.14
N ARG D 370 0.26 -18.05 35.78
CA ARG D 370 0.71 -19.26 36.44
C ARG D 370 1.89 -19.94 35.75
N GLU D 371 1.84 -20.04 34.42
CA GLU D 371 2.84 -20.80 33.67
C GLU D 371 4.09 -19.98 33.28
N LEU D 372 4.21 -18.78 33.85
CA LEU D 372 5.34 -17.90 33.58
C LEU D 372 6.66 -18.37 34.21
N PRO D 373 7.79 -17.87 33.69
CA PRO D 373 9.10 -18.09 34.31
C PRO D 373 9.19 -17.47 35.72
N VAL D 374 10.27 -17.77 36.45
CA VAL D 374 10.42 -17.32 37.82
C VAL D 374 10.80 -15.84 37.93
N GLU D 375 11.57 -15.36 36.94
CA GLU D 375 11.99 -13.96 36.90
C GLU D 375 10.80 -13.01 36.72
N VAL D 376 9.91 -13.38 35.80
CA VAL D 376 8.66 -12.67 35.58
C VAL D 376 7.84 -12.67 36.87
N GLN D 377 7.81 -13.82 37.54
CA GLN D 377 7.11 -13.99 38.81
C GLN D 377 7.62 -13.05 39.90
N GLU D 378 8.94 -12.90 39.96
CA GLU D 378 9.60 -12.14 41.01
C GLU D 378 9.57 -10.65 40.74
N THR D 379 9.43 -10.27 39.47
CA THR D 379 9.38 -8.86 39.13
C THR D 379 7.93 -8.31 39.13
N LEU D 380 6.97 -9.20 38.87
CA LEU D 380 5.55 -8.82 38.89
C LEU D 380 4.92 -8.88 40.28
N GLY D 381 5.26 -9.93 41.03
CA GLY D 381 4.60 -10.24 42.29
C GLY D 381 4.58 -9.16 43.37
N SER D 382 3.61 -9.26 44.28
CA SER D 382 2.62 -10.33 44.24
C SER D 382 1.18 -9.82 44.11
N ILE D 383 0.40 -10.51 43.27
CA ILE D 383 -0.97 -10.10 42.95
C ILE D 383 -1.90 -10.11 44.18
N PRO D 384 -3.00 -9.31 44.14
CA PRO D 384 -3.28 -8.27 43.14
C PRO D 384 -2.47 -7.00 43.41
N ASP D 385 -2.42 -6.60 44.69
CA ASP D 385 -1.76 -5.37 45.15
C ASP D 385 -0.50 -4.92 44.39
N ASP D 386 0.61 -5.61 44.62
CA ASP D 386 1.89 -5.20 44.04
C ASP D 386 1.95 -5.38 42.52
N PHE D 387 1.09 -6.25 41.99
CA PHE D 387 1.00 -6.45 40.55
C PHE D 387 0.42 -5.21 39.90
N VAL D 388 -0.68 -4.70 40.45
CA VAL D 388 -1.26 -3.46 39.93
C VAL D 388 -0.31 -2.29 40.19
N ARG D 389 0.36 -2.33 41.35
CA ARG D 389 1.38 -1.32 41.64
C ARG D 389 2.47 -1.31 40.56
N TYR D 390 2.79 -2.47 40.01
CA TYR D 390 3.85 -2.56 39.02
C TYR D 390 3.58 -1.74 37.77
N PHE D 391 2.31 -1.72 37.36
CA PHE D 391 1.91 -0.99 36.17
C PHE D 391 1.61 0.46 36.48
N THR D 392 0.97 0.71 37.62
CA THR D 392 0.53 2.05 37.93
C THR D 392 1.65 2.96 38.48
N SER D 393 2.65 2.36 39.09
CA SER D 393 3.79 3.11 39.63
C SER D 393 4.59 3.78 38.52
N ARG D 394 4.62 3.13 37.36
CA ARG D 394 5.41 3.58 36.22
C ARG D 394 4.53 4.24 35.17
N PHE D 395 3.23 3.96 35.23
CA PHE D 395 2.26 4.53 34.31
C PHE D 395 1.12 5.10 35.12
N PRO D 396 1.20 6.40 35.45
CA PRO D 396 0.35 7.09 36.42
C PRO D 396 -1.02 7.39 35.85
N HIS D 397 -1.04 7.92 34.64
CA HIS D 397 -2.28 8.29 34.01
C HIS D 397 -3.05 7.07 33.53
N LEU D 398 -2.48 5.88 33.71
CA LEU D 398 -3.06 4.66 33.15
C LEU D 398 -4.52 4.46 33.55
N LEU D 399 -4.75 4.25 34.85
CA LEU D 399 -6.10 4.00 35.35
C LEU D 399 -7.06 5.14 35.01
N SER D 400 -6.58 6.35 35.20
CA SER D 400 -7.38 7.55 35.02
C SER D 400 -7.75 7.76 33.56
N HIS D 401 -6.81 7.50 32.67
CA HIS D 401 -7.02 7.75 31.25
C HIS D 401 -7.87 6.66 30.63
N THR D 402 -7.56 5.42 30.96
CA THR D 402 -8.38 4.30 30.55
C THR D 402 -9.81 4.50 31.05
N TYR D 403 -9.94 4.99 32.28
CA TYR D 403 -11.24 5.24 32.86
C TYR D 403 -11.96 6.36 32.14
N GLN D 404 -11.24 7.44 31.82
CA GLN D 404 -11.86 8.60 31.20
C GLN D 404 -12.15 8.40 29.72
N ALA D 405 -11.60 7.33 29.15
CA ALA D 405 -11.84 7.03 27.76
C ALA D 405 -12.94 5.99 27.62
N MET D 406 -13.36 5.42 28.76
CA MET D 406 -14.26 4.28 28.74
C MET D 406 -15.65 4.56 29.28
N GLU D 407 -16.00 5.84 29.41
CA GLU D 407 -17.36 6.21 29.79
C GLU D 407 -18.35 5.93 28.65
N LEU D 408 -17.82 5.68 27.45
CA LEU D 408 -18.65 5.47 26.27
C LEU D 408 -19.61 4.33 26.50
N CYS D 409 -19.12 3.30 27.20
CA CYS D 409 -19.97 2.20 27.63
C CYS D 409 -20.38 2.50 29.07
N ARG D 410 -21.52 3.17 29.21
CA ARG D 410 -22.04 3.55 30.52
C ARG D 410 -23.42 2.95 30.76
N HIS D 411 -23.97 2.28 29.76
CA HIS D 411 -25.33 1.77 29.87
C HIS D 411 -25.48 0.27 30.13
N GLU D 412 -24.59 -0.56 29.59
CA GLU D 412 -24.71 -2.02 29.76
C GLU D 412 -24.51 -2.47 31.21
N ARG D 413 -24.81 -3.75 31.48
CA ARG D 413 -25.13 -4.19 32.83
C ARG D 413 -23.97 -4.49 33.79
N LEU D 414 -22.79 -4.80 33.27
CA LEU D 414 -21.68 -5.21 34.14
C LEU D 414 -20.97 -4.03 34.78
N PHE D 415 -20.69 -2.98 34.02
CA PHE D 415 -19.94 -1.83 34.53
C PHE D 415 -20.81 -0.80 35.28
N GLN D 416 -21.96 -1.24 35.78
CA GLN D 416 -22.83 -0.38 36.59
C GLN D 416 -22.18 -0.15 37.95
N THR D 417 -21.17 -0.96 38.26
CA THR D 417 -20.42 -0.84 39.52
C THR D 417 -19.39 0.29 39.45
N TYR D 418 -19.16 0.81 38.25
CA TYR D 418 -18.19 1.89 38.07
C TYR D 418 -18.91 3.24 37.97
N TYR D 419 -20.09 3.23 37.34
CA TYR D 419 -20.78 4.46 36.96
C TYR D 419 -22.06 4.71 37.73
N TRP D 420 -22.49 5.97 37.77
CA TRP D 420 -23.76 6.36 38.36
C TRP D 420 -24.67 6.94 37.29
N HIS D 421 -25.97 6.96 37.55
CA HIS D 421 -26.94 7.48 36.58
C HIS D 421 -27.77 8.62 37.16
#